data_7XPF
#
_entry.id   7XPF
#
_cell.length_a   1.00
_cell.length_b   1.00
_cell.length_c   1.00
_cell.angle_alpha   90.00
_cell.angle_beta   90.00
_cell.angle_gamma   90.00
#
_symmetry.space_group_name_H-M   'P 1'
#
_entity_poly.entity_id   1
_entity_poly.type   'polypeptide(L)'
_entity_poly.pdbx_seq_one_letter_code
;MNPPTTTTTTTRTIRAPKVQLTPNSATRRRRNRRRRRPAAAIAGPLSIQPSSINRRMVSRVTRRSAVVTAAGLAWLRQYL
NPMGPDTTSVTGYPDGSAVTTCIADYSNTFNVSFPPREALYCTGSSSSEKPTLVDADNYAKIDKWSNYDITLCVLALPML
RNVVMLRLYPHTPTAFALTEQTPNFPQRFPNWSVYSADGTRFNNGDEPGYLQSYVYLPNVDKHLSAARGYRLLSRGITGI
FSAPALETQGFVTACQYLAEGSIQSQSIKSDAVRSVTVNSDGTVKNVESSSQTVSSMPRYVFPLDGDNCAPSSLTETYHQ
AYQSKATDGFYMPVLSSSRDNPFHPPQPRAIAVYGSFLARGCLDPVSEAHEADGPTHDIYRLNVADDVAPLFNTGVVWFE
GISPKFSLKLKTRTVLQYIPTSGSVLANFTRHEPTYDQIALDAADRLRNLMPHAYPAAYNDWGWLGDLLDSAISMLPGVG
TVYNIAKPLIKPAWNWLGNKVSDFFGNPVARDGDIFFDAK
;
_entity_poly.pdbx_strand_id   A,B,C
#
# COMPACT_ATOMS: atom_id res chain seq x y z
N ALA A 66 5.14 14.66 -28.57
CA ALA A 66 5.09 13.72 -29.69
C ALA A 66 6.48 13.19 -30.02
N VAL A 67 7.51 13.83 -29.45
CA VAL A 67 8.89 13.43 -29.64
C VAL A 67 9.63 13.57 -28.32
N VAL A 68 10.55 12.64 -28.06
CA VAL A 68 11.29 12.65 -26.81
C VAL A 68 12.20 13.87 -26.77
N THR A 69 12.17 14.59 -25.65
CA THR A 69 12.99 15.77 -25.49
C THR A 69 14.44 15.39 -25.17
N ALA A 70 15.30 16.40 -25.08
CA ALA A 70 16.70 16.14 -24.74
C ALA A 70 16.85 15.74 -23.28
N ALA A 71 16.10 16.40 -22.39
CA ALA A 71 16.18 16.07 -20.97
C ALA A 71 15.68 14.65 -20.71
N GLY A 72 14.60 14.24 -21.38
CA GLY A 72 14.12 12.89 -21.23
C GLY A 72 15.14 11.86 -21.69
N LEU A 73 15.79 12.13 -22.82
CA LEU A 73 16.82 11.22 -23.30
C LEU A 73 17.99 11.15 -22.34
N ALA A 74 18.40 12.29 -21.78
CA ALA A 74 19.50 12.29 -20.83
C ALA A 74 19.14 11.49 -19.58
N TRP A 75 17.92 11.67 -19.07
CA TRP A 75 17.50 10.91 -17.91
C TRP A 75 17.46 9.43 -18.22
N LEU A 76 16.96 9.06 -19.40
CA LEU A 76 16.90 7.65 -19.76
C LEU A 76 18.29 7.05 -19.85
N ARG A 77 19.23 7.77 -20.44
CA ARG A 77 20.59 7.28 -20.55
C ARG A 77 21.25 7.12 -19.19
N GLN A 78 21.05 8.08 -18.29
CA GLN A 78 21.63 7.95 -16.96
C GLN A 78 20.92 6.91 -16.11
N TYR A 79 19.67 6.61 -16.41
CA TYR A 79 18.93 5.60 -15.67
C TYR A 79 19.31 4.20 -16.12
N LEU A 80 19.52 4.00 -17.42
CA LEU A 80 19.89 2.69 -17.94
C LEU A 80 21.38 2.43 -17.89
N ASN A 81 22.20 3.47 -17.98
CA ASN A 81 23.66 3.33 -17.97
C ASN A 81 24.24 4.33 -16.99
N PRO A 82 24.08 4.10 -15.69
CA PRO A 82 24.56 5.08 -14.71
C PRO A 82 26.06 5.33 -14.78
N MET A 83 26.86 4.30 -15.04
CA MET A 83 28.31 4.43 -15.03
C MET A 83 28.91 4.46 -16.42
N GLY A 84 28.11 4.83 -17.42
CA GLY A 84 28.63 5.04 -18.75
C GLY A 84 29.55 6.23 -18.79
N PRO A 85 30.56 6.20 -19.66
CA PRO A 85 31.52 7.32 -19.74
C PRO A 85 30.89 8.63 -20.15
N ASP A 86 29.86 8.60 -20.99
CA ASP A 86 29.22 9.82 -21.47
C ASP A 86 28.35 10.49 -20.42
N THR A 87 27.95 9.77 -19.37
CA THR A 87 27.06 10.32 -18.35
C THR A 87 27.87 11.25 -17.46
N THR A 88 28.05 12.47 -17.93
CA THR A 88 28.71 13.52 -17.17
C THR A 88 27.71 14.47 -16.50
N SER A 89 26.81 15.04 -17.29
CA SER A 89 25.76 15.88 -16.73
C SER A 89 24.76 15.02 -15.97
N VAL A 90 24.09 15.65 -15.00
CA VAL A 90 23.13 14.97 -14.14
C VAL A 90 21.77 15.63 -14.34
N THR A 91 20.74 14.81 -14.57
CA THR A 91 19.41 15.30 -14.88
C THR A 91 18.37 14.61 -14.00
N GLY A 92 17.28 15.33 -13.74
CA GLY A 92 16.26 14.85 -12.83
C GLY A 92 15.20 14.01 -13.50
N TYR A 93 14.26 13.55 -12.69
CA TYR A 93 13.17 12.74 -13.18
C TYR A 93 12.24 13.58 -14.06
N PRO A 94 11.90 13.13 -15.25
CA PRO A 94 11.06 13.94 -16.16
C PRO A 94 9.58 13.83 -15.84
N ASP A 95 9.18 14.47 -14.73
CA ASP A 95 7.77 14.52 -14.37
C ASP A 95 7.26 15.94 -14.17
N GLY A 96 8.10 16.96 -14.31
CA GLY A 96 7.66 18.33 -14.16
C GLY A 96 7.11 18.64 -12.79
N SER A 97 7.83 18.22 -11.75
CA SER A 97 7.31 18.32 -10.39
C SER A 97 7.07 19.76 -9.95
N ALA A 98 7.73 20.73 -10.59
CA ALA A 98 7.59 22.14 -10.24
C ALA A 98 7.97 22.39 -8.78
N VAL A 99 9.03 21.73 -8.33
CA VAL A 99 9.57 21.92 -6.99
C VAL A 99 11.04 22.25 -7.11
N THR A 100 11.56 22.98 -6.13
CA THR A 100 12.98 23.26 -6.07
C THR A 100 13.73 21.99 -5.68
N THR A 101 14.60 21.52 -6.54
CA THR A 101 15.27 20.24 -6.34
C THR A 101 16.78 20.41 -6.45
N CYS A 102 17.50 19.50 -5.78
CA CYS A 102 18.95 19.44 -5.86
C CYS A 102 19.34 17.99 -6.09
N ILE A 103 20.05 17.71 -7.17
CA ILE A 103 20.40 16.35 -7.55
C ILE A 103 21.82 16.07 -7.10
N ALA A 104 22.00 15.00 -6.33
CA ALA A 104 23.29 14.64 -5.78
C ALA A 104 23.76 13.34 -6.40
N ASP A 105 25.03 13.32 -6.81
CA ASP A 105 25.66 12.15 -7.40
C ASP A 105 26.79 11.69 -6.48
N TYR A 106 26.70 10.47 -5.99
CA TYR A 106 27.69 9.90 -5.10
C TYR A 106 28.42 8.79 -5.84
N SER A 107 29.72 8.99 -6.07
CA SER A 107 30.58 7.99 -6.69
C SER A 107 31.57 7.53 -5.64
N ASN A 108 31.60 6.22 -5.38
CA ASN A 108 32.44 5.67 -4.34
C ASN A 108 33.19 4.45 -4.86
N THR A 109 34.41 4.27 -4.35
CA THR A 109 35.27 3.18 -4.75
C THR A 109 35.81 2.48 -3.52
N PHE A 110 35.78 1.15 -3.53
CA PHE A 110 36.25 0.35 -2.41
C PHE A 110 37.07 -0.81 -2.95
N ASN A 111 38.16 -1.12 -2.27
CA ASN A 111 39.02 -2.24 -2.64
C ASN A 111 38.84 -3.33 -1.60
N VAL A 112 38.07 -4.36 -1.98
CA VAL A 112 37.74 -5.46 -1.08
C VAL A 112 38.62 -6.65 -1.44
N SER A 113 39.31 -7.20 -0.44
CA SER A 113 40.08 -8.41 -0.57
C SER A 113 39.85 -9.25 0.67
N PHE A 114 40.67 -10.25 0.87
CA PHE A 114 40.52 -11.09 2.06
C PHE A 114 40.91 -10.28 3.28
N PRO A 115 40.01 -10.09 4.25
CA PRO A 115 40.31 -9.20 5.36
C PRO A 115 41.38 -9.77 6.26
N PRO A 116 42.19 -8.94 6.89
CA PRO A 116 43.10 -9.41 7.93
C PRO A 116 42.37 -9.57 9.25
N ARG A 117 43.09 -10.13 10.23
CA ARG A 117 42.48 -10.42 11.52
C ARG A 117 42.07 -9.15 12.25
N GLU A 118 42.75 -8.03 11.98
CA GLU A 118 42.50 -6.82 12.75
C GLU A 118 41.12 -6.24 12.47
N ALA A 119 40.55 -6.53 11.31
CA ALA A 119 39.27 -5.97 10.88
C ALA A 119 38.16 -7.01 10.90
N LEU A 120 38.18 -7.90 11.89
CA LEU A 120 37.24 -9.00 11.96
C LEU A 120 36.67 -9.05 13.36
N TYR A 121 35.35 -8.90 13.49
CA TYR A 121 34.68 -8.84 14.77
C TYR A 121 33.64 -9.95 14.90
N CYS A 122 33.20 -10.18 16.14
CA CYS A 122 32.26 -11.24 16.45
C CYS A 122 30.87 -10.66 16.70
N THR A 123 29.86 -11.33 16.18
CA THR A 123 28.47 -10.90 16.32
C THR A 123 27.73 -11.60 17.45
N GLY A 124 28.36 -12.56 18.11
CA GLY A 124 27.66 -13.36 19.09
C GLY A 124 27.36 -12.57 20.35
N SER A 125 26.84 -13.30 21.35
CA SER A 125 26.53 -12.71 22.64
C SER A 125 27.77 -12.25 23.39
N SER A 126 28.96 -12.64 22.95
CA SER A 126 30.18 -12.16 23.57
C SER A 126 30.27 -10.64 23.47
N SER A 127 29.98 -10.10 22.29
CA SER A 127 29.97 -8.65 22.10
C SER A 127 28.58 -8.07 22.30
N SER A 128 27.95 -8.42 23.43
CA SER A 128 26.58 -7.96 23.68
C SER A 128 26.57 -6.56 24.29
N GLU A 129 27.11 -6.42 25.50
CA GLU A 129 27.21 -5.11 26.13
C GLU A 129 28.54 -4.45 25.80
N LYS A 130 29.63 -5.17 26.00
CA LYS A 130 30.93 -4.68 25.54
C LYS A 130 30.88 -4.46 24.04
N PRO A 131 31.54 -3.42 23.53
CA PRO A 131 31.51 -3.18 22.08
C PRO A 131 32.20 -4.28 21.29
N THR A 132 32.27 -4.07 19.97
CA THR A 132 32.84 -5.02 19.03
C THR A 132 34.12 -5.64 19.56
N LEU A 133 34.22 -6.97 19.46
CA LEU A 133 35.38 -7.73 19.89
C LEU A 133 36.03 -8.37 18.68
N VAL A 134 37.35 -8.16 18.51
CA VAL A 134 38.06 -8.85 17.46
C VAL A 134 38.12 -10.34 17.77
N ASP A 135 38.46 -11.11 16.73
CA ASP A 135 38.57 -12.56 16.90
C ASP A 135 39.76 -12.89 17.78
N ALA A 136 39.55 -13.74 18.78
CA ALA A 136 40.62 -14.14 19.70
C ALA A 136 41.52 -15.19 19.05
N ASP A 137 42.10 -14.78 17.92
CA ASP A 137 42.97 -15.62 17.12
C ASP A 137 42.31 -16.95 16.77
N ASN A 138 41.02 -16.89 16.46
CA ASN A 138 40.38 -17.93 15.68
C ASN A 138 40.63 -17.73 14.20
N TYR A 139 41.51 -16.79 13.86
CA TYR A 139 41.84 -16.47 12.49
C TYR A 139 42.53 -17.61 11.76
N ALA A 140 42.99 -18.63 12.50
CA ALA A 140 43.59 -19.79 11.84
C ALA A 140 42.59 -20.52 10.97
N LYS A 141 41.34 -20.62 11.41
CA LYS A 141 40.31 -21.25 10.59
C LYS A 141 40.02 -20.45 9.33
N ILE A 142 40.02 -19.11 9.43
CA ILE A 142 39.82 -18.30 8.24
C ILE A 142 41.02 -18.37 7.31
N ASP A 143 42.23 -18.54 7.86
CA ASP A 143 43.38 -18.83 7.02
C ASP A 143 43.18 -20.16 6.29
N LYS A 144 42.66 -21.16 7.00
CA LYS A 144 42.32 -22.42 6.34
C LYS A 144 41.33 -22.21 5.21
N TRP A 145 40.38 -21.28 5.40
CA TRP A 145 39.55 -20.85 4.28
C TRP A 145 40.42 -20.36 3.14
N SER A 146 41.39 -19.51 3.46
CA SER A 146 42.28 -18.93 2.46
C SER A 146 43.15 -19.97 1.77
N ASN A 147 43.21 -21.19 2.31
CA ASN A 147 43.96 -22.25 1.62
C ASN A 147 43.35 -22.57 0.26
N TYR A 148 42.01 -22.67 0.19
CA TYR A 148 41.33 -23.07 -1.03
C TYR A 148 40.53 -21.90 -1.61
N ASP A 149 39.79 -22.20 -2.68
CA ASP A 149 38.97 -21.19 -3.32
C ASP A 149 37.76 -20.84 -2.46
N ILE A 150 37.26 -19.62 -2.64
CA ILE A 150 36.22 -19.06 -1.80
C ILE A 150 35.08 -18.57 -2.68
N THR A 151 34.05 -18.03 -2.03
CA THR A 151 32.90 -17.47 -2.71
C THR A 151 32.61 -16.09 -2.13
N LEU A 152 32.22 -15.15 -2.99
CA LEU A 152 31.97 -13.78 -2.57
C LEU A 152 30.62 -13.34 -3.11
N CYS A 153 29.68 -13.08 -2.21
CA CYS A 153 28.36 -12.59 -2.59
C CYS A 153 28.26 -11.10 -2.29
N VAL A 154 27.65 -10.36 -3.21
CA VAL A 154 27.29 -8.98 -2.96
C VAL A 154 25.78 -8.86 -3.17
N LEU A 155 25.12 -8.19 -2.23
CA LEU A 155 23.68 -8.07 -2.22
C LEU A 155 23.32 -6.59 -2.13
N ALA A 156 22.74 -6.05 -3.20
CA ALA A 156 22.38 -4.64 -3.27
C ALA A 156 20.88 -4.54 -3.03
N LEU A 157 20.52 -4.29 -1.78
CA LEU A 157 19.16 -3.94 -1.43
C LEU A 157 18.92 -2.47 -1.75
N PRO A 158 17.66 -2.06 -1.87
CA PRO A 158 17.38 -0.68 -2.28
C PRO A 158 17.62 0.36 -1.19
N MET A 159 18.31 -0.01 -0.12
CA MET A 159 18.65 0.96 0.91
C MET A 159 19.56 2.04 0.34
N LEU A 160 19.33 3.28 0.76
CA LEU A 160 20.07 4.40 0.18
C LEU A 160 21.51 4.42 0.66
N ARG A 161 21.71 4.61 1.96
CA ARG A 161 23.01 4.27 2.53
C ARG A 161 23.09 2.76 2.66
N ASN A 162 24.24 2.25 3.09
CA ASN A 162 24.50 0.81 3.05
C ASN A 162 24.18 0.26 1.67
N VAL A 163 24.92 0.76 0.69
CA VAL A 163 24.56 0.52 -0.72
C VAL A 163 24.57 -0.97 -1.04
N VAL A 164 25.60 -1.70 -0.58
CA VAL A 164 25.68 -3.13 -0.80
C VAL A 164 26.08 -3.83 0.50
N MET A 165 25.81 -5.13 0.53
CA MET A 165 26.26 -6.02 1.59
C MET A 165 27.22 -7.03 0.99
N LEU A 166 28.44 -7.05 1.50
CA LEU A 166 29.44 -8.02 1.07
C LEU A 166 29.44 -9.20 2.01
N ARG A 167 29.69 -10.38 1.45
CA ARG A 167 29.69 -11.61 2.23
C ARG A 167 30.71 -12.56 1.63
N LEU A 168 31.48 -13.20 2.50
CA LEU A 168 32.55 -14.11 2.10
C LEU A 168 32.28 -15.49 2.68
N TYR A 169 32.31 -16.51 1.83
CA TYR A 169 32.04 -17.88 2.16
C TYR A 169 33.24 -18.76 1.84
N PRO A 170 33.50 -19.79 2.64
CA PRO A 170 34.53 -20.77 2.24
C PRO A 170 34.17 -21.51 0.98
N HIS A 171 32.88 -21.74 0.74
CA HIS A 171 32.40 -22.40 -0.46
C HIS A 171 30.95 -21.98 -0.69
N THR A 172 30.47 -22.22 -1.90
CA THR A 172 29.16 -21.71 -2.28
C THR A 172 28.08 -22.29 -1.40
N PRO A 173 27.25 -21.47 -0.77
CA PRO A 173 26.17 -21.99 0.07
C PRO A 173 24.96 -22.39 -0.76
N THR A 174 24.11 -23.20 -0.14
CA THR A 174 22.87 -23.61 -0.80
C THR A 174 21.80 -22.53 -0.77
N ALA A 175 21.93 -21.55 0.11
CA ALA A 175 20.95 -20.48 0.22
C ALA A 175 21.59 -19.29 0.90
N PHE A 176 20.95 -18.12 0.75
CA PHE A 176 21.38 -16.90 1.41
C PHE A 176 20.79 -16.89 2.82
N ALA A 177 21.45 -17.60 3.73
CA ALA A 177 20.95 -17.72 5.09
C ALA A 177 21.10 -16.39 5.83
N LEU A 178 20.35 -16.27 6.91
CA LEU A 178 20.37 -15.08 7.75
C LEU A 178 20.14 -15.50 9.19
N THR A 179 20.90 -14.91 10.10
CA THR A 179 20.84 -15.33 11.50
C THR A 179 19.49 -14.99 12.11
N GLU A 180 18.98 -15.92 12.92
CA GLU A 180 17.69 -15.71 13.56
C GLU A 180 17.76 -14.71 14.69
N GLN A 181 18.88 -14.68 15.42
CA GLN A 181 19.10 -13.69 16.46
C GLN A 181 19.74 -12.44 15.87
N THR A 182 19.39 -11.29 16.42
CA THR A 182 19.90 -10.02 15.92
C THR A 182 21.40 -9.95 16.14
N PRO A 183 22.19 -9.67 15.10
CA PRO A 183 23.64 -9.56 15.29
C PRO A 183 24.01 -8.34 16.11
N ASN A 184 25.18 -8.43 16.74
CA ASN A 184 25.70 -7.35 17.57
C ASN A 184 26.74 -6.57 16.78
N PHE A 185 26.52 -5.28 16.64
CA PHE A 185 27.43 -4.35 15.97
C PHE A 185 27.78 -4.81 14.56
N PRO A 186 26.86 -4.74 13.61
CA PRO A 186 27.24 -4.95 12.21
C PRO A 186 28.26 -3.91 11.78
N GLN A 187 29.20 -4.33 10.95
CA GLN A 187 30.40 -3.55 10.65
C GLN A 187 30.32 -2.95 9.26
N ARG A 188 30.77 -1.70 9.14
CA ARG A 188 30.93 -1.09 7.83
C ARG A 188 32.13 -1.71 7.12
N PHE A 189 32.23 -1.46 5.82
CA PHE A 189 32.99 -2.33 4.92
C PHE A 189 34.41 -2.64 5.40
N PRO A 190 35.25 -1.68 5.77
CA PRO A 190 36.64 -2.05 6.09
C PRO A 190 36.74 -3.11 7.18
N ASN A 191 35.78 -3.13 8.11
CA ASN A 191 35.67 -4.19 9.10
C ASN A 191 34.64 -5.20 8.65
N TRP A 192 34.77 -6.43 9.16
CA TRP A 192 33.83 -7.49 8.88
C TRP A 192 33.34 -8.10 10.18
N SER A 193 32.23 -8.82 10.09
CA SER A 193 31.67 -9.51 11.24
C SER A 193 31.49 -10.98 10.87
N VAL A 194 31.81 -11.86 11.80
CA VAL A 194 31.84 -13.30 11.55
C VAL A 194 30.51 -13.90 11.98
N TYR A 195 30.05 -14.89 11.22
CA TYR A 195 28.87 -15.67 11.56
C TYR A 195 29.25 -17.15 11.50
N SER A 196 28.67 -17.93 12.41
CA SER A 196 29.04 -19.32 12.58
C SER A 196 28.57 -20.17 11.41
N ALA A 197 29.09 -21.40 11.35
CA ALA A 197 28.76 -22.31 10.28
C ALA A 197 27.37 -22.90 10.42
N ASP A 198 26.80 -22.90 11.63
CA ASP A 198 25.48 -23.46 11.86
C ASP A 198 24.38 -22.43 11.72
N GLY A 199 24.63 -21.33 11.00
CA GLY A 199 23.63 -20.30 10.83
C GLY A 199 23.28 -19.55 12.11
N THR A 200 24.27 -19.32 12.97
CA THR A 200 24.07 -18.56 14.20
C THR A 200 25.18 -17.52 14.31
N ARG A 201 25.00 -16.60 15.25
CA ARG A 201 26.02 -15.60 15.50
C ARG A 201 27.28 -16.25 16.07
N PHE A 202 28.40 -15.60 15.85
CA PHE A 202 29.71 -16.17 16.15
C PHE A 202 30.28 -15.52 17.41
N ASN A 203 30.62 -16.35 18.38
CA ASN A 203 31.48 -15.97 19.49
C ASN A 203 32.83 -16.64 19.31
N ASN A 204 33.81 -16.15 20.06
CA ASN A 204 35.14 -16.74 19.97
C ASN A 204 35.12 -18.19 20.45
N GLY A 205 35.77 -19.07 19.69
CA GLY A 205 35.74 -20.48 19.96
C GLY A 205 34.72 -21.28 19.18
N ASP A 206 33.90 -20.63 18.37
CA ASP A 206 32.93 -21.32 17.53
C ASP A 206 33.58 -21.71 16.21
N GLU A 207 32.77 -22.18 15.27
CA GLU A 207 33.25 -22.49 13.93
C GLU A 207 32.78 -21.40 12.98
N PRO A 208 33.67 -20.57 12.43
CA PRO A 208 33.22 -19.50 11.55
C PRO A 208 32.57 -20.05 10.29
N GLY A 209 31.44 -19.45 9.91
CA GLY A 209 30.73 -19.88 8.72
C GLY A 209 30.92 -18.94 7.55
N TYR A 210 30.83 -17.64 7.81
CA TYR A 210 31.04 -16.66 6.76
C TYR A 210 31.33 -15.30 7.38
N LEU A 211 31.73 -14.37 6.52
CA LEU A 211 32.01 -13.00 6.93
C LEU A 211 31.02 -12.07 6.23
N GLN A 212 30.63 -11.00 6.92
CA GLN A 212 29.64 -10.08 6.37
C GLN A 212 30.05 -8.64 6.69
N SER A 213 29.76 -7.74 5.76
CA SER A 213 30.03 -6.33 5.97
C SER A 213 29.07 -5.50 5.14
N TYR A 214 28.89 -4.26 5.54
CA TYR A 214 28.04 -3.31 4.84
C TYR A 214 28.89 -2.20 4.26
N VAL A 215 28.64 -1.84 3.00
CA VAL A 215 29.36 -0.74 2.38
C VAL A 215 28.53 0.52 2.58
N TYR A 216 29.06 1.47 3.35
CA TYR A 216 28.30 2.59 3.87
C TYR A 216 28.71 3.89 3.20
N LEU A 217 27.72 4.72 2.88
CA LEU A 217 27.95 6.03 2.30
C LEU A 217 27.58 7.11 3.31
N PRO A 218 28.54 7.83 3.89
CA PRO A 218 28.20 8.80 4.95
C PRO A 218 27.59 10.08 4.41
N ASN A 219 28.06 10.54 3.24
CA ASN A 219 27.52 11.76 2.67
C ASN A 219 26.05 11.61 2.34
N VAL A 220 25.62 10.41 1.96
CA VAL A 220 24.20 10.17 1.73
C VAL A 220 23.41 10.39 3.01
N ASP A 221 23.93 9.93 4.15
CA ASP A 221 23.28 10.18 5.42
C ASP A 221 23.20 11.67 5.73
N LYS A 222 24.32 12.37 5.56
CA LYS A 222 24.35 13.80 5.86
C LYS A 222 23.33 14.56 5.02
N HIS A 223 23.25 14.24 3.73
CA HIS A 223 22.34 14.95 2.86
C HIS A 223 20.88 14.52 3.08
N LEU A 224 20.66 13.26 3.47
CA LEU A 224 19.30 12.82 3.75
C LEU A 224 18.76 13.45 5.02
N SER A 225 19.64 13.80 5.96
CA SER A 225 19.17 14.48 7.15
C SER A 225 18.54 15.83 6.81
N ALA A 226 19.15 16.58 5.90
CA ALA A 226 18.67 17.91 5.54
C ALA A 226 17.90 17.89 4.23
N ALA A 227 16.75 17.23 4.23
CA ALA A 227 15.92 17.17 3.02
C ALA A 227 14.47 16.94 3.40
N ARG A 228 13.58 17.70 2.75
CA ARG A 228 12.14 17.45 2.90
C ARG A 228 11.75 16.14 2.26
N GLY A 229 12.27 15.86 1.07
CA GLY A 229 11.93 14.65 0.34
C GLY A 229 13.08 14.21 -0.53
N TYR A 230 12.95 12.99 -1.04
CA TYR A 230 14.00 12.40 -1.86
C TYR A 230 13.37 11.42 -2.83
N ARG A 231 14.15 11.06 -3.85
CA ARG A 231 13.83 9.93 -4.70
C ARG A 231 15.10 9.49 -5.40
N LEU A 232 15.26 8.17 -5.54
CA LEU A 232 16.43 7.61 -6.19
C LEU A 232 16.27 7.73 -7.69
N LEU A 233 17.23 8.36 -8.35
CA LEU A 233 17.16 8.51 -9.80
C LEU A 233 17.80 7.33 -10.53
N SER A 234 19.01 6.96 -10.15
CA SER A 234 19.61 5.75 -10.71
C SER A 234 20.72 5.28 -9.79
N ARG A 235 21.07 4.00 -9.94
CA ARG A 235 22.12 3.38 -9.14
C ARG A 235 22.78 2.29 -9.95
N GLY A 236 24.11 2.31 -9.97
CA GLY A 236 24.87 1.29 -10.67
C GLY A 236 26.03 0.84 -9.83
N ILE A 237 26.38 -0.44 -9.96
CA ILE A 237 27.45 -1.05 -9.19
C ILE A 237 28.37 -1.79 -10.14
N THR A 238 29.66 -1.47 -10.09
CA THR A 238 30.66 -2.08 -10.95
C THR A 238 31.64 -2.89 -10.11
N GLY A 239 32.08 -4.01 -10.66
CA GLY A 239 32.76 -5.03 -9.90
C GLY A 239 34.13 -5.43 -10.41
N ILE A 240 34.99 -4.48 -10.76
CA ILE A 240 36.26 -4.78 -11.42
C ILE A 240 37.01 -5.86 -10.67
N PHE A 241 37.23 -7.00 -11.28
CA PHE A 241 37.82 -8.15 -10.62
C PHE A 241 39.27 -8.34 -11.08
N SER A 242 40.14 -8.68 -10.14
CA SER A 242 41.52 -8.98 -10.47
C SER A 242 42.03 -10.07 -9.54
N ALA A 243 43.05 -10.78 -10.01
CA ALA A 243 43.63 -11.88 -9.26
C ALA A 243 45.05 -12.08 -9.76
N PRO A 244 45.91 -12.74 -8.98
CA PRO A 244 47.27 -13.02 -9.46
C PRO A 244 47.23 -13.89 -10.70
N ALA A 245 48.28 -13.78 -11.51
CA ALA A 245 48.38 -14.59 -12.71
C ALA A 245 48.36 -16.08 -12.34
N LEU A 246 47.76 -16.88 -13.21
CA LEU A 246 47.49 -18.30 -13.00
C LEU A 246 46.53 -18.55 -11.84
N GLU A 247 45.77 -17.55 -11.43
CA GLU A 247 44.76 -17.70 -10.39
C GLU A 247 43.49 -16.95 -10.78
N THR A 248 43.18 -16.93 -12.06
CA THR A 248 42.04 -16.17 -12.58
C THR A 248 40.78 -17.01 -12.69
N GLN A 249 40.80 -18.25 -12.21
CA GLN A 249 39.64 -19.12 -12.33
C GLN A 249 38.50 -18.65 -11.42
N GLY A 250 37.27 -18.97 -11.85
CA GLY A 250 36.09 -18.55 -11.13
C GLY A 250 34.96 -18.14 -12.06
N PHE A 251 33.76 -17.98 -11.53
CA PHE A 251 32.60 -17.57 -12.32
C PHE A 251 31.86 -16.46 -11.61
N VAL A 252 31.17 -15.63 -12.39
CA VAL A 252 30.39 -14.52 -11.85
C VAL A 252 28.96 -14.63 -12.37
N THR A 253 28.00 -14.44 -11.48
CA THR A 253 26.59 -14.46 -11.78
C THR A 253 25.95 -13.22 -11.18
N ALA A 254 24.98 -12.64 -11.86
CA ALA A 254 24.30 -11.46 -11.36
C ALA A 254 22.84 -11.50 -11.76
N CYS A 255 21.97 -11.02 -10.87
CA CYS A 255 20.54 -11.05 -11.14
C CYS A 255 19.86 -9.93 -10.36
N GLN A 256 18.87 -9.31 -11.01
CA GLN A 256 18.02 -8.31 -10.37
C GLN A 256 16.61 -8.86 -10.27
N TYR A 257 15.94 -8.57 -9.16
CA TYR A 257 14.52 -8.89 -9.06
C TYR A 257 13.89 -8.02 -8.01
N LEU A 258 12.60 -7.74 -8.19
CA LEU A 258 11.88 -6.84 -7.30
C LEU A 258 11.54 -7.57 -6.01
N ALA A 259 12.02 -7.04 -4.88
CA ALA A 259 11.66 -7.52 -3.55
C ALA A 259 10.94 -6.35 -2.89
N GLU A 260 9.63 -6.28 -3.09
CA GLU A 260 8.84 -5.14 -2.65
C GLU A 260 8.65 -5.21 -1.15
N GLY A 261 9.47 -4.46 -0.42
CA GLY A 261 9.36 -4.43 1.02
C GLY A 261 8.22 -3.57 1.49
N SER A 262 7.91 -3.68 2.79
CA SER A 262 6.83 -2.90 3.36
C SER A 262 7.04 -2.82 4.86
N ILE A 263 6.34 -1.87 5.49
CA ILE A 263 6.43 -1.69 6.93
C ILE A 263 5.54 -2.73 7.58
N GLN A 264 6.14 -3.71 8.24
CA GLN A 264 5.42 -4.80 8.88
C GLN A 264 5.97 -5.01 10.28
N SER A 265 5.14 -5.60 11.14
CA SER A 265 5.53 -5.95 12.49
C SER A 265 5.27 -7.43 12.72
N GLN A 266 6.26 -8.14 13.25
CA GLN A 266 6.09 -9.56 13.48
C GLN A 266 5.25 -9.81 14.72
N SER A 267 4.73 -11.03 14.80
CA SER A 267 3.87 -11.44 15.91
C SER A 267 4.72 -12.02 17.02
N ILE A 268 4.68 -11.39 18.19
CA ILE A 268 5.43 -11.86 19.35
C ILE A 268 4.47 -12.14 20.49
N LYS A 269 4.99 -12.61 21.61
CA LYS A 269 4.17 -12.99 22.76
C LYS A 269 4.61 -12.23 23.99
N SER A 270 3.65 -11.91 24.85
CA SER A 270 3.94 -11.29 26.12
C SER A 270 4.15 -12.35 27.19
N ASP A 271 4.47 -11.93 28.41
CA ASP A 271 4.77 -12.83 29.51
C ASP A 271 3.67 -12.74 30.55
N ALA A 272 3.08 -13.88 30.89
CA ALA A 272 2.02 -13.94 31.88
C ALA A 272 2.61 -13.88 33.28
N VAL A 273 2.04 -13.05 34.14
CA VAL A 273 2.50 -12.93 35.52
C VAL A 273 1.92 -14.06 36.36
N ARG A 274 2.73 -14.59 37.27
CA ARG A 274 2.35 -15.72 38.13
C ARG A 274 2.79 -15.39 39.55
N SER A 275 1.87 -14.85 40.34
CA SER A 275 2.13 -14.47 41.72
C SER A 275 1.32 -15.37 42.64
N VAL A 276 1.98 -15.96 43.63
CA VAL A 276 1.34 -16.83 44.61
C VAL A 276 1.56 -16.17 45.98
N THR A 277 0.53 -15.49 46.47
CA THR A 277 0.59 -14.87 47.78
C THR A 277 0.10 -15.87 48.82
N VAL A 278 1.01 -16.27 49.71
CA VAL A 278 0.74 -17.30 50.70
C VAL A 278 0.58 -16.71 52.09
N ASN A 279 0.60 -15.38 52.21
CA ASN A 279 0.46 -14.76 53.52
C ASN A 279 -0.94 -15.01 54.08
N SER A 280 -1.04 -14.93 55.41
CA SER A 280 -2.31 -15.21 56.09
C SER A 280 -3.40 -14.26 55.63
N ASP A 281 -3.10 -12.96 55.59
CA ASP A 281 -4.01 -11.99 55.01
C ASP A 281 -3.73 -11.70 53.55
N GLY A 282 -2.49 -11.91 53.10
CA GLY A 282 -2.17 -11.77 51.69
C GLY A 282 -2.31 -13.07 50.94
N THR A 283 -3.44 -13.27 50.27
CA THR A 283 -3.72 -14.47 49.51
C THR A 283 -4.34 -14.10 48.17
N VAL A 284 -3.76 -13.09 47.50
CA VAL A 284 -4.34 -12.58 46.26
C VAL A 284 -4.29 -13.65 45.17
N LYS A 285 -3.13 -14.26 44.97
CA LYS A 285 -2.92 -15.28 43.94
C LYS A 285 -3.35 -14.75 42.57
N ASN A 286 -2.63 -13.74 42.10
CA ASN A 286 -2.88 -13.18 40.78
C ASN A 286 -2.23 -14.09 39.75
N VAL A 287 -3.01 -14.99 39.17
CA VAL A 287 -2.54 -15.95 38.19
C VAL A 287 -2.87 -15.50 36.77
N GLU A 288 -3.15 -14.21 36.57
CA GLU A 288 -3.64 -13.72 35.29
C GLU A 288 -2.64 -14.03 34.18
N SER A 289 -3.18 -14.34 33.00
CA SER A 289 -2.37 -14.76 31.86
C SER A 289 -2.18 -13.57 30.94
N SER A 290 -1.04 -12.89 31.08
CA SER A 290 -0.65 -11.84 30.15
C SER A 290 0.02 -12.40 28.90
N SER A 291 0.20 -13.71 28.82
CA SER A 291 0.89 -14.32 27.69
C SER A 291 -0.01 -14.34 26.45
N GLN A 292 -0.32 -13.17 25.92
CA GLN A 292 -1.10 -13.04 24.70
C GLN A 292 -0.18 -12.71 23.54
N THR A 293 -0.74 -12.74 22.33
CA THR A 293 -0.02 -12.47 21.10
C THR A 293 -0.22 -11.02 20.71
N VAL A 294 0.88 -10.29 20.55
CA VAL A 294 0.87 -8.88 20.19
C VAL A 294 1.79 -8.66 19.00
N SER A 295 1.86 -7.41 18.55
CA SER A 295 2.70 -7.03 17.44
C SER A 295 3.97 -6.37 17.94
N SER A 296 5.09 -6.69 17.29
CA SER A 296 6.39 -6.17 17.69
C SER A 296 6.58 -4.77 17.11
N MET A 297 7.80 -4.25 17.22
CA MET A 297 8.10 -2.95 16.66
C MET A 297 8.00 -2.99 15.14
N PRO A 298 7.41 -1.98 14.52
CA PRO A 298 7.35 -1.96 13.05
C PRO A 298 8.73 -1.81 12.45
N ARG A 299 8.97 -2.59 11.38
CA ARG A 299 10.24 -2.58 10.68
C ARG A 299 9.96 -2.66 9.19
N TYR A 300 10.90 -2.16 8.39
CA TYR A 300 10.78 -2.30 6.94
C TYR A 300 11.30 -3.68 6.56
N VAL A 301 10.41 -4.56 6.12
CA VAL A 301 10.74 -5.95 5.83
C VAL A 301 10.79 -6.14 4.32
N PHE A 302 11.85 -6.79 3.86
CA PHE A 302 12.12 -7.13 2.48
C PHE A 302 11.77 -8.58 2.22
N PRO A 303 10.95 -8.90 1.24
CA PRO A 303 10.62 -10.29 0.90
C PRO A 303 11.63 -10.92 -0.04
N LEU A 304 12.90 -10.79 0.26
CA LEU A 304 13.92 -11.43 -0.55
C LEU A 304 13.97 -12.92 -0.23
N ASP A 305 13.95 -13.74 -1.26
CA ASP A 305 13.90 -15.20 -1.07
C ASP A 305 15.33 -15.68 -0.82
N GLY A 306 15.71 -15.70 0.46
CA GLY A 306 17.04 -16.18 0.80
C GLY A 306 17.24 -17.63 0.42
N ASP A 307 16.20 -18.45 0.57
CA ASP A 307 16.31 -19.86 0.23
C ASP A 307 16.48 -20.09 -1.26
N ASN A 308 16.08 -19.12 -2.09
CA ASN A 308 16.18 -19.25 -3.54
C ASN A 308 17.19 -18.28 -4.14
N CYS A 309 18.15 -17.81 -3.35
CA CYS A 309 19.16 -16.87 -3.80
C CYS A 309 20.45 -17.54 -4.22
N ALA A 310 20.47 -18.88 -4.27
CA ALA A 310 21.65 -19.58 -4.73
C ALA A 310 21.92 -19.23 -6.19
N PRO A 311 23.18 -19.25 -6.63
CA PRO A 311 23.47 -18.81 -8.00
C PRO A 311 22.76 -19.63 -9.07
N SER A 312 22.74 -20.96 -8.94
CA SER A 312 22.15 -21.80 -9.98
C SER A 312 20.65 -21.54 -10.13
N SER A 313 19.94 -21.39 -9.01
CA SER A 313 18.52 -21.10 -9.08
C SER A 313 18.25 -19.77 -9.76
N LEU A 314 19.06 -18.76 -9.44
CA LEU A 314 18.90 -17.47 -10.09
C LEU A 314 19.15 -17.56 -11.59
N THR A 315 20.18 -18.31 -11.98
CA THR A 315 20.46 -18.46 -13.41
C THR A 315 19.31 -19.16 -14.13
N GLU A 316 18.77 -20.22 -13.54
CA GLU A 316 17.72 -20.97 -14.22
C GLU A 316 16.35 -20.33 -14.08
N THR A 317 16.20 -19.31 -13.24
CA THR A 317 14.90 -18.67 -13.05
C THR A 317 14.72 -17.45 -13.94
N TYR A 318 15.72 -16.58 -14.00
CA TYR A 318 15.62 -15.32 -14.71
C TYR A 318 16.39 -15.39 -16.02
N HIS A 319 15.73 -15.01 -17.12
CA HIS A 319 16.36 -15.09 -18.43
C HIS A 319 17.41 -14.01 -18.62
N GLN A 320 17.22 -12.84 -18.02
CA GLN A 320 18.15 -11.74 -18.18
C GLN A 320 19.31 -11.79 -17.19
N ALA A 321 19.40 -12.85 -16.39
CA ALA A 321 20.52 -12.98 -15.47
C ALA A 321 21.83 -13.07 -16.25
N TYR A 322 22.88 -12.48 -15.69
CA TYR A 322 24.16 -12.37 -16.35
C TYR A 322 25.13 -13.41 -15.79
N GLN A 323 25.80 -14.13 -16.67
CA GLN A 323 26.79 -15.11 -16.28
C GLN A 323 28.05 -14.90 -17.11
N SER A 324 29.21 -15.05 -16.48
CA SER A 324 30.46 -14.91 -17.20
C SER A 324 31.60 -15.46 -16.35
N LYS A 325 32.81 -15.36 -16.87
CA LYS A 325 33.98 -15.70 -16.09
C LYS A 325 34.25 -14.62 -15.05
N ALA A 326 34.97 -15.01 -13.99
CA ALA A 326 35.21 -14.08 -12.89
C ALA A 326 35.97 -12.84 -13.35
N THR A 327 36.95 -13.03 -14.23
CA THR A 327 37.78 -11.91 -14.67
C THR A 327 36.99 -10.84 -15.41
N ASP A 328 35.78 -11.17 -15.88
CA ASP A 328 34.97 -10.17 -16.57
C ASP A 328 34.35 -9.16 -15.61
N GLY A 329 34.31 -9.48 -14.31
CA GLY A 329 33.66 -8.57 -13.39
C GLY A 329 32.18 -8.50 -13.66
N PHE A 330 31.57 -7.41 -13.21
CA PHE A 330 30.16 -7.18 -13.46
C PHE A 330 29.88 -5.69 -13.44
N TYR A 331 28.73 -5.33 -14.01
CA TYR A 331 28.27 -3.95 -14.01
C TYR A 331 26.75 -4.00 -14.01
N MET A 332 26.17 -3.77 -12.83
CA MET A 332 24.73 -3.89 -12.64
C MET A 332 24.11 -2.51 -12.55
N PRO A 333 23.40 -2.07 -13.58
CA PRO A 333 22.58 -0.85 -13.47
C PRO A 333 21.22 -1.14 -12.87
N VAL A 334 21.07 -1.11 -11.55
CA VAL A 334 19.81 -1.54 -10.96
C VAL A 334 18.67 -0.66 -11.48
N LEU A 335 17.52 -1.28 -11.70
CA LEU A 335 16.41 -0.63 -12.39
C LEU A 335 15.19 -0.59 -11.48
N SER A 336 14.37 0.44 -11.68
CA SER A 336 13.09 0.54 -10.98
C SER A 336 12.09 -0.43 -11.59
N SER A 337 11.11 -0.82 -10.78
CA SER A 337 10.07 -1.74 -11.20
C SER A 337 8.75 -1.04 -11.52
N SER A 338 8.70 0.28 -11.42
CA SER A 338 7.49 1.05 -11.69
C SER A 338 7.81 2.19 -12.63
N ARG A 339 6.74 2.82 -13.15
CA ARG A 339 6.89 3.95 -14.04
C ARG A 339 6.78 5.29 -13.33
N ASP A 340 6.28 5.32 -12.10
CA ASP A 340 6.18 6.55 -11.33
C ASP A 340 7.18 6.52 -10.19
N ASN A 341 7.86 7.64 -9.98
CA ASN A 341 8.91 7.77 -8.97
C ASN A 341 8.63 9.03 -8.16
N PRO A 342 7.69 8.98 -7.23
CA PRO A 342 7.34 10.16 -6.45
C PRO A 342 8.32 10.42 -5.33
N PHE A 343 8.32 11.67 -4.88
CA PHE A 343 9.14 12.06 -3.73
C PHE A 343 8.60 11.42 -2.46
N HIS A 344 9.52 11.13 -1.53
CA HIS A 344 9.14 10.57 -0.24
C HIS A 344 9.94 11.27 0.84
N PRO A 345 9.34 11.49 2.01
CA PRO A 345 10.09 12.08 3.12
C PRO A 345 11.04 11.06 3.71
N PRO A 346 12.23 11.50 4.13
CA PRO A 346 13.18 10.57 4.75
C PRO A 346 12.63 10.01 6.05
N GLN A 347 12.40 8.71 6.07
CA GLN A 347 11.81 8.01 7.21
C GLN A 347 12.62 6.75 7.51
N PRO A 348 13.83 6.91 8.04
CA PRO A 348 14.65 5.73 8.33
C PRO A 348 13.97 4.80 9.33
N ARG A 349 14.12 3.50 9.09
CA ARG A 349 13.52 2.47 9.94
C ARG A 349 14.48 1.28 9.98
N ALA A 350 14.28 0.44 10.99
CA ALA A 350 15.06 -0.78 11.08
C ALA A 350 14.68 -1.73 9.94
N ILE A 351 15.69 -2.27 9.28
CA ILE A 351 15.48 -3.15 8.14
C ILE A 351 15.46 -4.59 8.61
N ALA A 352 14.62 -5.40 7.98
CA ALA A 352 14.50 -6.81 8.28
C ALA A 352 14.19 -7.57 7.01
N VAL A 353 14.39 -8.88 7.04
CA VAL A 353 14.20 -9.72 5.87
C VAL A 353 13.23 -10.85 6.23
N TYR A 354 12.24 -11.07 5.38
CA TYR A 354 11.27 -12.14 5.62
C TYR A 354 11.94 -13.50 5.46
N GLY A 355 11.65 -14.39 6.38
CA GLY A 355 12.06 -15.78 6.30
C GLY A 355 10.94 -16.67 5.83
N SER A 356 10.85 -17.86 6.41
CA SER A 356 9.78 -18.78 6.15
C SER A 356 9.15 -19.23 7.47
N PHE A 357 7.91 -19.68 7.39
CA PHE A 357 7.17 -20.13 8.56
C PHE A 357 7.44 -21.61 8.82
N LEU A 358 7.24 -22.03 10.06
CA LEU A 358 7.45 -23.42 10.46
C LEU A 358 6.16 -24.10 10.85
N ALA A 359 5.42 -23.53 11.80
CA ALA A 359 4.15 -24.12 12.24
C ALA A 359 3.04 -23.71 11.28
N ARG A 360 2.30 -24.71 10.79
CA ARG A 360 1.24 -24.41 9.83
C ARG A 360 0.11 -23.61 10.48
N GLY A 361 -0.20 -23.91 11.73
CA GLY A 361 -1.22 -23.13 12.43
C GLY A 361 -2.57 -23.28 11.78
N CYS A 362 -3.22 -22.15 11.51
CA CYS A 362 -4.55 -22.13 10.92
C CYS A 362 -4.56 -22.48 9.44
N LEU A 363 -3.42 -22.92 8.88
CA LEU A 363 -3.44 -23.50 7.54
C LEU A 363 -4.16 -24.83 7.49
N ASP A 364 -4.44 -25.41 8.65
CA ASP A 364 -5.23 -26.62 8.81
C ASP A 364 -6.34 -26.32 9.81
N PRO A 365 -7.44 -27.08 9.78
CA PRO A 365 -8.50 -26.84 10.77
C PRO A 365 -8.02 -27.05 12.19
N VAL A 366 -8.00 -25.97 12.97
CA VAL A 366 -7.51 -25.99 14.34
C VAL A 366 -8.49 -25.24 15.24
N SER A 367 -8.15 -25.13 16.51
CA SER A 367 -8.99 -24.48 17.50
C SER A 367 -8.61 -23.01 17.65
N GLU A 368 -9.30 -22.32 18.57
CA GLU A 368 -8.98 -20.93 18.83
C GLU A 368 -7.56 -20.77 19.35
N ALA A 369 -7.15 -21.63 20.28
CA ALA A 369 -5.84 -21.50 20.90
C ALA A 369 -4.71 -21.62 19.89
N HIS A 370 -4.95 -22.26 18.75
CA HIS A 370 -3.95 -22.42 17.72
C HIS A 370 -4.08 -21.40 16.61
N GLU A 371 -4.95 -20.41 16.77
CA GLU A 371 -4.97 -19.27 15.85
C GLU A 371 -3.67 -18.47 15.95
N ALA A 372 -3.17 -18.28 17.17
CA ALA A 372 -2.02 -17.40 17.37
C ALA A 372 -0.78 -17.95 16.68
N ASP A 373 -0.50 -19.24 16.86
CA ASP A 373 0.69 -19.82 16.23
C ASP A 373 0.38 -20.26 14.81
N GLY A 374 -0.19 -19.36 14.01
CA GLY A 374 -0.50 -19.65 12.63
C GLY A 374 0.75 -19.59 11.77
N PRO A 375 0.58 -19.32 10.49
CA PRO A 375 1.74 -19.17 9.63
C PRO A 375 2.44 -17.85 9.88
N THR A 376 3.23 -17.78 10.95
CA THR A 376 4.00 -16.59 11.29
C THR A 376 5.38 -16.72 10.67
N HIS A 377 5.69 -15.88 9.69
CA HIS A 377 6.96 -15.96 9.00
C HIS A 377 8.07 -15.38 9.86
N ASP A 378 9.22 -16.03 9.84
CA ASP A 378 10.38 -15.53 10.57
C ASP A 378 10.84 -14.21 9.98
N ILE A 379 11.18 -13.27 10.85
CA ILE A 379 11.69 -11.97 10.45
C ILE A 379 13.10 -11.85 10.99
N TYR A 380 14.07 -11.66 10.09
CA TYR A 380 15.47 -11.59 10.44
C TYR A 380 15.88 -10.13 10.55
N ARG A 381 16.13 -9.66 11.77
CA ARG A 381 16.57 -8.30 11.97
C ARG A 381 18.00 -8.14 11.47
N LEU A 382 18.24 -7.10 10.69
CA LEU A 382 19.59 -6.80 10.20
C LEU A 382 20.36 -5.90 11.15
N ASN A 383 19.71 -5.35 12.17
CA ASN A 383 20.33 -4.39 13.09
C ASN A 383 20.90 -3.20 12.34
N VAL A 384 20.25 -2.81 11.25
CA VAL A 384 20.67 -1.68 10.43
C VAL A 384 19.44 -0.84 10.12
N ALA A 385 19.54 0.46 10.35
CA ALA A 385 18.46 1.38 10.08
C ALA A 385 18.74 2.17 8.81
N ASP A 386 17.70 2.35 8.01
CA ASP A 386 17.84 3.03 6.74
C ASP A 386 16.46 3.33 6.17
N ASP A 387 16.43 4.21 5.18
CA ASP A 387 15.25 4.42 4.37
C ASP A 387 15.53 3.92 2.96
N VAL A 388 14.60 3.16 2.41
CA VAL A 388 14.83 2.44 1.19
C VAL A 388 14.23 3.21 0.02
N ALA A 389 14.72 2.91 -1.18
CA ALA A 389 14.11 3.44 -2.39
C ALA A 389 13.05 2.44 -2.85
N PRO A 390 11.77 2.78 -2.73
CA PRO A 390 10.73 1.82 -3.09
C PRO A 390 10.70 1.58 -4.59
N LEU A 391 10.21 0.40 -4.96
CA LEU A 391 9.99 -0.02 -6.34
C LEU A 391 11.29 -0.20 -7.12
N PHE A 392 12.43 -0.22 -6.45
CA PHE A 392 13.70 -0.48 -7.11
C PHE A 392 14.11 -1.93 -6.89
N ASN A 393 14.71 -2.51 -7.93
CA ASN A 393 15.07 -3.92 -7.88
C ASN A 393 16.17 -4.17 -6.86
N THR A 394 16.14 -5.36 -6.29
CA THR A 394 17.23 -5.86 -5.47
C THR A 394 18.17 -6.66 -6.35
N GLY A 395 19.46 -6.34 -6.29
CA GLY A 395 20.46 -7.02 -7.07
C GLY A 395 21.25 -8.00 -6.22
N VAL A 396 21.76 -9.03 -6.86
CA VAL A 396 22.58 -10.02 -6.16
C VAL A 396 23.58 -10.61 -7.14
N VAL A 397 24.86 -10.56 -6.78
CA VAL A 397 25.91 -11.13 -7.60
C VAL A 397 26.71 -12.11 -6.76
N TRP A 398 27.16 -13.18 -7.41
CA TRP A 398 27.94 -14.23 -6.80
C TRP A 398 29.22 -14.43 -7.58
N PHE A 399 30.34 -14.47 -6.88
CA PHE A 399 31.63 -14.86 -7.42
C PHE A 399 31.96 -16.22 -6.83
N GLU A 400 31.88 -17.26 -7.64
CA GLU A 400 32.07 -18.62 -7.17
C GLU A 400 33.41 -19.17 -7.64
N GLY A 401 34.08 -19.91 -6.75
CA GLY A 401 35.37 -20.48 -7.07
C GLY A 401 36.44 -19.44 -7.30
N ILE A 402 36.49 -18.45 -6.43
CA ILE A 402 37.42 -17.33 -6.55
C ILE A 402 38.68 -17.64 -5.79
N SER A 403 39.83 -17.28 -6.35
CA SER A 403 41.08 -17.44 -5.64
C SER A 403 41.06 -16.59 -4.38
N PRO A 404 41.50 -17.10 -3.24
CA PRO A 404 41.38 -16.34 -1.98
C PRO A 404 42.13 -15.02 -2.00
N LYS A 405 43.24 -14.93 -2.73
CA LYS A 405 43.98 -13.68 -2.82
C LYS A 405 43.51 -12.84 -3.99
N PHE A 406 42.21 -12.61 -4.05
CA PHE A 406 41.59 -11.83 -5.11
C PHE A 406 41.66 -10.35 -4.77
N SER A 407 41.08 -9.53 -5.64
CA SER A 407 40.96 -8.10 -5.38
C SER A 407 39.79 -7.57 -6.20
N LEU A 408 38.76 -7.07 -5.53
CA LEU A 408 37.59 -6.53 -6.18
C LEU A 408 37.53 -5.03 -5.96
N LYS A 409 37.50 -4.28 -7.04
CA LYS A 409 37.27 -2.84 -6.99
C LYS A 409 35.78 -2.62 -7.22
N LEU A 410 35.07 -2.29 -6.14
CA LEU A 410 33.66 -1.96 -6.20
C LEU A 410 33.52 -0.47 -6.45
N LYS A 411 32.81 -0.12 -7.51
CA LYS A 411 32.58 1.28 -7.87
C LYS A 411 31.07 1.49 -7.94
N THR A 412 30.54 2.24 -7.00
CA THR A 412 29.10 2.48 -6.92
C THR A 412 28.80 3.92 -7.29
N ARG A 413 27.82 4.12 -8.16
CA ARG A 413 27.33 5.45 -8.48
C ARG A 413 25.85 5.50 -8.15
N THR A 414 25.49 6.41 -7.26
CA THR A 414 24.11 6.60 -6.83
C THR A 414 23.74 8.05 -7.06
N VAL A 415 22.80 8.30 -7.97
CA VAL A 415 22.32 9.65 -8.23
C VAL A 415 20.87 9.73 -7.78
N LEU A 416 20.58 10.71 -6.92
CA LEU A 416 19.25 10.85 -6.38
C LEU A 416 18.91 12.32 -6.18
N GLN A 417 17.62 12.61 -6.21
CA GLN A 417 17.09 13.96 -6.16
C GLN A 417 16.62 14.29 -4.75
N TYR A 418 16.76 15.56 -4.38
CA TYR A 418 16.34 16.05 -3.08
C TYR A 418 15.43 17.26 -3.25
N ILE A 419 14.56 17.45 -2.27
CA ILE A 419 13.91 18.73 -2.03
C ILE A 419 14.61 19.38 -0.84
N PRO A 420 15.38 20.43 -1.03
CA PRO A 420 16.16 20.97 0.08
C PRO A 420 15.29 21.58 1.16
N THR A 421 15.75 21.46 2.39
CA THR A 421 15.14 22.14 3.52
C THR A 421 15.70 23.55 3.62
N SER A 422 14.85 24.51 3.99
CA SER A 422 15.29 25.89 4.11
C SER A 422 16.45 26.00 5.10
N GLY A 423 17.49 26.72 4.69
CA GLY A 423 18.67 26.89 5.51
C GLY A 423 19.63 25.73 5.51
N SER A 424 19.38 24.68 4.72
CA SER A 424 20.26 23.54 4.68
C SER A 424 21.35 23.75 3.64
N VAL A 425 22.30 22.80 3.61
CA VAL A 425 23.40 22.87 2.65
C VAL A 425 22.87 22.72 1.23
N LEU A 426 21.95 21.78 1.01
CA LEU A 426 21.44 21.51 -0.32
C LEU A 426 20.84 22.76 -0.97
N ALA A 427 20.35 23.69 -0.15
CA ALA A 427 19.74 24.90 -0.68
C ALA A 427 20.73 25.73 -1.49
N ASN A 428 22.02 25.52 -1.31
CA ASN A 428 23.03 26.27 -2.07
C ASN A 428 23.36 25.62 -3.40
N PHE A 429 22.74 24.50 -3.74
CA PHE A 429 23.04 23.80 -4.99
C PHE A 429 21.78 23.47 -5.78
N THR A 430 20.68 24.16 -5.53
CA THR A 430 19.43 23.86 -6.21
C THR A 430 19.54 24.15 -7.70
N ARG A 431 18.62 23.56 -8.45
CA ARG A 431 18.65 23.69 -9.91
C ARG A 431 17.22 23.51 -10.42
N HIS A 432 16.70 24.55 -11.08
CA HIS A 432 15.29 24.61 -11.48
C HIS A 432 15.18 24.09 -12.91
N GLU A 433 14.90 22.80 -13.04
CA GLU A 433 14.65 22.17 -14.36
C GLU A 433 13.38 21.34 -14.32
N PRO A 434 12.22 21.98 -14.13
CA PRO A 434 10.98 21.20 -14.13
C PRO A 434 10.58 20.77 -15.53
N THR A 435 11.37 19.90 -16.14
CA THR A 435 11.07 19.39 -17.47
C THR A 435 10.15 18.18 -17.35
N TYR A 436 9.31 17.98 -18.36
CA TYR A 436 8.36 16.88 -18.39
C TYR A 436 8.49 16.13 -19.70
N ASP A 437 8.45 14.79 -19.63
CA ASP A 437 8.57 13.96 -20.82
C ASP A 437 7.87 12.63 -20.56
N GLN A 438 6.67 12.47 -21.11
CA GLN A 438 5.95 11.21 -20.99
C GLN A 438 6.60 10.12 -21.82
N ILE A 439 7.17 10.48 -22.97
CA ILE A 439 7.75 9.49 -23.87
C ILE A 439 8.92 8.77 -23.20
N ALA A 440 9.76 9.52 -22.47
CA ALA A 440 10.89 8.90 -21.80
C ALA A 440 10.44 7.90 -20.74
N LEU A 441 9.44 8.27 -19.95
CA LEU A 441 8.94 7.35 -18.92
C LEU A 441 8.32 6.11 -19.54
N ASP A 442 7.53 6.30 -20.60
CA ASP A 442 6.95 5.14 -21.29
C ASP A 442 8.02 4.27 -21.90
N ALA A 443 9.08 4.87 -22.42
CA ALA A 443 10.20 4.10 -22.97
C ALA A 443 10.91 3.30 -21.89
N ALA A 444 11.08 3.89 -20.70
CA ALA A 444 11.68 3.13 -19.61
C ALA A 444 10.81 1.95 -19.21
N ASP A 445 9.49 2.17 -19.14
CA ASP A 445 8.56 1.07 -18.84
C ASP A 445 8.63 0.00 -19.92
N ARG A 446 8.77 0.42 -21.18
CA ARG A 446 9.04 -0.49 -22.29
C ARG A 446 10.29 -1.32 -22.06
N LEU A 447 11.40 -0.66 -21.74
CA LEU A 447 12.71 -1.29 -21.74
C LEU A 447 12.99 -2.13 -20.50
N ARG A 448 12.26 -1.91 -19.40
CA ARG A 448 12.60 -2.58 -18.15
C ARG A 448 12.70 -4.09 -18.30
N ASN A 449 11.84 -4.68 -19.13
CA ASN A 449 11.71 -6.13 -19.18
C ASN A 449 12.64 -6.80 -20.18
N LEU A 450 13.49 -6.05 -20.89
CA LEU A 450 14.37 -6.67 -21.87
C LEU A 450 15.82 -6.24 -21.76
N MET A 451 16.17 -5.39 -20.81
CA MET A 451 17.59 -5.14 -20.62
C MET A 451 18.22 -6.24 -19.78
N PRO A 452 19.49 -6.57 -20.04
CA PRO A 452 20.16 -7.57 -19.21
C PRO A 452 20.32 -7.07 -17.78
N HIS A 453 20.35 -8.00 -16.84
CA HIS A 453 20.48 -7.63 -15.45
C HIS A 453 21.87 -7.08 -15.14
N ALA A 454 22.88 -7.50 -15.89
CA ALA A 454 24.24 -7.01 -15.68
C ALA A 454 25.04 -7.21 -16.97
N TYR A 455 26.19 -6.56 -17.01
CA TYR A 455 27.11 -6.61 -18.13
C TYR A 455 28.52 -6.83 -17.58
N PRO A 456 29.46 -7.22 -18.42
CA PRO A 456 30.86 -7.26 -17.96
C PRO A 456 31.32 -5.89 -17.50
N ALA A 457 32.23 -5.89 -16.53
CA ALA A 457 32.61 -4.66 -15.87
C ALA A 457 33.13 -3.61 -16.85
N ALA A 458 33.79 -4.05 -17.93
CA ALA A 458 34.35 -3.14 -18.91
C ALA A 458 33.36 -2.77 -20.01
N TYR A 459 32.16 -3.33 -20.00
CA TYR A 459 31.21 -3.09 -21.09
C TYR A 459 30.37 -1.87 -20.77
N ASN A 460 30.97 -0.69 -20.94
CA ASN A 460 30.26 0.58 -20.90
C ASN A 460 30.06 1.07 -22.33
N ASP A 461 29.56 2.29 -22.46
CA ASP A 461 29.36 2.98 -23.73
C ASP A 461 28.82 2.05 -24.81
N TRP A 462 27.65 1.49 -24.54
CA TRP A 462 27.01 0.60 -25.50
C TRP A 462 26.61 1.40 -26.74
N GLY A 463 27.04 0.91 -27.91
CA GLY A 463 26.69 1.59 -29.15
C GLY A 463 25.20 1.56 -29.44
N TRP A 464 24.55 0.42 -29.16
CA TRP A 464 23.14 0.26 -29.48
C TRP A 464 22.24 1.16 -28.65
N LEU A 465 22.69 1.59 -27.48
CA LEU A 465 21.86 2.40 -26.61
C LEU A 465 21.64 3.80 -27.20
N GLY A 466 20.45 4.34 -26.96
CA GLY A 466 20.18 5.72 -27.30
C GLY A 466 19.65 5.94 -28.69
N ASP A 467 20.54 6.34 -29.60
CA ASP A 467 20.13 6.68 -30.96
C ASP A 467 19.53 5.50 -31.71
N LEU A 468 19.75 4.27 -31.24
CA LEU A 468 19.08 3.11 -31.83
C LEU A 468 18.10 2.45 -30.88
N LEU A 469 18.55 2.00 -29.70
CA LEU A 469 17.66 1.24 -28.84
C LEU A 469 16.53 2.10 -28.28
N ASP A 470 16.88 3.27 -27.73
CA ASP A 470 15.84 4.17 -27.24
C ASP A 470 14.95 4.65 -28.38
N SER A 471 15.55 4.97 -29.52
CA SER A 471 14.76 5.38 -30.68
C SER A 471 13.87 4.25 -31.17
N ALA A 472 14.40 3.03 -31.22
CA ALA A 472 13.60 1.90 -31.68
C ALA A 472 12.43 1.63 -30.73
N ILE A 473 12.65 1.80 -29.43
CA ILE A 473 11.60 1.52 -28.45
C ILE A 473 10.64 2.68 -28.25
N SER A 474 11.01 3.88 -28.71
CA SER A 474 10.20 5.07 -28.45
C SER A 474 8.95 5.17 -29.32
N MET A 475 8.77 4.32 -30.32
CA MET A 475 7.62 4.47 -31.20
C MET A 475 6.58 3.37 -31.02
N LEU A 476 6.90 2.30 -30.30
CA LEU A 476 5.87 1.39 -29.80
C LEU A 476 4.85 2.06 -28.87
N PRO A 477 5.23 2.90 -27.90
CA PRO A 477 4.25 3.40 -26.93
C PRO A 477 3.06 4.08 -27.61
N GLY A 478 1.88 3.48 -27.44
CA GLY A 478 0.70 3.97 -28.12
C GLY A 478 0.92 3.96 -29.62
N VAL A 479 0.48 5.02 -30.28
CA VAL A 479 0.80 5.24 -31.68
C VAL A 479 1.30 6.68 -31.84
N GLY A 480 1.75 7.26 -30.72
CA GLY A 480 2.29 8.61 -30.74
C GLY A 480 3.64 8.63 -31.42
N THR A 481 3.64 8.40 -32.74
CA THR A 481 4.84 8.17 -33.52
C THR A 481 4.86 9.11 -34.71
N VAL A 482 6.01 9.71 -34.98
CA VAL A 482 6.20 10.60 -36.13
C VAL A 482 7.03 9.92 -37.21
N TYR A 483 8.26 9.52 -36.89
CA TYR A 483 9.09 8.80 -37.84
C TYR A 483 8.48 7.43 -38.14
N ASN A 484 8.38 7.09 -39.43
CA ASN A 484 7.70 5.88 -39.83
C ASN A 484 8.33 4.64 -39.21
N ILE A 485 9.60 4.38 -39.53
CA ILE A 485 10.33 3.26 -38.97
C ILE A 485 11.73 3.73 -38.58
N ALA A 486 12.15 3.38 -37.37
CA ALA A 486 13.49 3.75 -36.90
C ALA A 486 14.50 2.64 -37.17
N LYS A 487 14.28 1.46 -36.59
CA LYS A 487 15.15 0.31 -36.79
C LYS A 487 14.46 -0.95 -36.25
N PRO A 488 14.49 -2.06 -37.00
CA PRO A 488 13.92 -3.30 -36.47
C PRO A 488 14.66 -3.77 -35.23
N LEU A 489 13.91 -4.35 -34.30
CA LEU A 489 14.45 -4.82 -33.03
C LEU A 489 14.36 -6.34 -32.97
N ILE A 490 15.48 -6.99 -32.69
CA ILE A 490 15.56 -8.44 -32.61
C ILE A 490 15.99 -8.83 -31.20
N LYS A 491 15.85 -10.13 -30.90
CA LYS A 491 16.15 -10.63 -29.57
C LYS A 491 17.65 -10.83 -29.42
N PRO A 492 18.30 -10.15 -28.47
CA PRO A 492 19.75 -10.32 -28.29
C PRO A 492 20.07 -11.64 -27.60
N ALA A 493 21.34 -12.03 -27.72
CA ALA A 493 21.86 -13.24 -27.08
C ALA A 493 23.12 -12.86 -26.31
N TRP A 494 22.99 -12.71 -24.99
CA TRP A 494 24.11 -12.28 -24.15
C TRP A 494 24.81 -13.52 -23.57
N ASN A 495 25.59 -14.17 -24.44
CA ASN A 495 26.36 -15.35 -24.05
C ASN A 495 27.81 -14.93 -23.86
N TRP A 496 28.09 -14.40 -22.66
CA TRP A 496 29.45 -13.93 -22.38
C TRP A 496 30.41 -15.08 -22.13
N LEU A 497 29.89 -16.23 -21.67
CA LEU A 497 30.77 -17.36 -21.39
C LEU A 497 31.37 -17.93 -22.66
N GLY A 498 30.59 -17.99 -23.73
CA GLY A 498 31.03 -18.56 -25.00
C GLY A 498 31.49 -17.57 -26.05
N ASN A 499 31.54 -16.28 -25.73
CA ASN A 499 31.98 -15.25 -26.67
C ASN A 499 31.14 -15.25 -27.94
N LYS A 500 29.82 -15.39 -27.78
CA LYS A 500 28.87 -15.34 -28.89
C LYS A 500 27.81 -14.29 -28.61
N VAL A 501 28.25 -13.10 -28.19
CA VAL A 501 27.34 -12.05 -27.77
C VAL A 501 26.86 -11.26 -28.98
N SER A 502 25.54 -11.11 -29.08
CA SER A 502 24.93 -10.25 -30.09
C SER A 502 23.98 -9.28 -29.40
N ASP A 503 24.00 -8.03 -29.84
CA ASP A 503 23.22 -6.98 -29.21
C ASP A 503 21.78 -7.01 -29.72
N PHE A 504 21.03 -5.96 -29.41
CA PHE A 504 19.61 -5.92 -29.72
C PHE A 504 19.33 -5.86 -31.22
N PHE A 505 20.34 -5.56 -32.03
CA PHE A 505 20.16 -5.41 -33.47
C PHE A 505 20.99 -6.43 -34.25
N GLY A 506 21.51 -7.45 -33.58
CA GLY A 506 22.25 -8.51 -34.24
C GLY A 506 23.72 -8.24 -34.45
N ASN A 507 24.18 -7.02 -34.22
CA ASN A 507 25.59 -6.71 -34.39
C ASN A 507 26.41 -7.46 -33.35
N PRO A 508 27.52 -8.07 -33.72
CA PRO A 508 28.32 -8.81 -32.74
C PRO A 508 29.06 -7.86 -31.81
N VAL A 509 29.50 -8.41 -30.68
CA VAL A 509 30.21 -7.65 -29.66
C VAL A 509 31.56 -8.32 -29.45
N ALA A 510 32.58 -7.82 -30.15
CA ALA A 510 33.93 -8.29 -29.92
C ALA A 510 34.42 -7.86 -28.55
N ARG A 511 35.26 -8.69 -27.94
CA ARG A 511 35.69 -8.44 -26.57
C ARG A 511 36.63 -7.23 -26.53
N ASP A 512 36.25 -6.24 -25.72
CA ASP A 512 37.02 -5.01 -25.57
C ASP A 512 37.98 -5.04 -24.39
N GLY A 513 38.03 -6.15 -23.65
CA GLY A 513 38.92 -6.26 -22.51
C GLY A 513 39.56 -7.63 -22.37
N ALA B 66 0.45 -2.40 -32.41
CA ALA B 66 -0.64 -1.68 -33.04
C ALA B 66 -1.85 -2.59 -33.26
N VAL B 67 -1.64 -3.89 -33.09
CA VAL B 67 -2.70 -4.88 -33.25
C VAL B 67 -2.52 -5.94 -32.18
N VAL B 68 -3.65 -6.43 -31.66
CA VAL B 68 -3.62 -7.43 -30.59
C VAL B 68 -3.03 -8.73 -31.13
N THR B 69 -2.09 -9.31 -30.40
CA THR B 69 -1.45 -10.54 -30.82
C THR B 69 -2.36 -11.73 -30.51
N ALA B 70 -1.93 -12.92 -30.93
CA ALA B 70 -2.70 -14.13 -30.64
C ALA B 70 -2.64 -14.49 -29.17
N ALA B 71 -1.47 -14.35 -28.55
CA ALA B 71 -1.34 -14.67 -27.13
C ALA B 71 -2.19 -13.74 -26.27
N GLY B 72 -2.20 -12.45 -26.62
CA GLY B 72 -3.05 -11.52 -25.88
C GLY B 72 -4.51 -11.86 -26.00
N LEU B 73 -4.96 -12.23 -27.20
CA LEU B 73 -6.35 -12.64 -27.38
C LEU B 73 -6.67 -13.89 -26.59
N ALA B 74 -5.76 -14.86 -26.58
CA ALA B 74 -6.00 -16.08 -25.82
C ALA B 74 -6.09 -15.78 -24.32
N TRP B 75 -5.20 -14.94 -23.82
CA TRP B 75 -5.26 -14.57 -22.41
C TRP B 75 -6.56 -13.85 -22.09
N LEU B 76 -6.98 -12.94 -22.97
CA LEU B 76 -8.22 -12.22 -22.73
C LEU B 76 -9.41 -13.16 -22.70
N ARG B 77 -9.45 -14.12 -23.63
CA ARG B 77 -10.55 -15.07 -23.66
C ARG B 77 -10.58 -15.95 -22.42
N GLN B 78 -9.40 -16.41 -21.97
CA GLN B 78 -9.38 -17.23 -20.76
C GLN B 78 -9.64 -16.42 -19.50
N TYR B 79 -9.36 -15.12 -19.54
CA TYR B 79 -9.62 -14.27 -18.38
C TYR B 79 -11.09 -13.91 -18.26
N LEU B 80 -11.75 -13.67 -19.39
CA LEU B 80 -13.17 -13.31 -19.37
C LEU B 80 -14.09 -14.51 -19.38
N ASN B 81 -13.65 -15.63 -19.95
CA ASN B 81 -14.46 -16.85 -20.04
C ASN B 81 -13.61 -18.04 -19.60
N PRO B 82 -13.32 -18.15 -18.30
CA PRO B 82 -12.44 -19.24 -17.85
C PRO B 82 -12.98 -20.62 -18.16
N MET B 83 -14.29 -20.83 -18.07
CA MET B 83 -14.88 -22.15 -18.24
C MET B 83 -15.57 -22.30 -19.60
N GLY B 84 -15.20 -21.50 -20.57
CA GLY B 84 -15.69 -21.66 -21.92
C GLY B 84 -15.16 -22.94 -22.53
N PRO B 85 -15.95 -23.56 -23.41
CA PRO B 85 -15.50 -24.83 -24.01
C PRO B 85 -14.24 -24.70 -24.85
N ASP B 86 -14.05 -23.57 -25.51
CA ASP B 86 -12.89 -23.38 -26.38
C ASP B 86 -11.59 -23.17 -25.60
N THR B 87 -11.66 -22.81 -24.32
CA THR B 87 -10.47 -22.54 -23.52
C THR B 87 -9.82 -23.87 -23.15
N THR B 88 -9.04 -24.40 -24.10
CA THR B 88 -8.26 -25.61 -23.89
C THR B 88 -6.81 -25.31 -23.57
N SER B 89 -6.14 -24.54 -24.42
CA SER B 89 -4.78 -24.11 -24.14
C SER B 89 -4.77 -23.10 -23.00
N VAL B 90 -3.63 -23.04 -22.31
CA VAL B 90 -3.46 -22.16 -21.16
C VAL B 90 -2.33 -21.18 -21.47
N THR B 91 -2.58 -19.89 -21.25
CA THR B 91 -1.64 -18.85 -21.60
C THR B 91 -1.43 -17.91 -20.42
N GLY B 92 -0.24 -17.32 -20.36
CA GLY B 92 0.14 -16.48 -19.24
C GLY B 92 -0.25 -15.03 -19.41
N TYR B 93 0.08 -14.25 -18.40
CA TYR B 93 -0.23 -12.82 -18.41
C TYR B 93 0.64 -12.13 -19.45
N PRO B 94 0.06 -11.32 -20.32
CA PRO B 94 0.85 -10.67 -21.39
C PRO B 94 1.58 -9.43 -20.91
N ASP B 95 2.64 -9.63 -20.12
CA ASP B 95 3.47 -8.52 -19.67
C ASP B 95 4.94 -8.70 -20.00
N GLY B 96 5.33 -9.81 -20.62
CA GLY B 96 6.70 -10.04 -21.00
C GLY B 96 7.64 -10.05 -19.81
N SER B 97 7.28 -10.80 -18.76
CA SER B 97 8.04 -10.75 -17.52
C SER B 97 9.46 -11.25 -17.67
N ALA B 98 9.75 -12.05 -18.71
CA ALA B 98 11.08 -12.60 -18.94
C ALA B 98 11.55 -13.42 -17.76
N VAL B 99 10.65 -14.20 -17.18
CA VAL B 99 10.95 -15.11 -16.09
C VAL B 99 10.48 -16.50 -16.48
N THR B 100 11.14 -17.51 -15.93
CA THR B 100 10.70 -18.88 -16.13
C THR B 100 9.43 -19.12 -15.33
N THR B 101 8.35 -19.46 -16.01
CA THR B 101 7.05 -19.58 -15.39
C THR B 101 6.42 -20.93 -15.71
N CYS B 102 5.54 -21.37 -14.81
CA CYS B 102 4.77 -22.60 -14.99
C CYS B 102 3.32 -22.28 -14.66
N ILE B 103 2.42 -22.49 -15.61
CA ILE B 103 1.02 -22.14 -15.44
C ILE B 103 0.25 -23.39 -15.06
N ALA B 104 -0.47 -23.32 -13.95
CA ALA B 104 -1.22 -24.45 -13.42
C ALA B 104 -2.71 -24.16 -13.52
N ASP B 105 -3.46 -25.15 -14.00
CA ASP B 105 -4.91 -25.06 -14.14
C ASP B 105 -5.54 -26.11 -13.24
N TYR B 106 -6.35 -25.66 -12.29
CA TYR B 106 -7.02 -26.54 -11.34
C TYR B 106 -8.51 -26.53 -11.65
N SER B 107 -9.04 -27.68 -12.06
CA SER B 107 -10.46 -27.85 -12.30
C SER B 107 -11.00 -28.82 -11.26
N ASN B 108 -12.00 -28.38 -10.51
CA ASN B 108 -12.53 -29.18 -9.42
C ASN B 108 -14.05 -29.19 -9.49
N THR B 109 -14.63 -30.32 -9.07
CA THR B 109 -16.07 -30.52 -9.08
C THR B 109 -16.52 -31.05 -7.73
N PHE B 110 -17.60 -30.48 -7.20
CA PHE B 110 -18.14 -30.86 -5.91
C PHE B 110 -19.64 -30.96 -6.00
N ASN B 111 -20.21 -31.97 -5.38
CA ASN B 111 -21.65 -32.18 -5.35
C ASN B 111 -22.14 -31.84 -3.95
N VAL B 112 -22.74 -30.66 -3.80
CA VAL B 112 -23.21 -30.18 -2.51
C VAL B 112 -24.71 -30.35 -2.45
N SER B 113 -25.18 -31.00 -1.39
CA SER B 113 -26.60 -31.15 -1.11
C SER B 113 -26.78 -30.94 0.39
N PHE B 114 -27.94 -31.31 0.90
CA PHE B 114 -28.18 -31.16 2.32
C PHE B 114 -27.33 -32.17 3.08
N PRO B 115 -26.44 -31.72 3.98
CA PRO B 115 -25.51 -32.65 4.59
C PRO B 115 -26.22 -33.60 5.54
N PRO B 116 -25.72 -34.81 5.70
CA PRO B 116 -26.24 -35.70 6.74
C PRO B 116 -25.60 -35.36 8.10
N ARG B 117 -26.10 -36.03 9.13
CA ARG B 117 -25.65 -35.72 10.49
C ARG B 117 -24.18 -36.09 10.69
N GLU B 118 -23.67 -37.06 9.92
CA GLU B 118 -22.33 -37.55 10.16
C GLU B 118 -21.27 -36.51 9.81
N ALA B 119 -21.60 -35.57 8.92
CA ALA B 119 -20.65 -34.57 8.44
C ALA B 119 -20.96 -33.18 8.98
N LEU B 120 -21.40 -33.11 10.23
CA LEU B 120 -21.84 -31.85 10.83
C LEU B 120 -21.16 -31.72 12.19
N TYR B 121 -20.38 -30.66 12.37
CA TYR B 121 -19.61 -30.46 13.59
C TYR B 121 -19.98 -29.14 14.25
N CYS B 122 -19.58 -29.01 15.51
CA CYS B 122 -19.90 -27.84 16.31
C CYS B 122 -18.67 -26.94 16.45
N THR B 123 -18.90 -25.63 16.33
CA THR B 123 -17.85 -24.63 16.42
C THR B 123 -17.71 -24.01 17.81
N GLY B 124 -18.60 -24.35 18.74
CA GLY B 124 -18.61 -23.69 20.02
C GLY B 124 -17.43 -24.09 20.89
N SER B 125 -17.48 -23.61 22.13
CA SER B 125 -16.43 -23.93 23.10
C SER B 125 -16.42 -25.40 23.48
N SER B 126 -17.45 -26.16 23.11
CA SER B 126 -17.45 -27.59 23.37
C SER B 126 -16.29 -28.27 22.66
N SER B 127 -16.06 -27.92 21.40
CA SER B 127 -14.92 -28.43 20.64
C SER B 127 -13.71 -27.52 20.74
N SER B 128 -13.35 -27.13 21.96
CA SER B 128 -12.24 -26.20 22.13
C SER B 128 -10.90 -26.92 22.14
N GLU B 129 -10.68 -27.78 23.13
CA GLU B 129 -9.45 -28.57 23.17
C GLU B 129 -9.64 -29.90 22.47
N LYS B 130 -10.70 -30.62 22.83
CA LYS B 130 -11.05 -31.82 22.10
C LYS B 130 -11.32 -31.46 20.65
N PRO B 131 -10.94 -32.31 19.70
CA PRO B 131 -11.18 -31.99 18.28
C PRO B 131 -12.65 -31.93 17.93
N THR B 132 -12.92 -31.72 16.64
CA THR B 132 -14.27 -31.57 16.11
C THR B 132 -15.24 -32.58 16.71
N LEU B 133 -16.40 -32.10 17.15
CA LEU B 133 -17.44 -32.93 17.72
C LEU B 133 -18.67 -32.90 16.82
N VAL B 134 -19.16 -34.09 16.46
CA VAL B 134 -20.40 -34.15 15.70
C VAL B 134 -21.56 -33.67 16.57
N ASP B 135 -22.68 -33.37 15.91
CA ASP B 135 -23.86 -32.92 16.63
C ASP B 135 -24.45 -34.07 17.44
N ALA B 136 -24.73 -33.81 18.72
CA ALA B 136 -25.28 -34.83 19.61
C ALA B 136 -26.77 -35.01 19.34
N ASP B 137 -27.07 -35.38 18.09
CA ASP B 137 -28.43 -35.58 17.62
C ASP B 137 -29.31 -34.36 17.90
N ASN B 138 -28.73 -33.18 17.72
CA ASN B 138 -29.52 -31.98 17.49
C ASN B 138 -29.94 -31.87 16.03
N TYR B 139 -29.69 -32.94 15.27
CA TYR B 139 -30.00 -32.97 13.86
C TYR B 139 -31.51 -32.92 13.58
N ALA B 140 -32.34 -33.10 14.62
CA ALA B 140 -33.78 -32.98 14.42
C ALA B 140 -34.16 -31.57 14.01
N LYS B 141 -33.52 -30.56 14.58
CA LYS B 141 -33.79 -29.18 14.20
C LYS B 141 -33.39 -28.92 12.75
N ILE B 142 -32.26 -29.49 12.31
CA ILE B 142 -31.86 -29.31 10.92
C ILE B 142 -32.78 -30.08 9.99
N ASP B 143 -33.33 -31.21 10.44
CA ASP B 143 -34.38 -31.86 9.67
C ASP B 143 -35.60 -30.97 9.56
N LYS B 144 -35.95 -30.29 10.64
CA LYS B 144 -37.04 -29.31 10.59
C LYS B 144 -36.73 -28.22 9.58
N TRP B 145 -35.46 -27.81 9.47
CA TRP B 145 -35.06 -26.96 8.36
C TRP B 145 -35.42 -27.61 7.03
N SER B 146 -35.09 -28.89 6.89
CA SER B 146 -35.35 -29.61 5.66
C SER B 146 -36.83 -29.77 5.37
N ASN B 147 -37.70 -29.48 6.34
CA ASN B 147 -39.13 -29.50 6.06
C ASN B 147 -39.52 -28.47 5.01
N TYR B 148 -39.00 -27.25 5.11
CA TYR B 148 -39.37 -26.15 4.24
C TYR B 148 -38.21 -25.78 3.32
N ASP B 149 -38.43 -24.72 2.54
CA ASP B 149 -37.41 -24.23 1.63
C ASP B 149 -36.27 -23.57 2.40
N ILE B 150 -35.08 -23.57 1.79
CA ILE B 150 -33.86 -23.12 2.44
C ILE B 150 -33.18 -22.09 1.55
N THR B 151 -32.05 -21.58 2.02
CA THR B 151 -31.24 -20.62 1.30
C THR B 151 -29.80 -21.10 1.29
N LEU B 152 -29.11 -20.91 0.18
CA LEU B 152 -27.73 -21.35 0.03
C LEU B 152 -26.88 -20.20 -0.50
N CYS B 153 -25.94 -19.73 0.31
CA CYS B 153 -25.03 -18.69 -0.09
C CYS B 153 -23.67 -19.28 -0.42
N VAL B 154 -23.05 -18.80 -1.49
CA VAL B 154 -21.66 -19.11 -1.79
C VAL B 154 -20.91 -17.80 -1.87
N LEU B 155 -19.75 -17.75 -1.21
CA LEU B 155 -18.95 -16.53 -1.12
C LEU B 155 -17.55 -16.85 -1.60
N ALA B 156 -17.15 -16.26 -2.72
CA ALA B 156 -15.85 -16.51 -3.32
C ALA B 156 -14.96 -15.31 -2.99
N LEU B 157 -14.21 -15.44 -1.92
CA LEU B 157 -13.14 -14.49 -1.60
C LEU B 157 -11.93 -14.78 -2.47
N PRO B 158 -11.02 -13.83 -2.61
CA PRO B 158 -9.88 -14.03 -3.52
C PRO B 158 -8.81 -14.95 -2.97
N MET B 159 -9.11 -15.70 -1.91
CA MET B 159 -8.16 -16.67 -1.39
C MET B 159 -7.89 -17.76 -2.43
N LEU B 160 -6.62 -18.17 -2.53
CA LEU B 160 -6.24 -19.11 -3.57
C LEU B 160 -6.77 -20.51 -3.29
N ARG B 161 -6.32 -21.12 -2.20
CA ARG B 161 -7.03 -22.27 -1.67
C ARG B 161 -8.27 -21.76 -0.95
N ASN B 162 -9.11 -22.68 -0.48
CA ASN B 162 -10.42 -22.30 0.05
C ASN B 162 -11.15 -21.42 -0.96
N VAL B 163 -11.40 -22.00 -2.14
CA VAL B 163 -11.86 -21.21 -3.28
C VAL B 163 -13.18 -20.53 -2.97
N VAL B 164 -14.13 -21.25 -2.37
CA VAL B 164 -15.42 -20.68 -2.00
C VAL B 164 -15.78 -21.10 -0.59
N MET B 165 -16.72 -20.35 0.00
CA MET B 165 -17.32 -20.66 1.27
C MET B 165 -18.80 -20.92 1.04
N LEU B 166 -19.25 -22.12 1.39
CA LEU B 166 -20.65 -22.47 1.29
C LEU B 166 -21.34 -22.25 2.62
N ARG B 167 -22.60 -21.84 2.56
CA ARG B 167 -23.37 -21.55 3.76
C ARG B 167 -24.82 -21.89 3.49
N LEU B 168 -25.45 -22.54 4.47
CA LEU B 168 -26.83 -23.00 4.37
C LEU B 168 -27.65 -22.37 5.47
N TYR B 169 -28.77 -21.75 5.10
CA TYR B 169 -29.67 -21.03 5.99
C TYR B 169 -31.06 -21.64 5.92
N PRO B 170 -31.79 -21.68 7.04
CA PRO B 170 -33.21 -22.06 6.97
C PRO B 170 -34.03 -21.10 6.14
N HIS B 171 -33.67 -19.82 6.15
CA HIS B 171 -34.36 -18.80 5.37
C HIS B 171 -33.40 -17.65 5.14
N THR B 172 -33.73 -16.80 4.18
CA THR B 172 -32.80 -15.76 3.75
C THR B 172 -32.49 -14.83 4.91
N PRO B 173 -31.22 -14.61 5.23
CA PRO B 173 -30.87 -13.68 6.31
C PRO B 173 -30.88 -12.24 5.82
N THR B 174 -30.93 -11.33 6.79
CA THR B 174 -30.88 -9.91 6.49
C THR B 174 -29.47 -9.42 6.18
N ALA B 175 -28.46 -10.18 6.58
CA ALA B 175 -27.08 -9.78 6.35
C ALA B 175 -26.20 -11.01 6.43
N PHE B 176 -24.98 -10.88 5.89
CA PHE B 176 -23.99 -11.94 5.96
C PHE B 176 -23.25 -11.81 7.29
N ALA B 177 -23.87 -12.35 8.33
CA ALA B 177 -23.31 -12.24 9.67
C ALA B 177 -22.07 -13.11 9.80
N LEU B 178 -21.27 -12.80 10.83
CA LEU B 178 -20.04 -13.53 11.10
C LEU B 178 -19.83 -13.55 12.60
N THR B 179 -19.42 -14.70 13.12
CA THR B 179 -19.31 -14.87 14.56
C THR B 179 -18.20 -14.00 15.12
N GLU B 180 -18.46 -13.39 16.29
CA GLU B 180 -17.47 -12.52 16.92
C GLU B 180 -16.34 -13.31 17.54
N GLN B 181 -16.62 -14.49 18.07
CA GLN B 181 -15.59 -15.37 18.60
C GLN B 181 -15.05 -16.27 17.49
N THR B 182 -13.77 -16.58 17.58
CA THR B 182 -13.14 -17.40 16.57
C THR B 182 -13.73 -18.80 16.58
N PRO B 183 -14.19 -19.33 15.45
CA PRO B 183 -14.75 -20.68 15.43
C PRO B 183 -13.67 -21.72 15.66
N ASN B 184 -14.10 -22.88 16.14
CA ASN B 184 -13.21 -24.00 16.41
C ASN B 184 -13.31 -25.00 15.28
N PHE B 185 -12.18 -25.31 14.66
CA PHE B 185 -12.07 -26.29 13.59
C PHE B 185 -13.06 -26.03 12.45
N PRO B 186 -12.85 -24.99 11.65
CA PRO B 186 -13.63 -24.85 10.43
C PRO B 186 -13.41 -26.04 9.51
N GLN B 187 -14.46 -26.46 8.83
CA GLN B 187 -14.48 -27.74 8.14
C GLN B 187 -14.39 -27.55 6.63
N ARG B 188 -13.62 -28.40 5.97
CA ARG B 188 -13.60 -28.43 4.52
C ARG B 188 -14.90 -29.04 4.01
N PHE B 189 -15.14 -28.87 2.71
CA PHE B 189 -16.50 -28.94 2.16
C PHE B 189 -17.29 -30.17 2.58
N PRO B 190 -16.79 -31.41 2.46
CA PRO B 190 -17.65 -32.56 2.76
C PRO B 190 -18.23 -32.51 4.16
N ASN B 191 -17.51 -31.93 5.12
CA ASN B 191 -18.02 -31.67 6.45
C ASN B 191 -18.50 -30.22 6.56
N TRP B 192 -19.41 -29.99 7.49
CA TRP B 192 -19.91 -28.66 7.75
C TRP B 192 -19.77 -28.34 9.23
N SER B 193 -19.87 -27.06 9.55
CA SER B 193 -19.80 -26.59 10.92
C SER B 193 -21.03 -25.73 11.20
N VAL B 194 -21.63 -25.93 12.37
CA VAL B 194 -22.90 -25.30 12.72
C VAL B 194 -22.62 -24.01 13.48
N TYR B 195 -23.45 -22.99 13.22
CA TYR B 195 -23.42 -21.75 13.96
C TYR B 195 -24.83 -21.45 14.47
N SER B 196 -24.91 -20.87 15.66
CA SER B 196 -26.18 -20.69 16.34
C SER B 196 -27.02 -19.61 15.67
N ALA B 197 -28.29 -19.56 16.06
CA ALA B 197 -29.23 -18.60 15.47
C ALA B 197 -29.00 -17.18 15.98
N ASP B 198 -28.35 -17.02 17.14
CA ASP B 198 -28.10 -15.70 17.70
C ASP B 198 -26.76 -15.13 17.27
N GLY B 199 -26.21 -15.59 16.15
CA GLY B 199 -24.93 -15.10 15.68
C GLY B 199 -23.76 -15.44 16.57
N THR B 200 -23.77 -16.63 17.17
CA THR B 200 -22.68 -17.10 18.00
C THR B 200 -22.32 -18.53 17.58
N ARG B 201 -21.19 -19.00 18.09
CA ARG B 201 -20.78 -20.36 17.82
C ARG B 201 -21.74 -21.35 18.46
N PHE B 202 -21.81 -22.54 17.89
CA PHE B 202 -22.81 -23.53 18.27
C PHE B 202 -22.17 -24.63 19.09
N ASN B 203 -22.71 -24.85 20.29
CA ASN B 203 -22.47 -26.06 21.06
C ASN B 203 -23.71 -26.92 21.02
N ASN B 204 -23.56 -28.17 21.41
CA ASN B 204 -24.71 -29.08 21.44
C ASN B 204 -25.73 -28.59 22.45
N GLY B 205 -26.99 -28.59 22.05
CA GLY B 205 -28.07 -28.08 22.87
C GLY B 205 -28.47 -26.65 22.59
N ASP B 206 -27.80 -25.97 21.66
CA ASP B 206 -28.15 -24.62 21.27
C ASP B 206 -29.20 -24.67 20.16
N GLU B 207 -29.49 -23.51 19.58
CA GLU B 207 -30.39 -23.44 18.43
C GLU B 207 -29.56 -23.21 17.18
N PRO B 208 -29.48 -24.17 16.26
CA PRO B 208 -28.66 -23.97 15.06
C PRO B 208 -29.19 -22.84 14.21
N GLY B 209 -28.28 -22.00 13.73
CA GLY B 209 -28.66 -20.88 12.89
C GLY B 209 -28.34 -21.10 11.43
N TYR B 210 -27.15 -21.63 11.15
CA TYR B 210 -26.76 -21.93 9.77
C TYR B 210 -25.60 -22.90 9.77
N LEU B 211 -25.29 -23.40 8.58
CA LEU B 211 -24.16 -24.29 8.36
C LEU B 211 -23.15 -23.62 7.45
N GLN B 212 -21.87 -23.91 7.69
CA GLN B 212 -20.81 -23.27 6.93
C GLN B 212 -19.72 -24.29 6.60
N SER B 213 -19.13 -24.15 5.42
CA SER B 213 -18.03 -25.03 5.02
C SER B 213 -17.16 -24.29 4.03
N TYR B 214 -15.92 -24.75 3.91
CA TYR B 214 -14.96 -24.20 2.97
C TYR B 214 -14.64 -25.24 1.91
N VAL B 215 -14.61 -24.82 0.65
CA VAL B 215 -14.24 -25.73 -0.43
C VAL B 215 -12.74 -25.57 -0.67
N TYR B 216 -11.99 -26.62 -0.40
CA TYR B 216 -10.54 -26.55 -0.30
C TYR B 216 -9.87 -27.26 -1.47
N LEU B 217 -8.81 -26.65 -2.00
CA LEU B 217 -8.03 -27.24 -3.08
C LEU B 217 -6.65 -27.62 -2.55
N PRO B 218 -6.34 -28.90 -2.40
CA PRO B 218 -5.07 -29.29 -1.80
C PRO B 218 -3.88 -29.13 -2.74
N ASN B 219 -4.09 -29.41 -4.04
CA ASN B 219 -3.01 -29.28 -4.99
C ASN B 219 -2.52 -27.84 -5.08
N VAL B 220 -3.42 -26.87 -4.91
CA VAL B 220 -3.01 -25.48 -4.88
C VAL B 220 -2.05 -25.24 -3.73
N ASP B 221 -2.33 -25.81 -2.57
CA ASP B 221 -1.41 -25.68 -1.43
C ASP B 221 -0.06 -26.32 -1.74
N LYS B 222 -0.08 -27.53 -2.29
CA LYS B 222 1.18 -28.22 -2.59
C LYS B 222 2.03 -27.41 -3.57
N HIS B 223 1.41 -26.86 -4.61
CA HIS B 223 2.16 -26.10 -5.59
C HIS B 223 2.57 -24.73 -5.08
N LEU B 224 1.78 -24.13 -4.20
CA LEU B 224 2.14 -22.84 -3.63
C LEU B 224 3.32 -22.97 -2.67
N SER B 225 3.47 -24.13 -2.03
CA SER B 225 4.63 -24.34 -1.18
C SER B 225 5.92 -24.23 -1.96
N ALA B 226 5.97 -24.82 -3.16
CA ALA B 226 7.17 -24.85 -3.98
C ALA B 226 7.13 -23.81 -5.08
N ALA B 227 7.13 -22.53 -4.71
CA ALA B 227 7.11 -21.46 -5.69
C ALA B 227 7.73 -20.20 -5.13
N ARG B 228 8.59 -19.55 -5.93
CA ARG B 228 9.12 -18.25 -5.55
C ARG B 228 8.03 -17.19 -5.56
N GLY B 229 7.18 -17.22 -6.60
CA GLY B 229 6.14 -16.23 -6.73
C GLY B 229 4.95 -16.81 -7.46
N TYR B 230 3.85 -16.06 -7.43
CA TYR B 230 2.61 -16.51 -8.04
C TYR B 230 1.79 -15.30 -8.47
N ARG B 231 0.82 -15.56 -9.33
CA ARG B 231 -0.22 -14.58 -9.62
C ARG B 231 -1.41 -15.31 -10.21
N LEU B 232 -2.60 -14.88 -9.82
CA LEU B 232 -3.82 -15.50 -10.30
C LEU B 232 -4.12 -15.00 -11.71
N LEU B 233 -4.28 -15.92 -12.65
CA LEU B 233 -4.56 -15.52 -14.02
C LEU B 233 -6.06 -15.40 -14.27
N SER B 234 -6.83 -16.42 -13.90
CA SER B 234 -8.28 -16.28 -13.98
C SER B 234 -8.93 -17.31 -13.07
N ARG B 235 -10.18 -17.05 -12.73
CA ARG B 235 -10.94 -17.94 -11.86
C ARG B 235 -12.42 -17.85 -12.21
N GLY B 236 -13.03 -19.00 -12.39
CA GLY B 236 -14.45 -19.07 -12.69
C GLY B 236 -15.12 -20.14 -11.86
N ILE B 237 -16.38 -19.88 -11.50
CA ILE B 237 -17.16 -20.77 -10.65
C ILE B 237 -18.49 -21.02 -11.31
N THR B 238 -18.84 -22.28 -11.52
CA THR B 238 -20.08 -22.68 -12.17
C THR B 238 -20.95 -23.42 -11.17
N GLY B 239 -22.26 -23.20 -11.26
CA GLY B 239 -23.20 -23.60 -10.22
C GLY B 239 -24.34 -24.48 -10.67
N ILE B 240 -24.07 -25.53 -11.45
CA ILE B 240 -25.13 -26.32 -12.06
C ILE B 240 -26.15 -26.75 -11.01
N PHE B 241 -27.38 -26.31 -11.14
CA PHE B 241 -28.40 -26.55 -10.13
C PHE B 241 -29.39 -27.59 -10.61
N SER B 242 -29.80 -28.48 -9.70
CA SER B 242 -30.81 -29.47 -10.03
C SER B 242 -31.66 -29.73 -8.80
N ALA B 243 -32.88 -30.20 -9.04
CA ALA B 243 -33.82 -30.47 -7.97
C ALA B 243 -34.83 -31.48 -8.48
N PRO B 244 -35.54 -32.18 -7.60
CA PRO B 244 -36.57 -33.12 -8.05
C PRO B 244 -37.65 -32.39 -8.83
N ALA B 245 -38.31 -33.13 -9.72
CA ALA B 245 -39.40 -32.56 -10.49
C ALA B 245 -40.49 -32.04 -9.56
N LEU B 246 -41.14 -30.95 -9.97
CA LEU B 246 -42.11 -30.20 -9.19
C LEU B 246 -41.50 -29.57 -7.94
N GLU B 247 -40.18 -29.43 -7.89
CA GLU B 247 -39.50 -28.77 -6.78
C GLU B 247 -38.39 -27.87 -7.30
N THR B 248 -38.63 -27.25 -8.45
CA THR B 248 -37.63 -26.42 -9.11
C THR B 248 -37.73 -24.95 -8.75
N GLN B 249 -38.62 -24.59 -7.82
CA GLN B 249 -38.82 -23.20 -7.46
C GLN B 249 -37.60 -22.64 -6.72
N GLY B 250 -37.40 -21.33 -6.85
CA GLY B 250 -36.27 -20.67 -6.25
C GLY B 250 -35.68 -19.60 -7.16
N PHE B 251 -34.80 -18.76 -6.62
CA PHE B 251 -34.17 -17.69 -7.38
C PHE B 251 -32.67 -17.70 -7.11
N VAL B 252 -31.90 -17.21 -8.09
CA VAL B 252 -30.45 -17.13 -7.96
C VAL B 252 -30.02 -15.71 -8.25
N THR B 253 -29.13 -15.19 -7.42
CA THR B 253 -28.56 -13.86 -7.55
C THR B 253 -27.05 -13.98 -7.43
N ALA B 254 -26.32 -13.17 -8.19
CA ALA B 254 -24.87 -13.20 -8.15
C ALA B 254 -24.32 -11.80 -8.34
N CYS B 255 -23.24 -11.49 -7.64
CA CYS B 255 -22.65 -10.16 -7.73
C CYS B 255 -21.17 -10.22 -7.41
N GLN B 256 -20.38 -9.45 -8.15
CA GLN B 256 -18.96 -9.27 -7.88
C GLN B 256 -18.70 -7.85 -7.44
N TYR B 257 -17.80 -7.68 -6.48
CA TYR B 257 -17.36 -6.35 -6.12
C TYR B 257 -16.00 -6.44 -5.44
N LEU B 258 -15.22 -5.38 -5.60
CA LEU B 258 -13.86 -5.36 -5.07
C LEU B 258 -13.89 -5.12 -3.57
N ALA B 259 -13.35 -6.06 -2.81
CA ALA B 259 -13.16 -5.92 -1.36
C ALA B 259 -11.64 -5.94 -1.15
N GLU B 260 -11.02 -4.77 -1.23
CA GLU B 260 -9.56 -4.67 -1.23
C GLU B 260 -9.07 -4.89 0.19
N GLY B 261 -8.62 -6.11 0.48
CA GLY B 261 -8.10 -6.42 1.79
C GLY B 261 -6.69 -5.90 1.98
N SER B 262 -6.25 -5.94 3.24
CA SER B 262 -4.91 -5.48 3.56
C SER B 262 -4.47 -6.10 4.87
N ILE B 263 -3.16 -6.05 5.13
CA ILE B 263 -2.62 -6.59 6.37
C ILE B 263 -2.83 -5.56 7.46
N GLN B 264 -3.72 -5.87 8.40
CA GLN B 264 -4.08 -4.98 9.49
C GLN B 264 -4.08 -5.75 10.79
N SER B 265 -3.90 -5.04 11.89
CA SER B 265 -3.95 -5.60 13.23
C SER B 265 -4.98 -4.83 14.05
N GLN B 266 -5.87 -5.56 14.72
CA GLN B 266 -6.89 -4.89 15.51
C GLN B 266 -6.30 -4.40 16.83
N SER B 267 -7.02 -3.46 17.45
CA SER B 267 -6.61 -2.85 18.70
C SER B 267 -7.16 -3.67 19.86
N ILE B 268 -6.25 -4.20 20.68
CA ILE B 268 -6.65 -4.98 21.85
C ILE B 268 -6.07 -4.34 23.09
N LYS B 269 -6.35 -4.91 24.26
CA LYS B 269 -5.91 -4.35 25.53
C LYS B 269 -5.11 -5.39 26.31
N SER B 270 -4.13 -4.91 27.05
CA SER B 270 -3.35 -5.77 27.93
C SER B 270 -4.01 -5.81 29.32
N ASP B 271 -3.43 -6.59 30.22
CA ASP B 271 -3.98 -6.78 31.55
C ASP B 271 -3.05 -6.16 32.58
N ALA B 272 -3.59 -5.27 33.40
CA ALA B 272 -2.83 -4.59 34.44
C ALA B 272 -2.63 -5.52 35.63
N VAL B 273 -1.41 -5.58 36.14
CA VAL B 273 -1.11 -6.41 37.29
C VAL B 273 -1.50 -5.68 38.56
N ARG B 274 -2.04 -6.42 39.53
CA ARG B 274 -2.51 -5.86 40.80
C ARG B 274 -2.01 -6.77 41.92
N SER B 275 -0.89 -6.40 42.52
CA SER B 275 -0.28 -7.16 43.60
C SER B 275 -0.34 -6.34 44.88
N VAL B 276 -0.85 -6.94 45.94
CA VAL B 276 -0.94 -6.31 47.26
C VAL B 276 -0.09 -7.12 48.21
N THR B 277 1.12 -6.65 48.48
CA THR B 277 2.02 -7.31 49.43
C THR B 277 1.74 -6.77 50.82
N VAL B 278 1.25 -7.63 51.70
CA VAL B 278 0.84 -7.25 53.05
C VAL B 278 1.84 -7.73 54.10
N ASN B 279 2.95 -8.32 53.68
CA ASN B 279 3.93 -8.81 54.62
C ASN B 279 4.58 -7.64 55.38
N SER B 280 5.11 -7.95 56.56
CA SER B 280 5.69 -6.92 57.42
C SER B 280 6.85 -6.22 56.72
N ASP B 281 7.76 -7.00 56.14
CA ASP B 281 8.82 -6.44 55.31
C ASP B 281 8.47 -6.41 53.83
N GLY B 282 7.56 -7.28 53.38
CA GLY B 282 7.09 -7.23 52.02
C GLY B 282 5.85 -6.38 51.87
N THR B 283 6.03 -5.13 51.45
CA THR B 283 4.94 -4.18 51.26
C THR B 283 5.12 -3.42 49.96
N VAL B 284 5.47 -4.15 48.89
CA VAL B 284 5.78 -3.52 47.61
C VAL B 284 4.54 -2.83 47.05
N LYS B 285 3.43 -3.55 46.99
CA LYS B 285 2.16 -3.03 46.44
C LYS B 285 2.38 -2.49 45.02
N ASN B 286 2.73 -3.41 44.12
CA ASN B 286 2.89 -3.06 42.71
C ASN B 286 1.51 -2.97 42.07
N VAL B 287 0.98 -1.76 41.99
CA VAL B 287 -0.34 -1.53 41.43
C VAL B 287 -0.26 -1.02 39.99
N GLU B 288 0.87 -1.25 39.33
CA GLU B 288 1.12 -0.68 38.02
C GLU B 288 0.04 -1.11 37.02
N SER B 289 -0.33 -0.20 36.13
CA SER B 289 -1.42 -0.42 35.18
C SER B 289 -0.81 -0.82 33.84
N SER B 290 -0.76 -2.12 33.58
CA SER B 290 -0.37 -2.64 32.28
C SER B 290 -1.53 -2.66 31.30
N SER B 291 -2.73 -2.26 31.72
CA SER B 291 -3.90 -2.30 30.87
C SER B 291 -3.87 -1.17 29.85
N GLN B 292 -2.92 -1.23 28.93
CA GLN B 292 -2.83 -0.27 27.84
C GLN B 292 -3.35 -0.89 26.55
N THR B 293 -3.48 -0.05 25.53
CA THR B 293 -3.99 -0.47 24.23
C THR B 293 -2.82 -0.77 23.31
N VAL B 294 -2.80 -1.99 22.76
CA VAL B 294 -1.74 -2.44 21.88
C VAL B 294 -2.38 -3.01 20.61
N SER B 295 -1.52 -3.46 19.70
CA SER B 295 -1.96 -4.04 18.43
C SER B 295 -1.88 -5.56 18.51
N SER B 296 -2.87 -6.23 17.94
CA SER B 296 -2.94 -7.68 17.96
C SER B 296 -2.06 -8.25 16.85
N MET B 297 -2.18 -9.55 16.62
CA MET B 297 -1.43 -10.20 15.56
C MET B 297 -1.90 -9.68 14.20
N PRO B 298 -0.97 -9.40 13.29
CA PRO B 298 -1.38 -8.95 11.95
C PRO B 298 -2.12 -10.05 11.20
N ARG B 299 -3.19 -9.66 10.53
CA ARG B 299 -4.01 -10.57 9.76
C ARG B 299 -4.40 -9.90 8.47
N TYR B 300 -4.69 -10.70 7.43
CA TYR B 300 -5.20 -10.14 6.19
C TYR B 300 -6.70 -9.93 6.34
N VAL B 301 -7.13 -8.67 6.38
CA VAL B 301 -8.51 -8.32 6.65
C VAL B 301 -9.16 -7.86 5.34
N PHE B 302 -10.34 -8.40 5.08
CA PHE B 302 -11.18 -8.12 3.93
C PHE B 302 -12.29 -7.16 4.32
N PRO B 303 -12.46 -6.04 3.61
CA PRO B 303 -13.54 -5.11 3.91
C PRO B 303 -14.84 -5.46 3.20
N LEU B 304 -15.26 -6.72 3.29
CA LEU B 304 -16.52 -7.13 2.71
C LEU B 304 -17.66 -6.65 3.61
N ASP B 305 -18.66 -6.01 2.99
CA ASP B 305 -19.77 -5.43 3.75
C ASP B 305 -20.77 -6.54 4.04
N GLY B 306 -20.57 -7.22 5.17
CA GLY B 306 -21.49 -8.28 5.54
C GLY B 306 -22.90 -7.77 5.77
N ASP B 307 -23.03 -6.56 6.32
CA ASP B 307 -24.35 -5.99 6.58
C ASP B 307 -25.08 -5.64 5.29
N ASN B 308 -24.35 -5.47 4.18
CA ASN B 308 -24.95 -5.10 2.90
C ASN B 308 -24.82 -6.21 1.87
N CYS B 309 -24.64 -7.45 2.31
CA CYS B 309 -24.50 -8.59 1.41
C CYS B 309 -25.81 -9.32 1.19
N ALA B 310 -26.92 -8.79 1.68
CA ALA B 310 -28.21 -9.41 1.41
C ALA B 310 -28.51 -9.37 -0.08
N PRO B 311 -29.25 -10.35 -0.60
CA PRO B 311 -29.47 -10.40 -2.06
C PRO B 311 -30.13 -9.16 -2.63
N SER B 312 -31.16 -8.63 -1.97
CA SER B 312 -31.89 -7.50 -2.52
C SER B 312 -31.01 -6.27 -2.62
N SER B 313 -30.19 -6.01 -1.60
CA SER B 313 -29.30 -4.86 -1.63
C SER B 313 -28.29 -4.99 -2.76
N LEU B 314 -27.75 -6.19 -2.96
CA LEU B 314 -26.81 -6.40 -4.05
C LEU B 314 -27.48 -6.19 -5.40
N THR B 315 -28.71 -6.67 -5.56
CA THR B 315 -29.41 -6.45 -6.83
C THR B 315 -29.65 -4.97 -7.09
N GLU B 316 -30.08 -4.23 -6.06
CA GLU B 316 -30.40 -2.83 -6.29
C GLU B 316 -29.17 -1.92 -6.27
N THR B 317 -28.00 -2.44 -5.90
CA THR B 317 -26.80 -1.62 -5.86
C THR B 317 -25.98 -1.71 -7.14
N TYR B 318 -25.78 -2.92 -7.65
CA TYR B 318 -24.90 -3.16 -8.79
C TYR B 318 -25.74 -3.43 -10.03
N HIS B 319 -25.45 -2.71 -11.12
CA HIS B 319 -26.23 -2.87 -12.34
C HIS B 319 -25.90 -4.17 -13.06
N GLN B 320 -24.67 -4.64 -12.95
CA GLN B 320 -24.25 -5.86 -13.63
C GLN B 320 -24.55 -7.12 -12.83
N ALA B 321 -25.21 -6.99 -11.68
CA ALA B 321 -25.58 -8.16 -10.90
C ALA B 321 -26.51 -9.06 -11.72
N TYR B 322 -26.36 -10.35 -11.53
CA TYR B 322 -27.09 -11.35 -12.31
C TYR B 322 -28.23 -11.91 -11.48
N GLN B 323 -29.42 -11.98 -12.06
CA GLN B 323 -30.59 -12.55 -11.41
C GLN B 323 -31.27 -13.50 -12.37
N SER B 324 -31.76 -14.63 -11.84
CA SER B 324 -32.47 -15.58 -12.69
C SER B 324 -33.20 -16.58 -11.80
N LYS B 325 -33.85 -17.53 -12.43
CA LYS B 325 -34.45 -18.64 -11.70
C LYS B 325 -33.37 -19.59 -11.22
N ALA B 326 -33.70 -20.35 -10.17
CA ALA B 326 -32.72 -21.23 -9.56
C ALA B 326 -32.22 -22.27 -10.55
N THR B 327 -33.11 -22.81 -11.38
CA THR B 327 -32.73 -23.87 -12.31
C THR B 327 -31.69 -23.40 -13.32
N ASP B 328 -31.53 -22.10 -13.52
CA ASP B 328 -30.53 -21.61 -14.45
C ASP B 328 -29.11 -21.74 -13.92
N GLY B 329 -28.95 -21.93 -12.62
CA GLY B 329 -27.61 -21.99 -12.08
C GLY B 329 -26.92 -20.64 -12.20
N PHE B 330 -25.60 -20.69 -12.17
CA PHE B 330 -24.82 -19.47 -12.35
C PHE B 330 -23.45 -19.84 -12.90
N TYR B 331 -22.78 -18.83 -13.45
CA TYR B 331 -21.42 -19.00 -13.96
C TYR B 331 -20.73 -17.64 -13.78
N MET B 332 -19.90 -17.54 -12.75
CA MET B 332 -19.25 -16.30 -12.38
C MET B 332 -17.80 -16.34 -12.81
N PRO B 333 -17.40 -15.63 -13.85
CA PRO B 333 -15.99 -15.44 -14.15
C PRO B 333 -15.39 -14.30 -13.36
N VAL B 334 -14.89 -14.53 -12.14
CA VAL B 334 -14.44 -13.42 -11.31
C VAL B 334 -13.33 -12.66 -12.02
N LEU B 335 -13.36 -11.33 -11.87
CA LEU B 335 -12.51 -10.44 -12.64
C LEU B 335 -11.60 -9.63 -11.72
N SER B 336 -10.43 -9.29 -12.22
CA SER B 336 -9.52 -8.41 -11.51
C SER B 336 -10.01 -6.97 -11.57
N SER B 337 -9.62 -6.18 -10.57
CA SER B 337 -10.01 -4.78 -10.50
C SER B 337 -8.91 -3.84 -10.93
N SER B 338 -7.76 -4.36 -11.38
CA SER B 338 -6.64 -3.54 -11.79
C SER B 338 -6.14 -4.02 -13.15
N ARG B 339 -5.28 -3.21 -13.76
CA ARG B 339 -4.69 -3.55 -15.05
C ARG B 339 -3.32 -4.20 -14.93
N ASP B 340 -2.68 -4.12 -13.77
CA ASP B 340 -1.37 -4.73 -13.54
C ASP B 340 -1.53 -5.90 -12.59
N ASN B 341 -0.87 -7.01 -12.92
CA ASN B 341 -0.95 -8.25 -12.16
C ASN B 341 0.46 -8.74 -11.90
N PRO B 342 1.15 -8.15 -10.93
CA PRO B 342 2.54 -8.53 -10.67
C PRO B 342 2.63 -9.81 -9.85
N PHE B 343 3.79 -10.44 -9.93
CA PHE B 343 4.07 -11.62 -9.12
C PHE B 343 4.20 -11.25 -7.66
N HIS B 344 3.81 -12.17 -6.79
CA HIS B 344 3.93 -11.98 -5.36
C HIS B 344 4.48 -13.25 -4.73
N PRO B 345 5.28 -13.14 -3.69
CA PRO B 345 5.76 -14.33 -2.99
C PRO B 345 4.65 -14.92 -2.15
N PRO B 346 4.56 -16.24 -2.05
CA PRO B 346 3.54 -16.86 -1.20
C PRO B 346 3.76 -16.50 0.26
N GLN B 347 2.80 -15.78 0.82
CA GLN B 347 2.86 -15.29 2.20
C GLN B 347 1.53 -15.58 2.88
N PRO B 348 1.24 -16.83 3.20
CA PRO B 348 -0.03 -17.15 3.85
C PRO B 348 -0.15 -16.46 5.20
N ARG B 349 -1.37 -15.99 5.50
CA ARG B 349 -1.67 -15.29 6.73
C ARG B 349 -3.08 -15.64 7.16
N ALA B 350 -3.38 -15.41 8.43
CA ALA B 350 -4.72 -15.61 8.93
C ALA B 350 -5.66 -14.60 8.31
N ILE B 351 -6.81 -15.07 7.82
CA ILE B 351 -7.78 -14.22 7.15
C ILE B 351 -8.80 -13.74 8.16
N ALA B 352 -9.26 -12.51 8.00
CA ALA B 352 -10.27 -11.92 8.85
C ALA B 352 -11.13 -10.98 8.02
N VAL B 353 -12.30 -10.64 8.56
CA VAL B 353 -13.26 -9.81 7.85
C VAL B 353 -13.61 -8.61 8.72
N TYR B 354 -13.59 -7.42 8.14
CA TYR B 354 -13.92 -6.21 8.88
C TYR B 354 -15.41 -6.19 9.22
N GLY B 355 -15.73 -5.83 10.44
CA GLY B 355 -17.07 -5.60 10.88
C GLY B 355 -17.41 -4.13 10.92
N SER B 356 -18.17 -3.73 11.93
CA SER B 356 -18.49 -2.34 12.17
C SER B 356 -18.16 -1.98 13.61
N PHE B 357 -17.95 -0.69 13.85
CA PHE B 357 -17.61 -0.19 15.17
C PHE B 357 -18.88 0.11 15.97
N LEU B 358 -18.73 0.11 17.29
CA LEU B 358 -19.85 0.38 18.18
C LEU B 358 -19.67 1.68 18.95
N ALA B 359 -18.56 1.84 19.66
CA ALA B 359 -18.29 3.05 20.41
C ALA B 359 -17.72 4.12 19.49
N ARG B 360 -18.33 5.30 19.51
CA ARG B 360 -17.88 6.37 18.63
C ARG B 360 -16.49 6.85 19.00
N GLY B 361 -16.18 6.91 20.30
CA GLY B 361 -14.85 7.29 20.72
C GLY B 361 -14.52 8.71 20.32
N CYS B 362 -13.37 8.89 19.68
CA CYS B 362 -12.90 10.20 19.28
C CYS B 362 -13.64 10.74 18.06
N LEU B 363 -14.72 10.09 17.62
CA LEU B 363 -15.59 10.70 16.63
C LEU B 363 -16.36 11.88 17.20
N ASP B 364 -16.34 12.06 18.51
CA ASP B 364 -16.90 13.19 19.23
C ASP B 364 -15.82 13.76 20.12
N PRO B 365 -15.92 15.03 20.51
CA PRO B 365 -14.91 15.60 21.42
C PRO B 365 -14.87 14.88 22.75
N VAL B 366 -13.76 14.20 23.03
CA VAL B 366 -13.59 13.41 24.23
C VAL B 366 -12.23 13.72 24.84
N SER B 367 -11.91 13.02 25.92
CA SER B 367 -10.66 13.23 26.65
C SER B 367 -9.59 12.26 26.16
N GLU B 368 -8.41 12.33 26.79
CA GLU B 368 -7.33 11.41 26.44
C GLU B 368 -7.72 9.96 26.70
N ALA B 369 -8.34 9.70 27.85
CA ALA B 369 -8.67 8.33 28.24
C ALA B 369 -9.62 7.67 27.26
N HIS B 370 -10.38 8.46 26.50
CA HIS B 370 -11.31 7.92 25.52
C HIS B 370 -10.75 7.93 24.11
N GLU B 371 -9.48 8.26 23.95
CA GLU B 371 -8.82 8.05 22.66
C GLU B 371 -8.76 6.57 22.30
N ALA B 372 -8.45 5.72 23.28
CA ALA B 372 -8.23 4.30 23.01
C ALA B 372 -9.49 3.64 22.47
N ASP B 373 -10.63 3.86 23.12
CA ASP B 373 -11.86 3.23 22.66
C ASP B 373 -12.52 4.07 21.58
N GLY B 374 -11.76 4.43 20.55
CA GLY B 374 -12.28 5.19 19.44
C GLY B 374 -13.09 4.30 18.52
N PRO B 375 -13.18 4.71 17.25
CA PRO B 375 -13.88 3.85 16.28
C PRO B 375 -13.06 2.64 15.91
N THR B 376 -13.05 1.63 16.79
CA THR B 376 -12.32 0.40 16.54
C THR B 376 -13.30 -0.59 15.90
N HIS B 377 -13.06 -0.93 14.64
CA HIS B 377 -13.95 -1.82 13.92
C HIS B 377 -13.74 -3.26 14.36
N ASP B 378 -14.83 -3.99 14.49
CA ASP B 378 -14.74 -5.40 14.84
C ASP B 378 -14.06 -6.18 13.73
N ILE B 379 -13.18 -7.10 14.11
CA ILE B 379 -12.49 -7.96 13.17
C ILE B 379 -12.91 -9.39 13.48
N TYR B 380 -13.48 -10.06 12.48
CA TYR B 380 -13.99 -11.41 12.63
C TYR B 380 -12.94 -12.38 12.11
N ARG B 381 -12.31 -13.12 13.01
CA ARG B 381 -11.34 -14.13 12.60
C ARG B 381 -12.05 -15.30 11.95
N LEU B 382 -11.56 -15.72 10.79
CA LEU B 382 -12.10 -16.87 10.10
C LEU B 382 -11.44 -18.18 10.51
N ASN B 383 -10.36 -18.12 11.29
CA ASN B 383 -9.59 -19.29 11.68
C ASN B 383 -9.11 -20.08 10.47
N VAL B 384 -8.83 -19.37 9.37
CA VAL B 384 -8.36 -19.97 8.14
C VAL B 384 -7.17 -19.15 7.65
N ALA B 385 -6.09 -19.83 7.31
CA ALA B 385 -4.87 -19.19 6.82
C ALA B 385 -4.77 -19.40 5.32
N ASP B 386 -4.37 -18.35 4.61
CA ASP B 386 -4.27 -18.40 3.17
C ASP B 386 -3.53 -17.17 2.68
N ASP B 387 -3.11 -17.23 1.42
CA ASP B 387 -2.62 -16.06 0.70
C ASP B 387 -3.60 -15.72 -0.40
N VAL B 388 -3.95 -14.45 -0.51
CA VAL B 388 -5.03 -14.02 -1.36
C VAL B 388 -4.47 -13.49 -2.67
N ALA B 389 -5.32 -13.46 -3.68
CA ALA B 389 -4.97 -12.82 -4.93
C ALA B 389 -5.42 -11.37 -4.85
N PRO B 390 -4.50 -10.43 -4.76
CA PRO B 390 -4.90 -9.03 -4.60
C PRO B 390 -5.54 -8.50 -5.86
N LEU B 391 -6.39 -7.48 -5.68
CA LEU B 391 -7.05 -6.75 -6.74
C LEU B 391 -8.07 -7.59 -7.51
N PHE B 392 -8.42 -8.76 -7.01
CA PHE B 392 -9.45 -9.59 -7.63
C PHE B 392 -10.77 -9.41 -6.89
N ASN B 393 -11.86 -9.42 -7.66
CA ASN B 393 -13.17 -9.18 -7.08
C ASN B 393 -13.58 -10.31 -6.16
N THR B 394 -14.37 -9.95 -5.16
CA THR B 394 -15.06 -10.92 -4.32
C THR B 394 -16.44 -11.18 -4.90
N GLY B 395 -16.77 -12.45 -5.11
CA GLY B 395 -18.06 -12.83 -5.64
C GLY B 395 -18.97 -13.36 -4.55
N VAL B 396 -20.27 -13.20 -4.76
CA VAL B 396 -21.25 -13.71 -3.81
C VAL B 396 -22.51 -14.08 -4.57
N VAL B 397 -22.97 -15.31 -4.39
CA VAL B 397 -24.21 -15.77 -5.01
C VAL B 397 -25.14 -16.31 -3.93
N TRP B 398 -26.42 -16.08 -4.14
CA TRP B 398 -27.49 -16.50 -3.23
C TRP B 398 -28.50 -17.32 -4.00
N PHE B 399 -28.85 -18.48 -3.45
CA PHE B 399 -29.95 -19.29 -3.92
C PHE B 399 -31.04 -19.18 -2.87
N GLU B 400 -32.12 -18.48 -3.18
CA GLU B 400 -33.18 -18.21 -2.23
C GLU B 400 -34.41 -19.04 -2.57
N GLY B 401 -35.07 -19.55 -1.52
CA GLY B 401 -36.26 -20.36 -1.70
C GLY B 401 -35.97 -21.65 -2.44
N ILE B 402 -34.93 -22.34 -2.05
CA ILE B 402 -34.49 -23.57 -2.71
C ILE B 402 -35.12 -24.76 -2.01
N SER B 403 -35.54 -25.74 -2.78
CA SER B 403 -36.06 -26.97 -2.20
C SER B 403 -34.95 -27.64 -1.39
N PRO B 404 -35.24 -28.13 -0.19
CA PRO B 404 -34.17 -28.67 0.66
C PRO B 404 -33.45 -29.86 0.05
N LYS B 405 -34.13 -30.67 -0.75
CA LYS B 405 -33.49 -31.81 -1.41
C LYS B 405 -32.93 -31.41 -2.78
N PHE B 406 -32.14 -30.35 -2.79
CA PHE B 406 -31.53 -29.84 -4.01
C PHE B 406 -30.24 -30.60 -4.30
N SER B 407 -29.55 -30.17 -5.37
CA SER B 407 -28.25 -30.73 -5.69
C SER B 407 -27.50 -29.70 -6.53
N LEU B 408 -26.39 -29.19 -6.02
CA LEU B 408 -25.59 -28.20 -6.72
C LEU B 408 -24.26 -28.83 -7.11
N LYS B 409 -23.96 -28.81 -8.39
CA LYS B 409 -22.66 -29.20 -8.90
C LYS B 409 -21.83 -27.94 -9.05
N LEU B 410 -20.89 -27.75 -8.13
CA LEU B 410 -19.96 -26.63 -8.17
C LEU B 410 -18.74 -27.05 -8.99
N LYS B 411 -18.44 -26.29 -10.03
CA LYS B 411 -17.30 -26.55 -10.89
C LYS B 411 -16.42 -25.31 -10.89
N THR B 412 -15.25 -25.40 -10.27
CA THR B 412 -14.36 -24.26 -10.17
C THR B 412 -13.14 -24.49 -11.05
N ARG B 413 -12.77 -23.48 -11.83
CA ARG B 413 -11.54 -23.50 -12.61
C ARG B 413 -10.69 -22.32 -12.18
N THR B 414 -9.49 -22.62 -11.70
CA THR B 414 -8.54 -21.61 -11.24
C THR B 414 -7.24 -21.81 -12.00
N VAL B 415 -6.88 -20.85 -12.83
CA VAL B 415 -5.62 -20.91 -13.57
C VAL B 415 -4.71 -19.80 -13.04
N LEU B 416 -3.51 -20.18 -12.63
CA LEU B 416 -2.59 -19.22 -12.05
C LEU B 416 -1.15 -19.58 -12.42
N GLN B 417 -0.31 -18.55 -12.45
CA GLN B 417 1.07 -18.66 -12.89
C GLN B 417 2.01 -18.78 -11.69
N TYR B 418 3.10 -19.51 -11.88
CA TYR B 418 4.11 -19.69 -10.84
C TYR B 418 5.48 -19.36 -11.39
N ILE B 419 6.36 -18.95 -10.49
CA ILE B 419 7.80 -18.96 -10.73
C ILE B 419 8.36 -20.16 -9.97
N PRO B 420 8.79 -21.21 -10.64
CA PRO B 420 9.21 -22.41 -9.93
C PRO B 420 10.46 -22.20 -9.10
N THR B 421 10.52 -22.89 -7.97
CA THR B 421 11.73 -22.94 -7.16
C THR B 421 12.64 -24.03 -7.69
N SER B 422 13.95 -23.78 -7.66
CA SER B 422 14.92 -24.76 -8.14
C SER B 422 14.76 -26.08 -7.40
N GLY B 423 14.71 -27.16 -8.17
CA GLY B 423 14.55 -28.48 -7.60
C GLY B 423 13.13 -28.85 -7.23
N SER B 424 12.15 -27.99 -7.50
CA SER B 424 10.77 -28.28 -7.17
C SER B 424 10.09 -29.03 -8.31
N VAL B 425 8.86 -29.47 -8.04
CA VAL B 425 8.09 -30.19 -9.06
C VAL B 425 7.78 -29.28 -10.24
N LEU B 426 7.38 -28.04 -9.97
CA LEU B 426 7.00 -27.12 -11.04
C LEU B 426 8.11 -26.93 -12.05
N ALA B 427 9.37 -27.10 -11.64
CA ALA B 427 10.48 -26.92 -12.54
C ALA B 427 10.45 -27.90 -13.72
N ASN B 428 9.71 -28.99 -13.59
CA ASN B 428 9.60 -29.96 -14.68
C ASN B 428 8.50 -29.63 -15.67
N PHE B 429 7.77 -28.53 -15.46
CA PHE B 429 6.67 -28.17 -16.35
C PHE B 429 6.75 -26.72 -16.81
N THR B 430 7.93 -26.11 -16.76
CA THR B 430 8.07 -24.71 -17.12
C THR B 430 7.80 -24.52 -18.61
N ARG B 431 7.51 -23.28 -18.98
CA ARG B 431 7.15 -22.94 -20.35
C ARG B 431 7.55 -21.49 -20.61
N HIS B 432 8.43 -21.28 -21.58
CA HIS B 432 9.03 -19.97 -21.83
C HIS B 432 8.22 -19.27 -22.91
N GLU B 433 7.25 -18.45 -22.48
CA GLU B 433 6.46 -17.64 -23.40
C GLU B 433 6.39 -16.20 -22.91
N PRO B 434 7.52 -15.50 -22.88
CA PRO B 434 7.48 -14.10 -22.45
C PRO B 434 6.88 -13.19 -23.51
N THR B 435 5.61 -13.37 -23.80
CA THR B 435 4.92 -12.53 -24.77
C THR B 435 4.41 -11.27 -24.09
N TYR B 436 4.34 -10.18 -24.85
CA TYR B 436 3.87 -8.91 -24.34
C TYR B 436 2.78 -8.34 -25.24
N ASP B 437 1.74 -7.79 -24.63
CA ASP B 437 0.63 -7.24 -25.41
C ASP B 437 -0.05 -6.15 -24.56
N GLN B 438 0.23 -4.89 -24.88
CA GLN B 438 -0.44 -3.79 -24.19
C GLN B 438 -1.90 -3.67 -24.58
N ILE B 439 -2.23 -4.01 -25.82
CA ILE B 439 -3.60 -3.87 -26.30
C ILE B 439 -4.54 -4.77 -25.51
N ALA B 440 -4.10 -6.01 -25.23
CA ALA B 440 -4.95 -6.93 -24.49
C ALA B 440 -5.23 -6.42 -23.08
N LEU B 441 -4.20 -5.91 -22.40
CA LEU B 441 -4.40 -5.39 -21.05
C LEU B 441 -5.31 -4.17 -21.07
N ASP B 442 -5.11 -3.27 -22.02
CA ASP B 442 -5.98 -2.10 -22.12
C ASP B 442 -7.41 -2.51 -22.44
N ALA B 443 -7.59 -3.55 -23.26
CA ALA B 443 -8.92 -4.05 -23.56
C ALA B 443 -9.58 -4.64 -22.33
N ALA B 444 -8.81 -5.35 -21.51
CA ALA B 444 -9.37 -5.87 -20.26
C ALA B 444 -9.81 -4.73 -19.34
N ASP B 445 -8.98 -3.70 -19.23
CA ASP B 445 -9.34 -2.53 -18.43
C ASP B 445 -10.58 -1.85 -18.99
N ARG B 446 -10.70 -1.81 -20.32
CA ARG B 446 -11.91 -1.37 -20.99
C ARG B 446 -13.13 -2.18 -20.57
N LEU B 447 -13.02 -3.51 -20.65
CA LEU B 447 -14.17 -4.39 -20.53
C LEU B 447 -14.60 -4.63 -19.09
N ARG B 448 -13.73 -4.39 -18.10
CA ARG B 448 -14.06 -4.75 -16.73
C ARG B 448 -15.40 -4.17 -16.27
N ASN B 449 -15.72 -2.97 -16.70
CA ASN B 449 -16.86 -2.25 -16.16
C ASN B 449 -18.17 -2.52 -16.89
N LEU B 450 -18.18 -3.36 -17.92
CA LEU B 450 -19.42 -3.62 -18.65
C LEU B 450 -19.73 -5.09 -18.87
N MET B 451 -18.91 -6.01 -18.38
CA MET B 451 -19.32 -7.39 -18.45
C MET B 451 -20.28 -7.72 -17.31
N PRO B 452 -21.23 -8.62 -17.53
CA PRO B 452 -22.11 -9.04 -16.44
C PRO B 452 -21.33 -9.77 -15.37
N HIS B 453 -21.83 -9.67 -14.13
CA HIS B 453 -21.15 -10.32 -13.02
C HIS B 453 -21.28 -11.83 -13.09
N ALA B 454 -22.33 -12.34 -13.73
CA ALA B 454 -22.52 -13.77 -13.86
C ALA B 454 -23.46 -14.04 -15.03
N TYR B 455 -23.50 -15.29 -15.44
CA TYR B 455 -24.33 -15.78 -16.52
C TYR B 455 -25.00 -17.06 -16.08
N PRO B 456 -26.04 -17.50 -16.78
CA PRO B 456 -26.61 -18.82 -16.48
C PRO B 456 -25.56 -19.90 -16.66
N ALA B 457 -25.70 -20.97 -15.87
CA ALA B 457 -24.67 -21.99 -15.80
C ALA B 457 -24.36 -22.59 -17.16
N ALA B 458 -25.36 -22.70 -18.03
CA ALA B 458 -25.18 -23.28 -19.34
C ALA B 458 -24.75 -22.27 -20.40
N TYR B 459 -24.63 -21.00 -20.06
CA TYR B 459 -24.31 -19.97 -21.04
C TYR B 459 -22.80 -19.83 -21.16
N ASN B 460 -22.19 -20.78 -21.85
CA ASN B 460 -20.80 -20.69 -22.25
C ASN B 460 -20.74 -20.31 -23.73
N ASP B 461 -19.53 -20.34 -24.29
CA ASP B 461 -19.26 -20.10 -25.71
C ASP B 461 -20.11 -18.95 -26.26
N TRP B 462 -19.92 -17.79 -25.67
CA TRP B 462 -20.63 -16.60 -26.13
C TRP B 462 -20.18 -16.24 -27.54
N GLY B 463 -21.15 -16.09 -28.45
CA GLY B 463 -20.80 -15.72 -29.81
C GLY B 463 -20.21 -14.34 -29.92
N TRP B 464 -20.75 -13.38 -29.15
CA TRP B 464 -20.30 -12.00 -29.23
C TRP B 464 -18.87 -11.81 -28.75
N LEU B 465 -18.36 -12.70 -27.90
CA LEU B 465 -17.03 -12.54 -27.35
C LEU B 465 -15.97 -12.75 -28.42
N GLY B 466 -14.87 -12.00 -28.31
CA GLY B 466 -13.71 -12.23 -29.14
C GLY B 466 -13.72 -11.48 -30.46
N ASP B 467 -14.10 -12.17 -31.53
CA ASP B 467 -14.04 -11.58 -32.86
C ASP B 467 -14.96 -10.38 -33.01
N LEU B 468 -15.92 -10.18 -32.10
CA LEU B 468 -16.73 -8.97 -32.12
C LEU B 468 -16.51 -8.11 -30.88
N LEU B 469 -16.73 -8.64 -29.68
CA LEU B 469 -16.66 -7.79 -28.49
C LEU B 469 -15.24 -7.31 -28.23
N ASP B 470 -14.28 -8.23 -28.22
CA ASP B 470 -12.89 -7.84 -28.04
C ASP B 470 -12.42 -6.94 -29.17
N SER B 471 -12.81 -7.28 -30.41
CA SER B 471 -12.44 -6.45 -31.55
C SER B 471 -13.09 -5.07 -31.45
N ALA B 472 -14.37 -5.03 -31.06
CA ALA B 472 -15.05 -3.75 -30.94
C ALA B 472 -14.42 -2.88 -29.86
N ILE B 473 -13.98 -3.49 -28.76
CA ILE B 473 -13.40 -2.73 -27.66
C ILE B 473 -11.93 -2.42 -27.86
N SER B 474 -11.26 -3.10 -28.79
CA SER B 474 -9.82 -2.95 -28.94
C SER B 474 -9.40 -1.66 -29.65
N MET B 475 -10.34 -0.89 -30.21
CA MET B 475 -9.92 0.30 -30.96
C MET B 475 -10.27 1.60 -30.25
N LEU B 476 -11.09 1.55 -29.19
CA LEU B 476 -11.17 2.67 -28.27
C LEU B 476 -9.86 3.04 -27.60
N PRO B 477 -9.05 2.10 -27.08
CA PRO B 477 -7.86 2.51 -26.30
C PRO B 477 -6.96 3.44 -27.07
N GLY B 478 -6.83 4.67 -26.56
CA GLY B 478 -6.08 5.69 -27.26
C GLY B 478 -6.65 5.91 -28.65
N VAL B 479 -5.76 6.05 -29.62
CA VAL B 479 -6.17 6.06 -31.03
C VAL B 479 -5.28 5.08 -31.79
N GLY B 480 -4.67 4.14 -31.06
CA GLY B 480 -3.83 3.13 -31.67
C GLY B 480 -4.68 2.13 -32.43
N THR B 481 -5.27 2.59 -33.53
CA THR B 481 -6.27 1.83 -34.27
C THR B 481 -5.87 1.77 -35.74
N VAL B 482 -6.01 0.60 -36.34
CA VAL B 482 -5.73 0.39 -37.76
C VAL B 482 -7.03 0.24 -38.56
N TYR B 483 -7.84 -0.76 -38.22
CA TYR B 483 -9.13 -0.93 -38.88
C TYR B 483 -10.05 0.24 -38.54
N ASN B 484 -10.68 0.81 -39.57
CA ASN B 484 -11.48 2.02 -39.39
C ASN B 484 -12.60 1.79 -38.39
N ILE B 485 -13.53 0.88 -38.70
CA ILE B 485 -14.63 0.55 -37.80
C ILE B 485 -14.79 -0.97 -37.79
N ALA B 486 -14.90 -1.53 -36.58
CA ALA B 486 -15.09 -2.97 -36.43
C ALA B 486 -16.58 -3.33 -36.34
N LYS B 487 -17.26 -2.82 -35.31
CA LYS B 487 -18.68 -3.05 -35.12
C LYS B 487 -19.22 -2.09 -34.05
N PRO B 488 -20.38 -1.47 -34.30
CA PRO B 488 -20.95 -0.60 -33.26
C PRO B 488 -21.32 -1.39 -32.01
N LEU B 489 -21.14 -0.76 -30.86
CA LEU B 489 -21.40 -1.38 -29.56
C LEU B 489 -22.58 -0.71 -28.89
N ILE B 490 -23.57 -1.51 -28.49
CA ILE B 490 -24.76 -1.00 -27.84
C ILE B 490 -24.86 -1.60 -26.45
N LYS B 491 -25.76 -1.03 -25.65
CA LYS B 491 -25.91 -1.46 -24.26
C LYS B 491 -26.74 -2.73 -24.19
N PRO B 492 -26.21 -3.83 -23.66
CA PRO B 492 -26.99 -5.06 -23.57
C PRO B 492 -28.01 -5.00 -22.44
N ALA B 493 -28.97 -5.92 -22.52
CA ALA B 493 -30.02 -6.06 -21.51
C ALA B 493 -30.08 -7.52 -21.09
N TRP B 494 -29.49 -7.83 -19.93
CA TRP B 494 -29.40 -9.21 -19.44
C TRP B 494 -30.58 -9.48 -18.49
N ASN B 495 -31.75 -9.65 -19.09
CA ASN B 495 -32.97 -9.95 -18.34
C ASN B 495 -33.26 -11.44 -18.48
N TRP B 496 -32.60 -12.24 -17.64
CA TRP B 496 -32.78 -13.67 -17.69
C TRP B 496 -34.10 -14.11 -17.11
N LEU B 497 -34.65 -13.33 -16.17
CA LEU B 497 -35.92 -13.70 -15.54
C LEU B 497 -37.07 -13.65 -16.54
N GLY B 498 -37.08 -12.66 -17.41
CA GLY B 498 -38.14 -12.46 -18.38
C GLY B 498 -37.88 -12.97 -19.78
N ASN B 499 -36.75 -13.63 -20.01
CA ASN B 499 -36.40 -14.17 -21.33
C ASN B 499 -36.40 -13.09 -22.40
N LYS B 500 -35.82 -11.93 -22.08
CA LYS B 500 -35.66 -10.82 -23.01
C LYS B 500 -34.20 -10.39 -23.07
N VAL B 501 -33.32 -11.37 -23.21
CA VAL B 501 -31.88 -11.13 -23.15
C VAL B 501 -31.39 -10.70 -24.52
N SER B 502 -30.65 -9.58 -24.56
CA SER B 502 -29.97 -9.12 -25.75
C SER B 502 -28.51 -8.87 -25.42
N ASP B 503 -27.62 -9.29 -26.33
CA ASP B 503 -26.19 -9.20 -26.09
C ASP B 503 -25.69 -7.80 -26.40
N PHE B 504 -24.36 -7.65 -26.46
CA PHE B 504 -23.75 -6.34 -26.62
C PHE B 504 -24.03 -5.72 -27.99
N PHE B 505 -24.52 -6.50 -28.94
CA PHE B 505 -24.76 -6.01 -30.30
C PHE B 505 -26.23 -6.11 -30.69
N GLY B 506 -27.11 -6.32 -29.71
CA GLY B 506 -28.54 -6.36 -29.96
C GLY B 506 -29.09 -7.69 -30.41
N ASN B 507 -28.23 -8.65 -30.74
CA ASN B 507 -28.72 -9.96 -31.15
C ASN B 507 -29.39 -10.66 -29.98
N PRO B 508 -30.55 -11.28 -30.19
CA PRO B 508 -31.23 -11.94 -29.07
C PRO B 508 -30.52 -13.23 -28.68
N VAL B 509 -30.83 -13.70 -27.48
CA VAL B 509 -30.22 -14.90 -26.92
C VAL B 509 -31.37 -15.87 -26.60
N ALA B 510 -31.66 -16.76 -27.53
CA ALA B 510 -32.63 -17.82 -27.27
C ALA B 510 -32.08 -18.79 -26.24
N ARG B 511 -32.98 -19.35 -25.43
CA ARG B 511 -32.56 -20.21 -24.33
C ARG B 511 -32.00 -21.52 -24.87
N ASP B 512 -30.75 -21.83 -24.50
CA ASP B 512 -30.07 -23.04 -24.93
C ASP B 512 -30.19 -24.18 -23.93
N GLY B 513 -30.89 -23.97 -22.83
CA GLY B 513 -31.05 -25.01 -21.82
C GLY B 513 -32.45 -25.05 -21.22
N ALA C 66 -12.30 9.39 -28.59
CA ALA C 66 -11.36 10.21 -29.36
C ALA C 66 -11.56 11.68 -29.08
N VAL C 67 -12.66 12.01 -28.43
CA VAL C 67 -13.00 13.39 -28.08
C VAL C 67 -13.61 13.40 -26.68
N VAL C 68 -13.28 14.44 -25.91
CA VAL C 68 -13.79 14.54 -24.55
C VAL C 68 -15.29 14.75 -24.57
N THR C 69 -16.01 13.98 -23.75
CA THR C 69 -17.46 14.08 -23.69
C THR C 69 -17.87 15.29 -22.85
N ALA C 70 -19.17 15.54 -22.79
CA ALA C 70 -19.68 16.64 -21.99
C ALA C 70 -19.54 16.34 -20.50
N ALA C 71 -19.83 15.11 -20.10
CA ALA C 71 -19.72 14.74 -18.68
C ALA C 71 -18.28 14.84 -18.21
N GLY C 72 -17.33 14.40 -19.03
CA GLY C 72 -15.94 14.52 -18.67
C GLY C 72 -15.52 15.97 -18.50
N LEU C 73 -15.96 16.84 -19.40
CA LEU C 73 -15.64 18.25 -19.28
C LEU C 73 -16.25 18.85 -18.02
N ALA C 74 -17.49 18.48 -17.71
CA ALA C 74 -18.13 18.99 -16.51
C ALA C 74 -17.39 18.54 -15.25
N TRP C 75 -16.99 17.27 -15.22
CA TRP C 75 -16.23 16.78 -14.07
C TRP C 75 -14.90 17.50 -13.95
N LEU C 76 -14.22 17.72 -15.07
CA LEU C 76 -12.93 18.41 -15.04
C LEU C 76 -13.09 19.84 -14.54
N ARG C 77 -14.14 20.53 -14.99
CA ARG C 77 -14.37 21.89 -14.54
C ARG C 77 -14.69 21.95 -13.05
N GLN C 78 -15.50 21.02 -12.55
CA GLN C 78 -15.81 21.02 -11.13
C GLN C 78 -14.65 20.55 -10.28
N TYR C 79 -13.74 19.76 -10.86
CA TYR C 79 -12.57 19.30 -10.13
C TYR C 79 -11.51 20.39 -10.03
N LEU C 80 -11.31 21.16 -11.10
CA LEU C 80 -10.31 22.21 -11.09
C LEU C 80 -10.83 23.52 -10.53
N ASN C 81 -12.13 23.78 -10.65
CA ASN C 81 -12.73 25.03 -10.16
C ASN C 81 -13.99 24.69 -9.36
N PRO C 82 -13.83 24.13 -8.16
CA PRO C 82 -15.02 23.72 -7.40
C PRO C 82 -15.96 24.86 -7.07
N MET C 83 -15.44 26.05 -6.79
CA MET C 83 -16.27 27.17 -6.36
C MET C 83 -16.46 28.20 -7.46
N GLY C 84 -16.30 27.80 -8.72
CA GLY C 84 -16.60 28.66 -9.84
C GLY C 84 -18.09 28.92 -9.93
N PRO C 85 -18.46 30.11 -10.41
CA PRO C 85 -19.90 30.43 -10.49
C PRO C 85 -20.68 29.53 -11.41
N ASP C 86 -20.06 29.04 -12.49
CA ASP C 86 -20.76 28.21 -13.45
C ASP C 86 -21.00 26.79 -12.95
N THR C 87 -20.28 26.35 -11.92
CA THR C 87 -20.41 24.99 -11.41
C THR C 87 -21.70 24.89 -10.60
N THR C 88 -22.81 24.71 -11.32
CA THR C 88 -24.12 24.50 -10.72
C THR C 88 -24.49 23.03 -10.67
N SER C 89 -24.47 22.36 -11.83
CA SER C 89 -24.72 20.92 -11.86
C SER C 89 -23.56 20.17 -11.22
N VAL C 90 -23.86 18.98 -10.73
CA VAL C 90 -22.89 18.13 -10.04
C VAL C 90 -22.75 16.84 -10.82
N THR C 91 -21.52 16.44 -11.11
CA THR C 91 -21.25 15.27 -11.94
C THR C 91 -20.23 14.38 -11.26
N GLY C 92 -20.33 13.08 -11.55
CA GLY C 92 -19.51 12.09 -10.90
C GLY C 92 -18.18 11.84 -11.61
N TYR C 93 -17.40 10.95 -11.02
CA TYR C 93 -16.11 10.60 -11.58
C TYR C 93 -16.29 9.84 -12.88
N PRO C 94 -15.61 10.23 -13.95
CA PRO C 94 -15.81 9.56 -15.26
C PRO C 94 -15.02 8.28 -15.38
N ASP C 95 -15.47 7.24 -14.69
CA ASP C 95 -14.86 5.93 -14.79
C ASP C 95 -15.85 4.82 -15.15
N GLY C 96 -17.12 5.14 -15.30
CA GLY C 96 -18.10 4.15 -15.68
C GLY C 96 -18.23 3.02 -14.68
N SER C 97 -18.32 3.36 -13.40
CA SER C 97 -18.28 2.35 -12.35
C SER C 97 -19.45 1.39 -12.41
N ALA C 98 -20.55 1.76 -13.07
CA ALA C 98 -21.73 0.91 -13.18
C ALA C 98 -22.28 0.53 -11.81
N VAL C 99 -22.28 1.50 -10.89
CA VAL C 99 -22.83 1.32 -9.56
C VAL C 99 -23.84 2.43 -9.32
N THR C 100 -24.82 2.14 -8.47
CA THR C 100 -25.78 3.16 -8.05
C THR C 100 -25.09 4.14 -7.11
N THR C 101 -25.03 5.41 -7.51
CA THR C 101 -24.28 6.41 -6.77
C THR C 101 -25.16 7.61 -6.46
N CYS C 102 -24.81 8.31 -5.39
CA CYS C 102 -25.47 9.55 -5.00
C CYS C 102 -24.38 10.57 -4.69
N ILE C 103 -24.40 11.70 -5.38
CA ILE C 103 -23.35 12.70 -5.25
C ILE C 103 -23.86 13.81 -4.33
N ALA C 104 -23.11 14.09 -3.28
CA ALA C 104 -23.49 15.07 -2.28
C ALA C 104 -22.53 16.26 -2.35
N ASP C 105 -23.11 17.46 -2.32
CA ASP C 105 -22.36 18.71 -2.35
C ASP C 105 -22.62 19.45 -1.05
N TYR C 106 -21.55 19.70 -0.29
CA TYR C 106 -21.64 20.39 0.99
C TYR C 106 -20.98 21.75 0.84
N SER C 107 -21.77 22.81 0.96
CA SER C 107 -21.26 24.18 0.94
C SER C 107 -21.47 24.77 2.33
N ASN C 108 -20.38 25.24 2.93
CA ASN C 108 -20.42 25.75 4.29
C ASN C 108 -19.70 27.08 4.37
N THR C 109 -20.19 27.94 5.26
CA THR C 109 -19.63 29.27 5.46
C THR C 109 -19.43 29.50 6.95
N PHE C 110 -18.26 30.05 7.29
CA PHE C 110 -17.90 30.32 8.67
C PHE C 110 -17.26 31.70 8.76
N ASN C 111 -17.60 32.44 9.79
CA ASN C 111 -17.04 33.77 10.03
C ASN C 111 -16.08 33.67 11.21
N VAL C 112 -14.79 33.63 10.92
CA VAL C 112 -13.77 33.47 11.95
C VAL C 112 -13.14 34.83 12.22
N SER C 113 -13.10 35.22 13.49
CA SER C 113 -12.43 36.42 13.93
C SER C 113 -11.71 36.08 15.23
N PHE C 114 -11.27 37.10 15.94
CA PHE C 114 -10.59 36.85 17.20
C PHE C 114 -11.60 36.34 18.22
N PRO C 115 -11.41 35.14 18.77
CA PRO C 115 -12.43 34.57 19.63
C PRO C 115 -12.56 35.33 20.94
N PRO C 116 -13.75 35.37 21.52
CA PRO C 116 -13.88 35.91 22.88
C PRO C 116 -13.51 34.85 23.91
N ARG C 117 -13.47 35.28 25.17
CA ARG C 117 -13.05 34.39 26.25
C ARG C 117 -14.01 33.23 26.44
N GLU C 118 -15.29 33.41 26.09
CA GLU C 118 -16.29 32.40 26.38
C GLU C 118 -16.08 31.14 25.54
N ALA C 119 -15.43 31.26 24.39
CA ALA C 119 -15.25 30.16 23.46
C ALA C 119 -13.79 29.68 23.42
N LEU C 120 -13.13 29.68 24.59
CA LEU C 120 -11.71 29.35 24.66
C LEU C 120 -11.52 28.35 25.78
N TYR C 121 -11.01 27.17 25.46
CA TYR C 121 -10.86 26.08 26.41
C TYR C 121 -9.40 25.65 26.52
N CYS C 122 -9.10 24.90 27.57
CA CYS C 122 -7.75 24.46 27.86
C CYS C 122 -7.59 22.99 27.52
N THR C 123 -6.45 22.65 26.91
CA THR C 123 -6.15 21.29 26.50
C THR C 123 -5.29 20.53 27.51
N GLY C 124 -4.83 21.18 28.56
CA GLY C 124 -3.89 20.57 29.47
C GLY C 124 -4.54 19.48 30.31
N SER C 125 -3.75 18.97 31.26
CA SER C 125 -4.24 17.95 32.17
C SER C 125 -5.32 18.46 33.10
N SER C 126 -5.52 19.78 33.17
CA SER C 126 -6.61 20.32 33.98
C SER C 126 -7.95 19.80 33.50
N SER C 127 -8.16 19.80 32.19
CA SER C 127 -9.39 19.25 31.60
C SER C 127 -9.22 17.79 31.22
N SER C 128 -8.72 16.97 32.14
CA SER C 128 -8.46 15.56 31.83
C SER C 128 -9.71 14.72 32.00
N GLU C 129 -10.22 14.63 33.22
CA GLU C 129 -11.47 13.90 33.48
C GLU C 129 -12.66 14.83 33.39
N LYS C 130 -12.60 15.95 34.10
CA LYS C 130 -13.62 16.97 33.95
C LYS C 130 -13.64 17.44 32.49
N PRO C 131 -14.81 17.74 31.93
CA PRO C 131 -14.87 18.19 30.54
C PRO C 131 -14.19 19.53 30.33
N THR C 132 -14.28 20.02 29.10
CA THR C 132 -13.65 21.27 28.67
C THR C 132 -13.80 22.37 29.72
N LEU C 133 -12.69 23.04 30.02
CA LEU C 133 -12.66 24.14 30.97
C LEU C 133 -12.30 25.43 30.25
N VAL C 134 -13.12 26.47 30.44
CA VAL C 134 -12.79 27.76 29.89
C VAL C 134 -11.55 28.32 30.59
N ASP C 135 -10.96 29.33 29.98
CA ASP C 135 -9.78 29.97 30.56
C ASP C 135 -10.17 30.74 31.81
N ALA C 136 -9.42 30.52 32.90
CA ALA C 136 -9.70 31.18 34.16
C ALA C 136 -9.18 32.62 34.12
N ASP C 137 -9.72 33.38 33.17
CA ASP C 137 -9.34 34.77 32.94
C ASP C 137 -7.84 34.93 32.79
N ASN C 138 -7.22 33.97 32.10
CA ASN C 138 -5.92 34.20 31.47
C ASN C 138 -6.07 34.92 30.15
N TYR C 139 -7.29 35.37 29.85
CA TYR C 139 -7.61 36.04 28.60
C TYR C 139 -6.89 37.38 28.47
N ALA C 140 -6.31 37.89 29.55
CA ALA C 140 -5.55 39.14 29.46
C ALA C 140 -4.34 38.98 28.56
N LYS C 141 -3.67 37.82 28.61
CA LYS C 141 -2.54 37.57 27.74
C LYS C 141 -2.97 37.51 26.27
N ILE C 142 -4.13 36.91 26.00
CA ILE C 142 -4.61 36.87 24.62
C ILE C 142 -5.06 38.25 24.17
N ASP C 143 -5.56 39.08 25.08
CA ASP C 143 -5.80 40.48 24.73
C ASP C 143 -4.49 41.17 24.38
N LYS C 144 -3.44 40.89 25.14
CA LYS C 144 -2.11 41.42 24.79
C LYS C 144 -1.70 40.97 23.39
N TRP C 145 -2.04 39.73 23.02
CA TRP C 145 -1.90 39.31 21.64
C TRP C 145 -2.64 40.27 20.72
N SER C 146 -3.89 40.57 21.07
CA SER C 146 -4.73 41.44 20.26
C SER C 146 -4.20 42.87 20.20
N ASN C 147 -3.23 43.23 21.05
CA ASN C 147 -2.62 44.54 20.94
C ASN C 147 -1.90 44.73 19.60
N TYR C 148 -1.16 43.72 19.15
CA TYR C 148 -0.35 43.81 17.94
C TYR C 148 -0.91 42.91 16.86
N ASP C 149 -0.19 42.85 15.74
CA ASP C 149 -0.58 42.02 14.62
C ASP C 149 -0.38 40.54 14.95
N ILE C 150 -1.16 39.69 14.29
CA ILE C 150 -1.21 38.27 14.59
C ILE C 150 -0.98 37.49 13.30
N THR C 151 -0.99 36.16 13.43
CA THR C 151 -0.84 35.25 12.31
C THR C 151 -1.95 34.21 12.37
N LEU C 152 -2.48 33.84 11.21
CA LEU C 152 -3.58 32.88 11.13
C LEU C 152 -3.24 31.82 10.11
N CYS C 153 -3.08 30.58 10.57
CA CYS C 153 -2.81 29.45 9.70
C CYS C 153 -4.07 28.63 9.52
N VAL C 154 -4.33 28.18 8.30
CA VAL C 154 -5.36 27.20 8.02
C VAL C 154 -4.71 26.01 7.36
N LEU C 155 -5.04 24.82 7.83
CA LEU C 155 -4.42 23.58 7.36
C LEU C 155 -5.54 22.64 6.92
N ALA C 156 -5.60 22.36 5.62
CA ALA C 156 -6.63 21.49 5.06
C ALA C 156 -6.01 20.13 4.80
N LEU C 157 -6.15 19.24 5.76
CA LEU C 157 -5.83 17.84 5.57
C LEU C 157 -6.94 17.16 4.80
N PRO C 158 -6.67 16.00 4.19
CA PRO C 158 -7.68 15.36 3.35
C PRO C 158 -8.80 14.68 4.12
N MET C 159 -8.92 14.96 5.42
CA MET C 159 -10.02 14.43 6.20
C MET C 159 -11.35 14.93 5.66
N LEU C 160 -12.35 14.04 5.62
CA LEU C 160 -13.62 14.40 5.01
C LEU C 160 -14.40 15.38 5.88
N ARG C 161 -14.79 14.96 7.07
CA ARG C 161 -15.21 15.92 8.08
C ARG C 161 -13.95 16.58 8.64
N ASN C 162 -14.12 17.56 9.52
CA ASN C 162 -13.01 18.38 9.97
C ASN C 162 -12.24 18.92 8.76
N VAL C 163 -12.94 19.70 7.94
CA VAL C 163 -12.42 20.06 6.63
C VAL C 163 -11.11 20.83 6.75
N VAL C 164 -11.04 21.79 7.67
CA VAL C 164 -9.81 22.55 7.90
C VAL C 164 -9.54 22.66 9.39
N MET C 165 -8.29 22.98 9.70
CA MET C 165 -7.84 23.28 11.05
C MET C 165 -7.38 24.74 11.07
N LEU C 166 -8.03 25.54 11.91
CA LEU C 166 -7.64 26.93 12.09
C LEU C 166 -6.71 27.06 13.28
N ARG C 167 -5.77 27.99 13.17
CA ARG C 167 -4.78 28.19 14.21
C ARG C 167 -4.40 29.67 14.24
N LEU C 168 -4.32 30.22 15.45
CA LEU C 168 -4.04 31.63 15.66
C LEU C 168 -2.77 31.76 16.49
N TYR C 169 -1.83 32.56 16.01
CA TYR C 169 -0.53 32.79 16.61
C TYR C 169 -0.34 34.26 16.92
N PRO C 170 0.35 34.60 18.01
CA PRO C 170 0.72 36.01 18.23
C PRO C 170 1.66 36.52 17.17
N HIS C 171 2.52 35.67 16.63
CA HIS C 171 3.44 36.04 15.57
C HIS C 171 3.82 34.78 14.82
N THR C 172 4.38 34.97 13.63
CA THR C 172 4.62 33.84 12.73
C THR C 172 5.59 32.86 13.38
N PRO C 173 5.23 31.58 13.47
CA PRO C 173 6.12 30.59 14.06
C PRO C 173 7.15 30.11 13.04
N THR C 174 8.21 29.50 13.56
CA THR C 174 9.25 28.93 12.71
C THR C 174 8.84 27.60 12.11
N ALA C 175 7.85 26.93 12.69
CA ALA C 175 7.41 25.64 12.19
C ALA C 175 5.98 25.38 12.67
N PHE C 176 5.32 24.44 12.02
CA PHE C 176 3.98 24.00 12.42
C PHE C 176 4.13 22.96 13.51
N ALA C 177 4.33 23.44 14.74
CA ALA C 177 4.54 22.54 15.86
C ALA C 177 3.26 21.81 16.22
N LEU C 178 3.43 20.71 16.95
CA LEU C 178 2.31 19.89 17.38
C LEU C 178 2.65 19.30 18.74
N THR C 179 1.67 19.30 19.64
CA THR C 179 1.93 18.89 21.02
C THR C 179 2.25 17.39 21.08
N GLU C 180 3.22 17.04 21.91
CA GLU C 180 3.63 15.65 22.04
C GLU C 180 2.61 14.83 22.83
N GLN C 181 1.95 15.44 23.81
CA GLN C 181 0.90 14.79 24.56
C GLN C 181 -0.44 15.02 23.86
N THR C 182 -1.31 14.02 23.95
CA THR C 182 -2.61 14.10 23.29
C THR C 182 -3.44 15.22 23.93
N PRO C 183 -3.97 16.14 23.15
CA PRO C 183 -4.80 17.20 23.72
C PRO C 183 -6.11 16.66 24.25
N ASN C 184 -6.68 17.39 25.20
CA ASN C 184 -7.95 17.04 25.82
C ASN C 184 -9.07 17.86 25.20
N PHE C 185 -10.07 17.19 24.65
CA PHE C 185 -11.24 17.81 24.06
C PHE C 185 -10.88 18.85 23.01
N PRO C 186 -10.40 18.44 21.83
CA PRO C 186 -10.27 19.40 20.73
C PRO C 186 -11.63 19.97 20.37
N GLN C 187 -11.65 21.24 20.01
CA GLN C 187 -12.89 21.99 19.89
C GLN C 187 -13.24 22.24 18.43
N ARG C 188 -14.52 22.13 18.11
CA ARG C 188 -15.01 22.52 16.80
C ARG C 188 -15.01 24.04 16.69
N PHE C 189 -15.14 24.53 15.46
CA PHE C 189 -14.70 25.88 15.11
C PHE C 189 -15.17 26.97 16.05
N PRO C 190 -16.45 27.11 16.40
CA PRO C 190 -16.85 28.27 17.22
C PRO C 190 -16.10 28.35 18.52
N ASN C 191 -15.69 27.22 19.09
CA ASN C 191 -14.82 27.19 20.24
C ASN C 191 -13.37 26.95 19.80
N TRP C 192 -12.44 27.38 20.65
CA TRP C 192 -11.03 27.17 20.40
C TRP C 192 -10.39 26.50 21.60
N SER C 193 -9.21 25.95 21.39
CA SER C 193 -8.44 25.33 22.45
C SER C 193 -7.06 25.94 22.47
N VAL C 194 -6.55 26.22 23.66
CA VAL C 194 -5.30 26.94 23.84
C VAL C 194 -4.15 25.95 23.99
N TYR C 195 -3.00 26.29 23.43
CA TYR C 195 -1.77 25.53 23.60
C TYR C 195 -0.68 26.48 24.07
N SER C 196 0.20 25.98 24.93
CA SER C 196 1.19 26.81 25.60
C SER C 196 2.28 27.25 24.61
N ALA C 197 3.08 28.22 25.07
CA ALA C 197 4.14 28.76 24.24
C ALA C 197 5.33 27.83 24.10
N ASP C 198 5.50 26.88 25.03
CA ASP C 198 6.60 25.95 25.00
C ASP C 198 6.27 24.66 24.25
N GLY C 199 5.28 24.70 23.37
CA GLY C 199 4.89 23.51 22.63
C GLY C 199 4.30 22.41 23.47
N THR C 200 3.53 22.76 24.49
CA THR C 200 2.85 21.80 25.34
C THR C 200 1.40 22.21 25.50
N ARG C 201 0.60 21.30 26.06
CA ARG C 201 -0.79 21.60 26.32
C ARG C 201 -0.91 22.68 27.39
N PHE C 202 -2.02 23.41 27.35
CA PHE C 202 -2.20 24.59 28.18
C PHE C 202 -3.16 24.28 29.32
N ASN C 203 -2.70 24.51 30.54
CA ASN C 203 -3.57 24.61 31.70
C ASN C 203 -3.65 26.06 32.13
N ASN C 204 -4.62 26.36 32.98
CA ASN C 204 -4.77 27.73 33.47
C ASN C 204 -3.55 28.13 34.29
N GLY C 205 -3.04 29.33 34.04
CA GLY C 205 -1.83 29.80 34.68
C GLY C 205 -0.57 29.61 33.88
N ASP C 206 -0.65 29.00 32.70
CA ASP C 206 0.52 28.84 31.84
C ASP C 206 0.65 30.05 30.94
N GLU C 207 1.56 29.97 29.97
CA GLU C 207 1.71 31.03 28.97
C GLU C 207 1.09 30.57 27.66
N PRO C 208 0.00 31.16 27.21
CA PRO C 208 -0.63 30.69 25.96
C PRO C 208 0.30 30.90 24.77
N GLY C 209 0.38 29.88 23.93
CA GLY C 209 1.21 29.96 22.75
C GLY C 209 0.42 30.18 21.48
N TYR C 210 -0.68 29.45 21.32
CA TYR C 210 -1.53 29.64 20.15
C TYR C 210 -2.91 29.04 20.43
N LEU C 211 -3.83 29.32 19.51
CA LEU C 211 -5.18 28.79 19.58
C LEU C 211 -5.43 27.87 18.40
N GLN C 212 -6.23 26.84 18.60
CA GLN C 212 -6.48 25.86 17.56
C GLN C 212 -7.94 25.45 17.58
N SER C 213 -8.50 25.22 16.40
CA SER C 213 -9.87 24.75 16.29
C SER C 213 -10.03 23.95 15.00
N TYR C 214 -11.05 23.12 14.97
CA TYR C 214 -11.37 22.30 13.80
C TYR C 214 -12.70 22.76 13.23
N VAL C 215 -12.77 22.91 11.91
CA VAL C 215 -14.02 23.27 11.25
C VAL C 215 -14.71 21.97 10.84
N TYR C 216 -15.86 21.70 11.44
CA TYR C 216 -16.50 20.40 11.37
C TYR C 216 -17.76 20.46 10.52
N LEU C 217 -17.95 19.43 9.70
CA LEU C 217 -19.15 19.28 8.88
C LEU C 217 -19.99 18.13 9.39
N PRO C 218 -21.14 18.38 10.02
CA PRO C 218 -21.91 17.27 10.60
C PRO C 218 -22.67 16.44 9.58
N ASN C 219 -23.18 17.09 8.53
CA ASN C 219 -23.91 16.37 7.51
C ASN C 219 -23.01 15.36 6.80
N VAL C 220 -21.73 15.68 6.66
CA VAL C 220 -20.80 14.71 6.09
C VAL C 220 -20.73 13.46 6.94
N ASP C 221 -20.70 13.64 8.27
CA ASP C 221 -20.71 12.48 9.16
C ASP C 221 -21.98 11.67 9.01
N LYS C 222 -23.13 12.36 9.00
CA LYS C 222 -24.41 11.65 8.89
C LYS C 222 -24.47 10.84 7.61
N HIS C 223 -24.04 11.43 6.49
CA HIS C 223 -24.11 10.72 5.22
C HIS C 223 -23.04 9.64 5.10
N LEU C 224 -21.88 9.83 5.73
CA LEU C 224 -20.85 8.79 5.70
C LEU C 224 -21.25 7.59 6.52
N SER C 225 -22.07 7.78 7.55
CA SER C 225 -22.55 6.64 8.31
C SER C 225 -23.36 5.68 7.43
N ALA C 226 -24.23 6.22 6.59
CA ALA C 226 -25.12 5.43 5.74
C ALA C 226 -24.58 5.32 4.30
N ALA C 227 -23.43 4.67 4.14
CA ALA C 227 -22.85 4.51 2.81
C ALA C 227 -21.98 3.27 2.77
N ARG C 228 -22.13 2.48 1.71
CA ARG C 228 -21.22 1.36 1.48
C ARG C 228 -19.83 1.85 1.13
N GLY C 229 -19.74 2.87 0.29
CA GLY C 229 -18.45 3.38 -0.15
C GLY C 229 -18.55 4.85 -0.47
N TYR C 230 -17.39 5.47 -0.63
CA TYR C 230 -17.32 6.90 -0.90
C TYR C 230 -16.07 7.20 -1.71
N ARG C 231 -16.05 8.39 -2.31
CA ARG C 231 -14.83 8.94 -2.87
C ARG C 231 -15.01 10.44 -3.00
N LEU C 232 -13.94 11.18 -2.71
CA LEU C 232 -13.98 12.63 -2.79
C LEU C 232 -13.85 13.05 -4.24
N LEU C 233 -14.81 13.83 -4.73
CA LEU C 233 -14.76 14.29 -6.11
C LEU C 233 -14.00 15.60 -6.25
N SER C 234 -14.32 16.60 -5.44
CA SER C 234 -13.52 17.81 -5.43
C SER C 234 -13.74 18.56 -4.13
N ARG C 235 -12.80 19.43 -3.81
CA ARG C 235 -12.86 20.22 -2.59
C ARG C 235 -12.17 21.56 -2.81
N GLY C 236 -12.85 22.63 -2.45
CA GLY C 236 -12.29 23.96 -2.58
C GLY C 236 -12.55 24.77 -1.33
N ILE C 237 -11.61 25.64 -1.00
CA ILE C 237 -11.69 26.46 0.21
C ILE C 237 -11.41 27.90 -0.17
N THR C 238 -12.33 28.80 0.17
CA THR C 238 -12.23 30.21 -0.14
C THR C 238 -12.09 31.01 1.14
N GLY C 239 -11.28 32.06 1.09
CA GLY C 239 -10.82 32.76 2.27
C GLY C 239 -11.09 34.24 2.33
N ILE C 240 -12.32 34.67 2.02
CA ILE C 240 -12.61 36.10 1.86
C ILE C 240 -12.14 36.86 3.09
N PHE C 241 -11.20 37.78 2.91
CA PHE C 241 -10.57 38.47 4.02
C PHE C 241 -11.07 39.90 4.09
N SER C 242 -11.30 40.39 5.31
CA SER C 242 -11.69 41.78 5.50
C SER C 242 -11.11 42.28 6.81
N ALA C 243 -10.94 43.59 6.88
CA ALA C 243 -10.37 44.24 8.05
C ALA C 243 -10.84 45.68 8.08
N PRO C 244 -10.78 46.34 9.23
CA PRO C 244 -11.16 47.75 9.28
C PRO C 244 -10.27 48.59 8.38
N ALA C 245 -10.81 49.72 7.93
CA ALA C 245 -10.04 50.63 7.09
C ALA C 245 -8.80 51.08 7.83
N LEU C 246 -7.71 51.28 7.08
CA LEU C 246 -6.37 51.58 7.58
C LEU C 246 -5.80 50.45 8.41
N GLU C 247 -6.32 49.23 8.28
CA GLU C 247 -5.79 48.07 8.97
C GLU C 247 -5.77 46.87 8.02
N THR C 248 -5.51 47.12 6.75
CA THR C 248 -5.54 46.09 5.73
C THR C 248 -4.18 45.45 5.47
N GLN C 249 -3.17 45.81 6.25
CA GLN C 249 -1.84 45.28 6.04
C GLN C 249 -1.76 43.79 6.39
N GLY C 250 -0.84 43.09 5.72
CA GLY C 250 -0.68 41.67 5.89
C GLY C 250 -0.39 40.96 4.59
N PHE C 251 0.02 39.69 4.66
CA PHE C 251 0.32 38.90 3.48
C PHE C 251 -0.34 37.53 3.60
N VAL C 252 -0.64 36.93 2.45
CA VAL C 252 -1.26 35.62 2.40
C VAL C 252 -0.41 34.71 1.52
N THR C 253 -0.18 33.50 1.99
CA THR C 253 0.56 32.46 1.29
C THR C 253 -0.24 31.19 1.31
N ALA C 254 -0.19 30.42 0.23
CA ALA C 254 -0.93 29.17 0.14
C ALA C 254 -0.13 28.15 -0.65
N CYS C 255 -0.19 26.90 -0.23
CA CYS C 255 0.55 25.85 -0.89
C CYS C 255 -0.13 24.50 -0.71
N GLN C 256 -0.13 23.71 -1.77
CA GLN C 256 -0.62 22.33 -1.73
C GLN C 256 0.55 21.38 -1.91
N TYR C 257 0.51 20.27 -1.18
CA TYR C 257 1.49 19.21 -1.44
C TYR C 257 0.95 17.90 -0.91
N LEU C 258 1.36 16.81 -1.54
CA LEU C 258 0.86 15.50 -1.19
C LEU C 258 1.53 15.01 0.09
N ALA C 259 0.74 14.73 1.10
CA ALA C 259 1.19 14.11 2.34
C ALA C 259 0.48 12.76 2.42
N GLU C 260 1.09 11.75 1.82
CA GLU C 260 0.45 10.44 1.64
C GLU C 260 0.46 9.73 2.98
N GLY C 261 -0.66 9.79 3.70
CA GLY C 261 -0.77 9.11 4.96
C GLY C 261 -1.01 7.62 4.80
N SER C 262 -0.87 6.90 5.92
CA SER C 262 -1.07 5.47 5.91
C SER C 262 -1.38 5.00 7.32
N ILE C 263 -1.91 3.79 7.41
CA ILE C 263 -2.25 3.20 8.71
C ILE C 263 -0.97 2.65 9.32
N GLN C 264 -0.49 3.30 10.38
CA GLN C 264 0.74 2.92 11.04
C GLN C 264 0.51 2.89 12.55
N SER C 265 1.36 2.13 13.24
CA SER C 265 1.33 2.05 14.69
C SER C 265 2.72 2.38 15.22
N GLN C 266 2.78 3.27 16.20
CA GLN C 266 4.07 3.65 16.75
C GLN C 266 4.59 2.57 17.69
N SER C 267 5.89 2.63 17.94
CA SER C 267 6.57 1.66 18.81
C SER C 267 6.53 2.17 20.25
N ILE C 268 5.90 1.39 21.12
CA ILE C 268 5.83 1.75 22.54
C ILE C 268 6.43 0.63 23.36
N LYS C 269 6.47 0.80 24.68
CA LYS C 269 7.10 -0.17 25.57
C LYS C 269 6.09 -0.62 26.63
N SER C 270 6.22 -1.88 27.03
CA SER C 270 5.42 -2.42 28.11
C SER C 270 6.13 -2.22 29.44
N ASP C 271 5.48 -2.63 30.52
CA ASP C 271 6.01 -2.44 31.87
C ASP C 271 6.37 -3.80 32.47
N ALA C 272 7.62 -3.93 32.91
CA ALA C 272 8.09 -5.16 33.52
C ALA C 272 7.62 -5.25 34.95
N VAL C 273 7.11 -6.42 35.33
CA VAL C 273 6.63 -6.64 36.69
C VAL C 273 7.82 -6.97 37.59
N ARG C 274 7.79 -6.45 38.82
CA ARG C 274 8.87 -6.63 39.79
C ARG C 274 8.23 -6.98 41.14
N SER C 275 8.15 -8.27 41.43
CA SER C 275 7.56 -8.77 42.66
C SER C 275 8.65 -9.42 43.50
N VAL C 276 8.74 -9.01 44.77
CA VAL C 276 9.71 -9.56 45.71
C VAL C 276 8.90 -10.20 46.84
N THR C 277 8.77 -11.53 46.79
CA THR C 277 8.08 -12.27 47.82
C THR C 277 9.08 -12.65 48.90
N VAL C 278 8.90 -12.10 50.10
CA VAL C 278 9.83 -12.28 51.21
C VAL C 278 9.26 -13.21 52.26
N ASN C 279 8.10 -13.81 52.02
CA ASN C 279 7.50 -14.71 52.99
C ASN C 279 8.36 -15.96 53.16
N SER C 280 8.20 -16.61 54.31
CA SER C 280 9.01 -17.79 54.62
C SER C 280 8.78 -18.89 53.60
N ASP C 281 7.52 -19.19 53.30
CA ASP C 281 7.18 -20.11 52.23
C ASP C 281 6.93 -19.41 50.90
N GLY C 282 6.55 -18.15 50.93
CA GLY C 282 6.40 -17.38 49.70
C GLY C 282 7.67 -16.64 49.34
N THR C 283 8.46 -17.22 48.44
CA THR C 283 9.72 -16.62 47.98
C THR C 283 9.83 -16.76 46.47
N VAL C 284 8.74 -16.45 45.77
CA VAL C 284 8.71 -16.63 44.32
C VAL C 284 9.71 -15.71 43.63
N LYS C 285 9.67 -14.42 43.98
CA LYS C 285 10.54 -13.42 43.38
C LYS C 285 10.44 -13.45 41.85
N ASN C 286 9.25 -13.11 41.35
CA ASN C 286 9.02 -13.01 39.92
C ASN C 286 9.58 -11.68 39.43
N VAL C 287 10.80 -11.71 38.92
CA VAL C 287 11.48 -10.53 38.43
C VAL C 287 11.41 -10.42 36.91
N GLU C 288 10.45 -11.12 36.30
CA GLU C 288 10.39 -11.21 34.84
C GLU C 288 10.27 -9.83 34.21
N SER C 289 10.92 -9.66 33.07
CA SER C 289 11.00 -8.37 32.39
C SER C 289 9.96 -8.35 31.27
N SER C 290 8.80 -7.76 31.55
CA SER C 290 7.79 -7.52 30.53
C SER C 290 8.05 -6.24 29.75
N SER C 291 9.10 -5.50 30.10
CA SER C 291 9.39 -4.24 29.43
C SER C 291 9.98 -4.46 28.05
N GLN C 292 9.17 -5.01 27.15
CA GLN C 292 9.57 -5.20 25.76
C GLN C 292 8.93 -4.13 24.88
N THR C 293 9.36 -4.11 23.63
CA THR C 293 8.88 -3.13 22.67
C THR C 293 7.77 -3.75 21.83
N VAL C 294 6.61 -3.10 21.82
CA VAL C 294 5.44 -3.57 21.10
C VAL C 294 4.91 -2.44 20.24
N SER C 295 3.83 -2.73 19.51
CA SER C 295 3.20 -1.76 18.63
C SER C 295 1.94 -1.21 19.30
N SER C 296 1.72 0.09 19.13
CA SER C 296 0.59 0.77 19.75
C SER C 296 -0.66 0.57 18.89
N MET C 297 -1.72 1.29 19.22
CA MET C 297 -2.93 1.21 18.44
C MET C 297 -2.70 1.76 17.03
N PRO C 298 -3.21 1.09 16.00
CA PRO C 298 -3.07 1.62 14.64
C PRO C 298 -3.82 2.93 14.47
N ARG C 299 -3.17 3.87 13.79
CA ARG C 299 -3.74 5.19 13.53
C ARG C 299 -3.38 5.58 12.11
N TYR C 300 -4.21 6.45 11.52
CA TYR C 300 -3.88 6.99 10.21
C TYR C 300 -2.92 8.15 10.40
N VAL C 301 -1.68 7.98 9.97
CA VAL C 301 -0.61 8.95 10.19
C VAL C 301 -0.32 9.67 8.89
N PHE C 302 -0.24 10.98 8.96
CA PHE C 302 0.05 11.90 7.87
C PHE C 302 1.50 12.34 7.94
N PRO C 303 2.27 12.20 6.88
CA PRO C 303 3.66 12.65 6.86
C PRO C 303 3.81 14.12 6.47
N LEU C 304 3.03 14.99 7.10
CA LEU C 304 3.15 16.42 6.85
C LEU C 304 4.38 16.94 7.58
N ASP C 305 5.21 17.69 6.86
CA ASP C 305 6.46 18.19 7.41
C ASP C 305 6.15 19.45 8.20
N GLY C 306 5.86 19.27 9.49
CA GLY C 306 5.57 20.41 10.35
C GLY C 306 6.76 21.34 10.47
N ASP C 307 7.97 20.78 10.50
CA ASP C 307 9.16 21.61 10.62
C ASP C 307 9.42 22.44 9.37
N ASN C 308 8.87 22.04 8.22
CA ASN C 308 9.07 22.74 6.97
C ASN C 308 7.79 23.39 6.47
N CYS C 309 6.83 23.66 7.35
CA CYS C 309 5.56 24.26 6.97
C CYS C 309 5.55 25.77 7.18
N ALA C 310 6.68 26.37 7.52
CA ALA C 310 6.75 27.81 7.64
C ALA C 310 6.47 28.46 6.28
N PRO C 311 5.90 29.66 6.28
CA PRO C 311 5.51 30.27 4.99
C PRO C 311 6.67 30.46 4.03
N SER C 312 7.82 30.95 4.51
CA SER C 312 8.93 31.24 3.61
C SER C 312 9.46 29.98 2.95
N SER C 313 9.57 28.89 3.72
CA SER C 313 10.05 27.64 3.15
C SER C 313 9.08 27.13 2.07
N LEU C 314 7.78 27.24 2.33
CA LEU C 314 6.81 26.81 1.33
C LEU C 314 6.90 27.66 0.07
N THR C 315 7.08 28.97 0.22
CA THR C 315 7.22 29.83 -0.95
C THR C 315 8.45 29.48 -1.77
N GLU C 316 9.58 29.25 -1.09
CA GLU C 316 10.82 28.98 -1.83
C GLU C 316 10.94 27.54 -2.28
N THR C 317 10.05 26.65 -1.85
CA THR C 317 10.12 25.25 -2.25
C THR C 317 9.24 24.94 -3.46
N TYR C 318 8.00 25.41 -3.45
CA TYR C 318 7.02 25.08 -4.47
C TYR C 318 6.84 26.26 -5.41
N HIS C 319 6.94 26.00 -6.72
CA HIS C 319 6.83 27.07 -7.70
C HIS C 319 5.39 27.54 -7.86
N GLN C 320 4.42 26.65 -7.69
CA GLN C 320 3.03 27.00 -7.85
C GLN C 320 2.40 27.58 -6.60
N ALA C 321 3.18 27.77 -5.54
CA ALA C 321 2.66 28.39 -4.33
C ALA C 321 2.16 29.79 -4.62
N TYR C 322 1.08 30.17 -3.95
CA TYR C 322 0.41 31.43 -4.20
C TYR C 322 0.77 32.43 -3.10
N GLN C 323 1.14 33.65 -3.50
CA GLN C 323 1.47 34.71 -2.57
C GLN C 323 0.73 35.98 -3.00
N SER C 324 0.23 36.73 -2.03
CA SER C 324 -0.43 37.99 -2.35
C SER C 324 -0.61 38.79 -1.08
N LYS C 325 -1.26 39.94 -1.21
CA LYS C 325 -1.63 40.73 -0.05
C LYS C 325 -2.78 40.07 0.68
N ALA C 326 -2.91 40.39 1.97
CA ALA C 326 -3.94 39.76 2.79
C ALA C 326 -5.32 40.04 2.26
N THR C 327 -5.57 41.27 1.80
CA THR C 327 -6.91 41.65 1.35
C THR C 327 -7.36 40.84 0.14
N ASP C 328 -6.44 40.19 -0.57
CA ASP C 328 -6.84 39.38 -1.71
C ASP C 328 -7.49 38.07 -1.30
N GLY C 329 -7.32 37.65 -0.06
CA GLY C 329 -7.87 36.38 0.34
C GLY C 329 -7.16 35.24 -0.37
N PHE C 330 -7.85 34.10 -0.45
CA PHE C 330 -7.33 32.97 -1.17
C PHE C 330 -8.47 32.10 -1.65
N TYR C 331 -8.16 31.24 -2.62
CA TYR C 331 -9.12 30.28 -3.14
C TYR C 331 -8.32 29.06 -3.58
N MET C 332 -8.35 28.01 -2.75
CA MET C 332 -7.55 26.83 -2.98
C MET C 332 -8.44 25.70 -3.47
N PRO C 333 -8.37 25.35 -4.74
CA PRO C 333 -9.03 24.12 -5.22
C PRO C 333 -8.16 22.90 -5.02
N VAL C 334 -8.23 22.24 -3.86
CA VAL C 334 -7.29 21.16 -3.59
C VAL C 334 -7.44 20.07 -4.64
N LEU C 335 -6.32 19.48 -5.04
CA LEU C 335 -6.26 18.58 -6.17
C LEU C 335 -5.78 17.20 -5.73
N SER C 336 -6.23 16.18 -6.45
CA SER C 336 -5.76 14.83 -6.22
C SER C 336 -4.36 14.65 -6.81
N SER C 337 -3.62 13.71 -6.26
CA SER C 337 -2.27 13.41 -6.72
C SER C 337 -2.19 12.17 -7.60
N SER C 338 -3.32 11.54 -7.88
CA SER C 338 -3.35 10.34 -8.70
C SER C 338 -4.40 10.48 -9.78
N ARG C 339 -4.36 9.56 -10.76
CA ARG C 339 -5.32 9.55 -11.84
C ARG C 339 -6.50 8.62 -11.60
N ASP C 340 -6.40 7.71 -10.63
CA ASP C 340 -7.47 6.80 -10.29
C ASP C 340 -8.06 7.16 -8.94
N ASN C 341 -9.39 7.16 -8.86
CA ASN C 341 -10.12 7.56 -7.65
C ASN C 341 -11.14 6.48 -7.35
N PRO C 342 -10.71 5.36 -6.77
CA PRO C 342 -11.64 4.27 -6.49
C PRO C 342 -12.46 4.50 -5.25
N PHE C 343 -13.58 3.80 -5.18
CA PHE C 343 -14.43 3.85 -3.99
C PHE C 343 -13.73 3.17 -2.81
N HIS C 344 -14.03 3.66 -1.61
CA HIS C 344 -13.48 3.08 -0.40
C HIS C 344 -14.60 2.99 0.63
N PRO C 345 -14.60 1.96 1.46
CA PRO C 345 -15.57 1.86 2.54
C PRO C 345 -15.23 2.84 3.65
N PRO C 346 -16.24 3.45 4.27
CA PRO C 346 -15.97 4.38 5.39
C PRO C 346 -15.34 3.64 6.55
N GLN C 347 -14.10 4.00 6.87
CA GLN C 347 -13.32 3.36 7.92
C GLN C 347 -12.67 4.44 8.77
N PRO C 348 -13.44 5.14 9.60
CA PRO C 348 -12.87 6.19 10.44
C PRO C 348 -11.83 5.63 11.39
N ARG C 349 -10.76 6.40 11.59
CA ARG C 349 -9.65 6.02 12.45
C ARG C 349 -9.10 7.27 13.12
N ALA C 350 -8.37 7.07 14.21
CA ALA C 350 -7.72 8.19 14.86
C ALA C 350 -6.61 8.72 13.98
N ILE C 351 -6.56 10.04 13.82
CA ILE C 351 -5.60 10.71 12.95
C ILE C 351 -4.39 11.11 13.78
N ALA C 352 -3.21 11.02 13.17
CA ALA C 352 -1.97 11.40 13.81
C ALA C 352 -1.03 11.97 12.75
N VAL C 353 -0.01 12.68 13.20
CA VAL C 353 0.93 13.34 12.32
C VAL C 353 2.34 12.89 12.67
N TYR C 354 3.11 12.52 11.65
CA TYR C 354 4.48 12.10 11.88
C TYR C 354 5.35 13.27 12.30
N GLY C 355 6.17 13.05 13.30
CA GLY C 355 7.17 14.00 13.73
C GLY C 355 8.54 13.64 13.21
N SER C 356 9.55 13.85 14.04
CA SER C 356 10.92 13.47 13.73
C SER C 356 11.48 12.63 14.86
N PHE C 357 12.50 11.84 14.54
CA PHE C 357 13.14 10.97 15.52
C PHE C 357 14.25 11.71 16.24
N LEU C 358 14.60 11.21 17.43
CA LEU C 358 15.64 11.83 18.24
C LEU C 358 16.85 10.89 18.40
N ALA C 359 16.63 9.68 18.88
CA ALA C 359 17.71 8.72 19.06
C ALA C 359 18.01 8.03 17.73
N ARG C 360 19.29 8.05 17.33
CA ARG C 360 19.65 7.44 16.06
C ARG C 360 19.46 5.92 16.08
N GLY C 361 19.74 5.30 17.21
CA GLY C 361 19.52 3.87 17.33
C GLY C 361 20.38 3.09 16.35
N CYS C 362 19.75 2.19 15.61
CA CYS C 362 20.46 1.34 14.67
C CYS C 362 20.89 2.06 13.41
N LEU C 363 20.77 3.40 13.36
CA LEU C 363 21.40 4.17 12.29
C LEU C 363 22.91 4.15 12.41
N ASP C 364 23.45 3.71 13.53
CA ASP C 364 24.87 3.51 13.77
C ASP C 364 25.05 2.09 14.28
N PRO C 365 26.26 1.52 14.11
CA PRO C 365 26.49 0.17 14.62
C PRO C 365 26.30 0.08 16.13
N VAL C 366 25.28 -0.67 16.56
CA VAL C 366 24.92 -0.80 17.96
C VAL C 366 24.67 -2.28 18.26
N SER C 367 24.28 -2.56 19.50
CA SER C 367 24.05 -3.92 19.96
C SER C 367 22.58 -4.29 19.81
N GLU C 368 22.23 -5.50 20.25
CA GLU C 368 20.84 -5.94 20.20
C GLU C 368 19.95 -5.06 21.05
N ALA C 369 20.41 -4.73 22.27
CA ALA C 369 19.57 -3.97 23.20
C ALA C 369 19.22 -2.59 22.65
N HIS C 370 20.00 -2.07 21.72
CA HIS C 370 19.74 -0.77 21.13
C HIS C 370 19.03 -0.87 19.79
N GLU C 371 18.59 -2.06 19.39
CA GLU C 371 17.71 -2.19 18.24
C GLU C 371 16.38 -1.51 18.51
N ALA C 372 15.84 -1.68 19.71
CA ALA C 372 14.49 -1.19 20.01
C ALA C 372 14.41 0.33 19.90
N ASP C 373 15.37 1.04 20.50
CA ASP C 373 15.34 2.49 20.46
C ASP C 373 16.00 3.00 19.19
N GLY C 374 15.60 2.48 18.04
CA GLY C 374 16.13 2.90 16.77
C GLY C 374 15.54 4.23 16.35
N PRO C 375 15.52 4.48 15.05
CA PRO C 375 14.90 5.72 14.57
C PRO C 375 13.37 5.62 14.66
N THR C 376 12.83 5.82 15.85
CA THR C 376 11.39 5.79 16.05
C THR C 376 10.88 7.23 15.96
N HIS C 377 10.10 7.51 14.92
CA HIS C 377 9.60 8.86 14.70
C HIS C 377 8.47 9.16 15.67
N ASP C 378 8.45 10.39 16.17
CA ASP C 378 7.38 10.82 17.05
C ASP C 378 6.07 10.87 16.28
N ILE C 379 5.01 10.40 16.92
CA ILE C 379 3.66 10.43 16.35
C ILE C 379 2.82 11.31 17.24
N TYR C 380 2.26 12.38 16.65
CA TYR C 380 1.46 13.35 17.38
C TYR C 380 -0.01 13.01 17.21
N ARG C 381 -0.65 12.54 18.27
CA ARG C 381 -2.07 12.24 18.20
C ARG C 381 -2.87 13.53 18.14
N LEU C 382 -3.81 13.60 17.21
CA LEU C 382 -4.68 14.75 17.10
C LEU C 382 -5.94 14.63 17.94
N ASN C 383 -6.19 13.46 18.53
CA ASN C 383 -7.41 13.20 19.29
C ASN C 383 -8.66 13.45 18.45
N VAL C 384 -8.56 13.21 17.15
CA VAL C 384 -9.66 13.39 16.22
C VAL C 384 -9.74 12.16 15.34
N ALA C 385 -10.95 11.60 15.21
CA ALA C 385 -11.17 10.42 14.38
C ALA C 385 -11.87 10.84 13.10
N ASP C 386 -11.43 10.23 12.00
CA ASP C 386 -11.96 10.57 10.69
C ASP C 386 -11.48 9.54 9.67
N ASP C 387 -12.13 9.54 8.52
CA ASP C 387 -11.65 8.81 7.36
C ASP C 387 -11.23 9.82 6.30
N VAL C 388 -10.06 9.60 5.73
CA VAL C 388 -9.42 10.58 4.88
C VAL C 388 -9.68 10.23 3.42
N ALA C 389 -9.55 11.24 2.57
CA ALA C 389 -9.58 10.99 1.13
C ALA C 389 -8.16 10.75 0.66
N PRO C 390 -7.83 9.51 0.29
CA PRO C 390 -6.45 9.22 -0.10
C PRO C 390 -6.08 9.90 -1.40
N LEU C 391 -4.78 10.14 -1.57
CA LEU C 391 -4.18 10.69 -2.78
C LEU C 391 -4.58 12.13 -3.05
N PHE C 392 -5.21 12.80 -2.08
CA PHE C 392 -5.56 14.21 -2.21
C PHE C 392 -4.52 15.07 -1.51
N ASN C 393 -4.22 16.21 -2.10
CA ASN C 393 -3.19 17.08 -1.56
C ASN C 393 -3.62 17.67 -0.22
N THR C 394 -2.63 17.93 0.62
CA THR C 394 -2.82 18.70 1.84
C THR C 394 -2.51 20.15 1.54
N GLY C 395 -3.44 21.04 1.89
CA GLY C 395 -3.26 22.46 1.67
C GLY C 395 -2.90 23.17 2.96
N VAL C 396 -2.19 24.29 2.82
CA VAL C 396 -1.82 25.09 3.98
C VAL C 396 -1.71 26.54 3.55
N VAL C 397 -2.43 27.42 4.25
CA VAL C 397 -2.37 28.84 3.97
C VAL C 397 -2.01 29.58 5.25
N TRP C 398 -1.24 30.64 5.09
CA TRP C 398 -0.78 31.48 6.18
C TRP C 398 -1.17 32.93 5.91
N PHE C 399 -1.75 33.57 6.90
CA PHE C 399 -2.02 35.00 6.91
C PHE C 399 -1.06 35.61 7.92
N GLU C 400 -0.04 36.31 7.44
CA GLU C 400 0.99 36.85 8.30
C GLU C 400 0.84 38.36 8.44
N GLY C 401 1.06 38.86 9.65
CA GLY C 401 0.95 40.28 9.92
C GLY C 401 -0.46 40.80 9.74
N ILE C 402 -1.42 40.08 10.28
CA ILE C 402 -2.83 40.41 10.13
C ILE C 402 -3.27 41.27 11.30
N SER C 403 -4.10 42.28 11.03
CA SER C 403 -4.65 43.07 12.11
C SER C 403 -5.50 42.19 13.01
N PRO C 404 -5.38 42.31 14.34
CA PRO C 404 -6.09 41.39 15.23
C PRO C 404 -7.60 41.45 15.08
N LYS C 405 -8.16 42.61 14.73
CA LYS C 405 -9.61 42.72 14.53
C LYS C 405 -9.98 42.44 13.08
N PHE C 406 -9.52 41.31 12.56
CA PHE C 406 -9.79 40.90 11.20
C PHE C 406 -11.13 40.20 11.12
N SER C 407 -11.46 39.71 9.91
CA SER C 407 -12.67 38.91 9.72
C SER C 407 -12.46 38.07 8.48
N LEU C 408 -12.46 36.75 8.65
CA LEU C 408 -12.27 35.83 7.54
C LEU C 408 -13.56 35.06 7.31
N LYS C 409 -14.10 35.14 6.11
CA LYS C 409 -15.22 34.32 5.68
C LYS C 409 -14.65 33.12 4.97
N LEU C 410 -14.68 31.97 5.64
CA LEU C 410 -14.27 30.70 5.08
C LEU C 410 -15.46 30.06 4.39
N LYS C 411 -15.31 29.76 3.10
CA LYS C 411 -16.36 29.11 2.33
C LYS C 411 -15.80 27.84 1.74
N THR C 412 -16.26 26.71 2.24
CA THR C 412 -15.76 25.41 1.80
C THR C 412 -16.83 24.70 0.98
N ARG C 413 -16.42 24.17 -0.17
CA ARG C 413 -17.30 23.34 -0.98
C ARG C 413 -16.65 21.98 -1.15
N THR C 414 -17.34 20.93 -0.70
CA THR C 414 -16.85 19.56 -0.76
C THR C 414 -17.90 18.74 -1.49
N VAL C 415 -17.56 18.24 -2.67
CA VAL C 415 -18.46 17.39 -3.43
C VAL C 415 -17.86 15.99 -3.49
N LEU C 416 -18.64 15.00 -3.06
CA LEU C 416 -18.15 13.64 -3.01
C LEU C 416 -19.27 12.65 -3.33
N GLN C 417 -18.87 11.49 -3.84
CA GLN C 417 -19.78 10.47 -4.32
C GLN C 417 -19.98 9.39 -3.27
N TYR C 418 -21.17 8.81 -3.24
CA TYR C 418 -21.50 7.75 -2.31
C TYR C 418 -22.09 6.57 -3.08
N ILE C 419 -21.91 5.38 -2.50
CA ILE C 419 -22.72 4.22 -2.84
C ILE C 419 -23.74 4.03 -1.71
N PRO C 420 -25.02 4.30 -1.95
CA PRO C 420 -25.98 4.27 -0.85
C PRO C 420 -26.17 2.86 -0.30
N THR C 421 -26.42 2.80 1.00
CA THR C 421 -26.81 1.56 1.66
C THR C 421 -28.32 1.39 1.53
N SER C 422 -28.76 0.15 1.34
CA SER C 422 -30.17 -0.15 1.21
C SER C 422 -30.94 0.36 2.42
N GLY C 423 -32.04 1.08 2.17
CA GLY C 423 -32.85 1.63 3.23
C GLY C 423 -32.33 2.91 3.84
N SER C 424 -31.22 3.45 3.33
CA SER C 424 -30.66 4.67 3.88
C SER C 424 -31.28 5.89 3.20
N VAL C 425 -30.94 7.07 3.72
CA VAL C 425 -31.45 8.31 3.17
C VAL C 425 -30.92 8.53 1.76
N LEU C 426 -29.63 8.25 1.54
CA LEU C 426 -29.02 8.49 0.24
C LEU C 426 -29.74 7.73 -0.87
N ALA C 427 -30.37 6.60 -0.54
CA ALA C 427 -31.07 5.81 -1.54
C ALA C 427 -32.19 6.58 -2.22
N ASN C 428 -32.68 7.65 -1.59
CA ASN C 428 -33.75 8.46 -2.18
C ASN C 428 -33.22 9.54 -3.12
N PHE C 429 -31.91 9.63 -3.32
CA PHE C 429 -31.35 10.67 -4.16
C PHE C 429 -30.35 10.11 -5.18
N THR C 430 -30.43 8.82 -5.47
CA THR C 430 -29.49 8.21 -6.39
C THR C 430 -29.65 8.76 -7.80
N ARG C 431 -28.61 8.58 -8.60
CA ARG C 431 -28.58 9.11 -9.96
C ARG C 431 -27.69 8.24 -10.81
N HIS C 432 -28.26 7.63 -11.85
CA HIS C 432 -27.57 6.63 -12.67
C HIS C 432 -26.93 7.33 -13.86
N GLU C 433 -25.65 7.69 -13.71
CA GLU C 433 -24.87 8.28 -14.80
C GLU C 433 -23.53 7.59 -14.93
N PRO C 434 -23.51 6.30 -15.27
CA PRO C 434 -22.23 5.61 -15.45
C PRO C 434 -21.53 6.04 -16.73
N THR C 435 -21.11 7.30 -16.80
CA THR C 435 -20.39 7.78 -17.96
C THR C 435 -18.91 7.50 -17.80
N TYR C 436 -18.22 7.31 -18.92
CA TYR C 436 -16.80 7.01 -18.93
C TYR C 436 -16.08 7.96 -19.88
N ASP C 437 -14.91 8.46 -19.45
CA ASP C 437 -14.15 9.39 -20.29
C ASP C 437 -12.68 9.29 -19.88
N GLN C 438 -11.90 8.58 -20.71
CA GLN C 438 -10.46 8.50 -20.46
C GLN C 438 -9.75 9.82 -20.72
N ILE C 439 -10.24 10.58 -21.69
CA ILE C 439 -9.58 11.83 -22.06
C ILE C 439 -9.61 12.81 -20.90
N ALA C 440 -10.74 12.88 -20.18
CA ALA C 440 -10.84 13.81 -19.06
C ALA C 440 -9.86 13.45 -17.95
N LEU C 441 -9.75 12.15 -17.64
CA LEU C 441 -8.81 11.73 -16.60
C LEU C 441 -7.37 12.00 -17.02
N ASP C 442 -7.03 11.71 -18.27
CA ASP C 442 -5.68 11.98 -18.75
C ASP C 442 -5.40 13.48 -18.75
N ALA C 443 -6.40 14.30 -19.06
CA ALA C 443 -6.23 15.74 -19.02
C ALA C 443 -6.00 16.23 -17.60
N ALA C 444 -6.71 15.64 -16.63
CA ALA C 444 -6.46 16.02 -15.23
C ALA C 444 -5.05 15.65 -14.81
N ASP C 445 -4.58 14.46 -15.21
CA ASP C 445 -3.22 14.05 -14.91
C ASP C 445 -2.21 14.98 -15.58
N ARG C 446 -2.52 15.42 -16.80
CA ARG C 446 -1.77 16.47 -17.48
C ARG C 446 -1.69 17.75 -16.66
N LEU C 447 -2.85 18.24 -16.21
CA LEU C 447 -2.94 19.58 -15.64
C LEU C 447 -2.48 19.66 -14.19
N ARG C 448 -2.42 18.53 -13.48
CA ARG C 448 -2.13 18.60 -12.04
C ARG C 448 -0.86 19.38 -11.74
N ASN C 449 0.15 19.26 -12.59
CA ASN C 449 1.47 19.78 -12.28
C ASN C 449 1.68 21.23 -12.72
N LEU C 450 0.69 21.89 -13.32
CA LEU C 450 0.88 23.25 -13.77
C LEU C 450 -0.22 24.21 -13.35
N MET C 451 -1.22 23.77 -12.60
CA MET C 451 -2.17 24.73 -12.07
C MET C 451 -1.60 25.38 -10.82
N PRO C 452 -1.92 26.65 -10.57
CA PRO C 452 -1.48 27.29 -9.34
C PRO C 452 -2.13 26.64 -8.13
N HIS C 453 -1.42 26.69 -7.00
CA HIS C 453 -1.94 26.07 -5.78
C HIS C 453 -3.14 26.85 -5.24
N ALA C 454 -3.20 28.15 -5.51
CA ALA C 454 -4.32 28.96 -5.05
C ALA C 454 -4.42 30.21 -5.91
N TYR C 455 -5.54 30.89 -5.78
CA TYR C 455 -5.86 32.10 -6.51
C TYR C 455 -6.42 33.11 -5.53
N PRO C 456 -6.47 34.39 -5.89
CA PRO C 456 -7.16 35.37 -5.04
C PRO C 456 -8.62 34.97 -4.86
N ALA C 457 -9.16 35.32 -3.69
CA ALA C 457 -10.49 34.86 -3.32
C ALA C 457 -11.55 35.23 -4.35
N ALA C 458 -11.40 36.37 -5.00
CA ALA C 458 -12.37 36.83 -5.98
C ALA C 458 -12.09 36.32 -7.39
N TYR C 459 -11.01 35.57 -7.60
CA TYR C 459 -10.64 35.12 -8.94
C TYR C 459 -11.32 33.79 -9.24
N ASN C 460 -12.60 33.86 -9.54
CA ASN C 460 -13.36 32.73 -10.07
C ASN C 460 -13.54 32.93 -11.57
N ASP C 461 -14.34 32.05 -12.18
CA ASP C 461 -14.72 32.11 -13.59
C ASP C 461 -13.53 32.50 -14.48
N TRP C 462 -12.50 31.67 -14.44
CA TRP C 462 -11.32 31.91 -15.25
C TRP C 462 -11.69 31.75 -16.72
N GLY C 463 -11.36 32.76 -17.53
CA GLY C 463 -11.66 32.69 -18.95
C GLY C 463 -10.87 31.60 -19.66
N TRP C 464 -9.59 31.45 -19.29
CA TRP C 464 -8.71 30.50 -19.96
C TRP C 464 -9.14 29.05 -19.72
N LEU C 465 -9.84 28.77 -18.64
CA LEU C 465 -10.21 27.40 -18.33
C LEU C 465 -11.24 26.87 -19.31
N GLY C 466 -11.14 25.58 -19.61
CA GLY C 466 -12.17 24.90 -20.38
C GLY C 466 -11.97 24.94 -21.88
N ASP C 467 -12.66 25.87 -22.54
CA ASP C 467 -12.62 25.92 -24.00
C ASP C 467 -11.23 26.24 -24.54
N LEU C 468 -10.32 26.75 -23.70
CA LEU C 468 -8.94 26.92 -24.13
C LEU C 468 -7.97 26.03 -23.36
N LEU C 469 -7.92 26.11 -22.04
CA LEU C 469 -6.90 25.36 -21.31
C LEU C 469 -7.14 23.86 -21.38
N ASP C 470 -8.38 23.42 -21.10
CA ASP C 470 -8.69 22.00 -21.22
C ASP C 470 -8.54 21.54 -22.65
N SER C 471 -9.01 22.35 -23.61
CA SER C 471 -8.86 21.99 -25.01
C SER C 471 -7.40 21.93 -25.42
N ALA C 472 -6.60 22.91 -24.97
CA ALA C 472 -5.18 22.92 -25.31
C ALA C 472 -4.47 21.71 -24.72
N ILE C 473 -4.84 21.29 -23.52
CA ILE C 473 -4.18 20.16 -22.88
C ILE C 473 -4.73 18.81 -23.31
N SER C 474 -5.89 18.78 -23.95
CA SER C 474 -6.54 17.51 -24.28
C SER C 474 -5.93 16.80 -25.48
N MET C 475 -5.02 17.43 -26.22
CA MET C 475 -4.49 16.77 -27.41
C MET C 475 -3.04 16.32 -27.26
N LEU C 476 -2.35 16.76 -26.20
CA LEU C 476 -1.11 16.10 -25.80
C LEU C 476 -1.26 14.62 -25.45
N PRO C 477 -2.27 14.17 -24.69
CA PRO C 477 -2.29 12.77 -24.24
C PRO C 477 -2.23 11.80 -25.40
N GLY C 478 -1.14 11.03 -25.44
CA GLY C 478 -0.90 10.13 -26.55
C GLY C 478 -0.88 10.91 -27.85
N VAL C 479 -1.50 10.35 -28.88
CA VAL C 479 -1.72 11.10 -30.12
C VAL C 479 -3.19 10.95 -30.51
N GLY C 480 -4.03 10.62 -29.52
CA GLY C 480 -5.46 10.51 -29.75
C GLY C 480 -6.07 11.87 -29.96
N THR C 481 -5.75 12.49 -31.10
CA THR C 481 -6.08 13.88 -31.37
C THR C 481 -6.78 13.96 -32.73
N VAL C 482 -7.85 14.75 -32.79
CA VAL C 482 -8.59 14.98 -34.02
C VAL C 482 -8.32 16.38 -34.58
N TYR C 483 -8.61 17.43 -33.80
CA TYR C 483 -8.31 18.78 -34.21
C TYR C 483 -6.80 18.99 -34.30
N ASN C 484 -6.33 19.57 -35.41
CA ASN C 484 -4.90 19.68 -35.65
C ASN C 484 -4.22 20.48 -34.54
N ILE C 485 -4.59 21.74 -34.37
CA ILE C 485 -4.03 22.58 -33.33
C ILE C 485 -5.17 23.37 -32.68
N ALA C 486 -5.21 23.39 -31.35
CA ALA C 486 -6.23 24.12 -30.62
C ALA C 486 -5.75 25.53 -30.26
N LYS C 487 -4.67 25.62 -29.47
CA LYS C 487 -4.08 26.89 -29.06
C LYS C 487 -2.72 26.65 -28.44
N PRO C 488 -1.71 27.43 -28.80
CA PRO C 488 -0.40 27.28 -28.15
C PRO C 488 -0.48 27.60 -26.67
N LEU C 489 0.31 26.86 -25.89
CA LEU C 489 0.32 26.99 -24.44
C LEU C 489 1.67 27.53 -23.98
N ILE C 490 1.64 28.62 -23.20
CA ILE C 490 2.85 29.26 -22.71
C ILE C 490 2.84 29.21 -21.19
N LYS C 491 3.99 29.52 -20.60
CA LYS C 491 4.16 29.45 -19.16
C LYS C 491 3.56 30.70 -18.51
N PRO C 492 2.57 30.56 -17.64
CA PRO C 492 1.99 31.74 -16.99
C PRO C 492 2.89 32.29 -15.89
N ALA C 493 2.60 33.52 -15.51
CA ALA C 493 3.33 34.21 -14.43
C ALA C 493 2.30 34.76 -13.45
N TRP C 494 2.12 34.08 -12.33
CA TRP C 494 1.10 34.46 -11.34
C TRP C 494 1.77 35.33 -10.26
N ASN C 495 2.03 36.58 -10.64
CA ASN C 495 2.62 37.55 -9.72
C ASN C 495 1.53 38.47 -9.22
N TRP C 496 0.81 38.01 -8.20
CA TRP C 496 -0.29 38.80 -7.65
C TRP C 496 0.21 39.97 -6.82
N LEU C 497 1.40 39.85 -6.23
CA LEU C 497 1.92 40.93 -5.40
C LEU C 497 2.23 42.17 -6.23
N GLY C 498 2.78 41.99 -7.43
CA GLY C 498 3.18 43.09 -8.28
C GLY C 498 2.20 43.47 -9.37
N ASN C 499 1.02 42.84 -9.42
CA ASN C 499 0.01 43.12 -10.44
C ASN C 499 0.55 42.96 -11.85
N LYS C 500 1.30 41.89 -12.07
CA LYS C 500 1.84 41.53 -13.38
C LYS C 500 1.44 40.10 -13.74
N VAL C 501 0.15 39.79 -13.55
CA VAL C 501 -0.34 38.43 -13.73
C VAL C 501 -0.66 38.20 -15.19
N SER C 502 -0.14 37.10 -15.74
CA SER C 502 -0.48 36.64 -17.07
C SER C 502 -0.91 35.18 -17.01
N ASP C 503 -1.97 34.84 -17.74
CA ASP C 503 -2.53 33.51 -17.69
C ASP C 503 -1.75 32.56 -18.59
N PHE C 504 -2.32 31.38 -18.81
CA PHE C 504 -1.61 30.33 -19.55
C PHE C 504 -1.39 30.68 -21.01
N PHE C 505 -2.07 31.70 -21.53
CA PHE C 505 -1.96 32.07 -22.94
C PHE C 505 -1.42 33.48 -23.12
N GLY C 506 -0.87 34.07 -22.06
CA GLY C 506 -0.25 35.38 -22.14
C GLY C 506 -1.19 36.54 -21.98
N ASN C 507 -2.50 36.31 -21.96
CA ASN C 507 -3.44 37.40 -21.78
C ASN C 507 -3.30 37.96 -20.36
N PRO C 508 -3.29 39.28 -20.20
CA PRO C 508 -3.14 39.85 -18.86
C PRO C 508 -4.42 39.68 -18.05
N VAL C 509 -4.28 39.81 -16.74
CA VAL C 509 -5.39 39.66 -15.79
C VAL C 509 -5.50 40.97 -15.01
N ALA C 510 -6.36 41.86 -15.48
CA ALA C 510 -6.66 43.07 -14.73
C ALA C 510 -7.40 42.73 -13.45
N ARG C 511 -7.16 43.53 -12.42
CA ARG C 511 -7.73 43.23 -11.10
C ARG C 511 -9.23 43.46 -11.11
N ASP C 512 -9.99 42.41 -10.76
CA ASP C 512 -11.44 42.46 -10.74
C ASP C 512 -12.00 42.78 -9.36
N GLY C 513 -11.14 43.00 -8.36
CA GLY C 513 -11.59 43.31 -7.02
C GLY C 513 -10.75 44.35 -6.33
#